data_3BJV
# 
_entry.id   3BJV 
# 
_audit_conform.dict_name       mmcif_pdbx.dic 
_audit_conform.dict_version    5.380 
_audit_conform.dict_location   http://mmcif.pdb.org/dictionaries/ascii/mmcif_pdbx.dic 
# 
loop_
_database_2.database_id 
_database_2.database_code 
_database_2.pdbx_database_accession 
_database_2.pdbx_DOI 
PDB   3BJV         pdb_00003bjv 10.2210/pdb3bjv/pdb 
RCSB  RCSB045609   ?            ?                   
WWPDB D_1000045609 ?            ?                   
# 
_pdbx_database_status.entry_id                        3BJV 
_pdbx_database_status.deposit_site                    RCSB 
_pdbx_database_status.process_site                    PDBJ 
_pdbx_database_status.recvd_initial_deposition_date   2007-12-04 
_pdbx_database_status.status_code                     REL 
_pdbx_database_status.status_code_sf                  REL 
_pdbx_database_status.status_code_mr                  ? 
_pdbx_database_status.SG_entry                        ? 
_pdbx_database_status.pdb_format_compatible           Y 
_pdbx_database_status.status_code_cs                  ? 
_pdbx_database_status.status_code_nmr_data            ? 
_pdbx_database_status.methods_development_category    ? 
# 
loop_
_audit_author.name 
_audit_author.pdbx_ordinal 
'Lei, J.'     1 
'Liang, Y.H.' 2 
'Su, X.D.'    3 
# 
_citation.id                        primary 
_citation.title                     
'Crystal structures of phosphotransferase system enzymes PtxB (IIB(Asc)) and PtxA (IIA(Asc)) from Streptococcus mutans' 
_citation.journal_abbrev            J.Mol.Biol. 
_citation.journal_volume            386 
_citation.page_first                465 
_citation.page_last                 475 
_citation.year                      2009 
_citation.journal_id_ASTM           JMOBAK 
_citation.country                   UK 
_citation.journal_id_ISSN           0022-2836 
_citation.journal_id_CSD            0070 
_citation.book_publisher            ? 
_citation.pdbx_database_id_PubMed   19135450 
_citation.pdbx_database_id_DOI      10.1016/j.jmb.2008.12.046 
# 
loop_
_citation_author.citation_id 
_citation_author.name 
_citation_author.ordinal 
_citation_author.identifier_ORCID 
primary 'Lei, J.'   1 ? 
primary 'Li, L.-F.' 2 ? 
primary 'Su, X.-D.' 3 ? 
# 
_cell.length_a           40.754 
_cell.length_b           40.754 
_cell.length_c           169.556 
_cell.angle_alpha        90.000 
_cell.angle_beta         90.000 
_cell.angle_gamma        90.000 
_cell.entry_id           3BJV 
_cell.pdbx_unique_axis   ? 
_cell.Z_PDB              8 
_cell.length_a_esd       ? 
_cell.length_b_esd       ? 
_cell.length_c_esd       ? 
_cell.angle_alpha_esd    ? 
_cell.angle_beta_esd     ? 
_cell.angle_gamma_esd    ? 
# 
_symmetry.space_group_name_H-M             'P 41 21 2' 
_symmetry.entry_id                         3BJV 
_symmetry.pdbx_full_space_group_name_H-M   ? 
_symmetry.Int_Tables_number                92 
_symmetry.cell_setting                     ? 
_symmetry.space_group_name_Hall            ? 
# 
loop_
_entity.id 
_entity.type 
_entity.src_method 
_entity.pdbx_description 
_entity.formula_weight 
_entity.pdbx_number_of_molecules 
_entity.pdbx_ec 
_entity.pdbx_mutation 
_entity.pdbx_fragment 
_entity.details 
1 polymer man RmpA  17696.219 1  2.7.1.69 ? ? ? 
2 water   nat water 18.015    45 ?        ? ? ? 
# 
_entity_name_com.entity_id   1 
_entity_name_com.name        'Putative PTS system, enzyme IIA component' 
# 
_entity_poly.entity_id                      1 
_entity_poly.type                           'polypeptide(L)' 
_entity_poly.nstd_linkage                   no 
_entity_poly.nstd_monomer                   no 
_entity_poly.pdbx_seq_one_letter_code       
;MNLAQAFKENHSIRLGLTAKDWKEAVKLSVTPLIESGAVKPEYYNAIIESTESYGPYYILMPGMAMPHARPEAGVQRDAF
SLVTLTEPVTFTDGKEVQVLLALAATSSKIHTSVAIPQIIALFELDHSIERLVNCKTPEEVLAMVEESKSSPYLEGLDLD
S
;
_entity_poly.pdbx_seq_one_letter_code_can   
;MNLAQAFKENHSIRLGLTAKDWKEAVKLSVTPLIESGAVKPEYYNAIIESTESYGPYYILMPGMAMPHARPEAGVQRDAF
SLVTLTEPVTFTDGKEVQVLLALAATSSKIHTSVAIPQIIALFELDHSIERLVNCKTPEEVLAMVEESKSSPYLEGLDLD
S
;
_entity_poly.pdbx_strand_id                 A 
_entity_poly.pdbx_target_identifier         ? 
# 
loop_
_entity_poly_seq.entity_id 
_entity_poly_seq.num 
_entity_poly_seq.mon_id 
_entity_poly_seq.hetero 
1 1   MET n 
1 2   ASN n 
1 3   LEU n 
1 4   ALA n 
1 5   GLN n 
1 6   ALA n 
1 7   PHE n 
1 8   LYS n 
1 9   GLU n 
1 10  ASN n 
1 11  HIS n 
1 12  SER n 
1 13  ILE n 
1 14  ARG n 
1 15  LEU n 
1 16  GLY n 
1 17  LEU n 
1 18  THR n 
1 19  ALA n 
1 20  LYS n 
1 21  ASP n 
1 22  TRP n 
1 23  LYS n 
1 24  GLU n 
1 25  ALA n 
1 26  VAL n 
1 27  LYS n 
1 28  LEU n 
1 29  SER n 
1 30  VAL n 
1 31  THR n 
1 32  PRO n 
1 33  LEU n 
1 34  ILE n 
1 35  GLU n 
1 36  SER n 
1 37  GLY n 
1 38  ALA n 
1 39  VAL n 
1 40  LYS n 
1 41  PRO n 
1 42  GLU n 
1 43  TYR n 
1 44  TYR n 
1 45  ASN n 
1 46  ALA n 
1 47  ILE n 
1 48  ILE n 
1 49  GLU n 
1 50  SER n 
1 51  THR n 
1 52  GLU n 
1 53  SER n 
1 54  TYR n 
1 55  GLY n 
1 56  PRO n 
1 57  TYR n 
1 58  TYR n 
1 59  ILE n 
1 60  LEU n 
1 61  MET n 
1 62  PRO n 
1 63  GLY n 
1 64  MET n 
1 65  ALA n 
1 66  MET n 
1 67  PRO n 
1 68  HIS n 
1 69  ALA n 
1 70  ARG n 
1 71  PRO n 
1 72  GLU n 
1 73  ALA n 
1 74  GLY n 
1 75  VAL n 
1 76  GLN n 
1 77  ARG n 
1 78  ASP n 
1 79  ALA n 
1 80  PHE n 
1 81  SER n 
1 82  LEU n 
1 83  VAL n 
1 84  THR n 
1 85  LEU n 
1 86  THR n 
1 87  GLU n 
1 88  PRO n 
1 89  VAL n 
1 90  THR n 
1 91  PHE n 
1 92  THR n 
1 93  ASP n 
1 94  GLY n 
1 95  LYS n 
1 96  GLU n 
1 97  VAL n 
1 98  GLN n 
1 99  VAL n 
1 100 LEU n 
1 101 LEU n 
1 102 ALA n 
1 103 LEU n 
1 104 ALA n 
1 105 ALA n 
1 106 THR n 
1 107 SER n 
1 108 SER n 
1 109 LYS n 
1 110 ILE n 
1 111 HIS n 
1 112 THR n 
1 113 SER n 
1 114 VAL n 
1 115 ALA n 
1 116 ILE n 
1 117 PRO n 
1 118 GLN n 
1 119 ILE n 
1 120 ILE n 
1 121 ALA n 
1 122 LEU n 
1 123 PHE n 
1 124 GLU n 
1 125 LEU n 
1 126 ASP n 
1 127 HIS n 
1 128 SER n 
1 129 ILE n 
1 130 GLU n 
1 131 ARG n 
1 132 LEU n 
1 133 VAL n 
1 134 ASN n 
1 135 CYS n 
1 136 LYS n 
1 137 THR n 
1 138 PRO n 
1 139 GLU n 
1 140 GLU n 
1 141 VAL n 
1 142 LEU n 
1 143 ALA n 
1 144 MET n 
1 145 VAL n 
1 146 GLU n 
1 147 GLU n 
1 148 SER n 
1 149 LYS n 
1 150 SER n 
1 151 SER n 
1 152 PRO n 
1 153 TYR n 
1 154 LEU n 
1 155 GLU n 
1 156 GLY n 
1 157 LEU n 
1 158 ASP n 
1 159 LEU n 
1 160 ASP n 
1 161 SER n 
# 
_entity_src_gen.entity_id                          1 
_entity_src_gen.pdbx_src_id                        1 
_entity_src_gen.pdbx_alt_source_flag               sample 
_entity_src_gen.pdbx_seq_type                      ? 
_entity_src_gen.pdbx_beg_seq_num                   ? 
_entity_src_gen.pdbx_end_seq_num                   ? 
_entity_src_gen.gene_src_common_name               ? 
_entity_src_gen.gene_src_genus                     Streptococcus 
_entity_src_gen.pdbx_gene_src_gene                 ptxA 
_entity_src_gen.gene_src_species                   'Streptococcus mutans' 
_entity_src_gen.gene_src_strain                    UA159 
_entity_src_gen.gene_src_tissue                    ? 
_entity_src_gen.gene_src_tissue_fraction           ? 
_entity_src_gen.gene_src_details                   ? 
_entity_src_gen.pdbx_gene_src_fragment             ? 
_entity_src_gen.pdbx_gene_src_scientific_name      'Streptococcus mutans' 
_entity_src_gen.pdbx_gene_src_ncbi_taxonomy_id     210007 
_entity_src_gen.pdbx_gene_src_variant              ? 
_entity_src_gen.pdbx_gene_src_cell_line            ? 
_entity_src_gen.pdbx_gene_src_atcc                 ? 
_entity_src_gen.pdbx_gene_src_organ                ? 
_entity_src_gen.pdbx_gene_src_organelle            ? 
_entity_src_gen.pdbx_gene_src_cell                 ? 
_entity_src_gen.pdbx_gene_src_cellular_location    ? 
_entity_src_gen.host_org_common_name               ? 
_entity_src_gen.pdbx_host_org_scientific_name      'Escherichia coli BL21(DE3)' 
_entity_src_gen.pdbx_host_org_ncbi_taxonomy_id     469008 
_entity_src_gen.host_org_genus                     Escherichia 
_entity_src_gen.pdbx_host_org_gene                 ? 
_entity_src_gen.pdbx_host_org_organ                ? 
_entity_src_gen.host_org_species                   'Escherichia coli' 
_entity_src_gen.pdbx_host_org_tissue               ? 
_entity_src_gen.pdbx_host_org_tissue_fraction      ? 
_entity_src_gen.pdbx_host_org_strain               'BL21(DE3)' 
_entity_src_gen.pdbx_host_org_variant              ? 
_entity_src_gen.pdbx_host_org_cell_line            ? 
_entity_src_gen.pdbx_host_org_atcc                 ? 
_entity_src_gen.pdbx_host_org_culture_collection   ? 
_entity_src_gen.pdbx_host_org_cell                 ? 
_entity_src_gen.pdbx_host_org_organelle            ? 
_entity_src_gen.pdbx_host_org_cellular_location    ? 
_entity_src_gen.pdbx_host_org_vector_type          plasmid 
_entity_src_gen.pdbx_host_org_vector               ? 
_entity_src_gen.host_org_details                   ? 
_entity_src_gen.expression_system_id               ? 
_entity_src_gen.plasmid_name                       pET28a 
_entity_src_gen.plasmid_details                    ? 
_entity_src_gen.pdbx_description                   ? 
# 
_struct_ref.id                         1 
_struct_ref.db_name                    UNP 
_struct_ref.db_code                    Q93DA9_STRMU 
_struct_ref.pdbx_db_accession          Q93DA9 
_struct_ref.entity_id                  1 
_struct_ref.pdbx_seq_one_letter_code   
;MNLAQAFKENHSIRLGLTAKDWKEAVKLSVTPLIESGAVKPEYYNAIIESTESYGPYYILMPGMAMPHARPEAGVQRDAF
SLVTLTEPVTFTDGKEVQVLLALAATSSKIHTSVAIPQIIALFELDHSIERLVNCKTPEEVLAMVEESKSSPYLEGLDLD
S
;
_struct_ref.pdbx_align_begin           1 
_struct_ref.pdbx_db_isoform            ? 
# 
_struct_ref_seq.align_id                      1 
_struct_ref_seq.ref_id                        1 
_struct_ref_seq.pdbx_PDB_id_code              3BJV 
_struct_ref_seq.pdbx_strand_id                A 
_struct_ref_seq.seq_align_beg                 1 
_struct_ref_seq.pdbx_seq_align_beg_ins_code   ? 
_struct_ref_seq.seq_align_end                 161 
_struct_ref_seq.pdbx_seq_align_end_ins_code   ? 
_struct_ref_seq.pdbx_db_accession             Q93DA9 
_struct_ref_seq.db_align_beg                  1 
_struct_ref_seq.pdbx_db_align_beg_ins_code    ? 
_struct_ref_seq.db_align_end                  161 
_struct_ref_seq.pdbx_db_align_end_ins_code    ? 
_struct_ref_seq.pdbx_auth_seq_align_beg       1 
_struct_ref_seq.pdbx_auth_seq_align_end       161 
# 
loop_
_chem_comp.id 
_chem_comp.type 
_chem_comp.mon_nstd_flag 
_chem_comp.name 
_chem_comp.pdbx_synonyms 
_chem_comp.formula 
_chem_comp.formula_weight 
ALA 'L-peptide linking' y ALANINE         ? 'C3 H7 N O2'     89.093  
ARG 'L-peptide linking' y ARGININE        ? 'C6 H15 N4 O2 1' 175.209 
ASN 'L-peptide linking' y ASPARAGINE      ? 'C4 H8 N2 O3'    132.118 
ASP 'L-peptide linking' y 'ASPARTIC ACID' ? 'C4 H7 N O4'     133.103 
CYS 'L-peptide linking' y CYSTEINE        ? 'C3 H7 N O2 S'   121.158 
GLN 'L-peptide linking' y GLUTAMINE       ? 'C5 H10 N2 O3'   146.144 
GLU 'L-peptide linking' y 'GLUTAMIC ACID' ? 'C5 H9 N O4'     147.129 
GLY 'peptide linking'   y GLYCINE         ? 'C2 H5 N O2'     75.067  
HIS 'L-peptide linking' y HISTIDINE       ? 'C6 H10 N3 O2 1' 156.162 
HOH non-polymer         . WATER           ? 'H2 O'           18.015  
ILE 'L-peptide linking' y ISOLEUCINE      ? 'C6 H13 N O2'    131.173 
LEU 'L-peptide linking' y LEUCINE         ? 'C6 H13 N O2'    131.173 
LYS 'L-peptide linking' y LYSINE          ? 'C6 H15 N2 O2 1' 147.195 
MET 'L-peptide linking' y METHIONINE      ? 'C5 H11 N O2 S'  149.211 
PHE 'L-peptide linking' y PHENYLALANINE   ? 'C9 H11 N O2'    165.189 
PRO 'L-peptide linking' y PROLINE         ? 'C5 H9 N O2'     115.130 
SER 'L-peptide linking' y SERINE          ? 'C3 H7 N O3'     105.093 
THR 'L-peptide linking' y THREONINE       ? 'C4 H9 N O3'     119.119 
TRP 'L-peptide linking' y TRYPTOPHAN      ? 'C11 H12 N2 O2'  204.225 
TYR 'L-peptide linking' y TYROSINE        ? 'C9 H11 N O3'    181.189 
VAL 'L-peptide linking' y VALINE          ? 'C5 H11 N O2'    117.146 
# 
_exptl.crystals_number   1 
_exptl.entry_id          3BJV 
_exptl.method            'X-RAY DIFFRACTION' 
# 
_exptl_crystal.id                    1 
_exptl_crystal.density_Matthews      2.05 
_exptl_crystal.density_meas          ? 
_exptl_crystal.density_percent_sol   40.07 
_exptl_crystal.description           ? 
_exptl_crystal.F_000                 ? 
_exptl_crystal.preparation           ? 
# 
_exptl_crystal_grow.crystal_id      1 
_exptl_crystal_grow.method          'VAPOR DIFFUSION' 
_exptl_crystal_grow.pH              7.9 
_exptl_crystal_grow.temp            289 
_exptl_crystal_grow.pdbx_details    '0.1M Tris-Hcl, 1.9-2.1M (NH4)2SO4, pH 7.9, Vapor diffusion, temperature 289K' 
_exptl_crystal_grow.temp_details    ? 
_exptl_crystal_grow.pdbx_pH_range   . 
# 
_diffrn.id                     1 
_diffrn.ambient_temp           293 
_diffrn.ambient_temp_details   ? 
_diffrn.crystal_id             1 
# 
_diffrn_detector.diffrn_id              1 
_diffrn_detector.detector               CCD 
_diffrn_detector.type                   'BRUKER SMART 6000' 
_diffrn_detector.pdbx_collection_date   2007-12-02 
_diffrn_detector.details                ? 
# 
_diffrn_radiation.diffrn_id                        1 
_diffrn_radiation.pdbx_diffrn_protocol             'SINGLE WAVELENGTH' 
_diffrn_radiation.monochromator                    'multilayer mirror' 
_diffrn_radiation.wavelength_id                    1 
_diffrn_radiation.pdbx_monochromatic_or_laue_m_l   M 
_diffrn_radiation.pdbx_scattering_type             x-ray 
# 
_diffrn_radiation_wavelength.id           1 
_diffrn_radiation_wavelength.wavelength   1.5418 
_diffrn_radiation_wavelength.wt           1.0 
# 
_diffrn_source.diffrn_id                   1 
_diffrn_source.source                      'ROTATING ANODE' 
_diffrn_source.type                        'BRUKER AXS MICROSTAR-H' 
_diffrn_source.pdbx_wavelength_list        1.5418 
_diffrn_source.pdbx_wavelength             ? 
_diffrn_source.pdbx_synchrotron_site       ? 
_diffrn_source.pdbx_synchrotron_beamline   ? 
# 
_reflns.entry_id                     3BJV 
_reflns.observed_criterion_sigma_F   ? 
_reflns.observed_criterion_sigma_I   ? 
_reflns.d_resolution_high            2.4 
_reflns.d_resolution_low             40.65 
_reflns.number_all                   6206 
_reflns.number_obs                   6026 
_reflns.percent_possible_obs         97.1 
_reflns.pdbx_Rmerge_I_obs            0.0717 
_reflns.pdbx_Rsym_value              0.0717 
_reflns.pdbx_netI_over_sigmaI        10.08 
_reflns.B_iso_Wilson_estimate        32 
_reflns.pdbx_redundancy              9.3 
_reflns.R_free_details               ? 
_reflns.limit_h_max                  ? 
_reflns.limit_h_min                  ? 
_reflns.limit_k_max                  ? 
_reflns.limit_k_min                  ? 
_reflns.limit_l_max                  ? 
_reflns.limit_l_min                  ? 
_reflns.observed_criterion_F_max     ? 
_reflns.observed_criterion_F_min     ? 
_reflns.pdbx_chi_squared             ? 
_reflns.pdbx_scaling_rejects         ? 
_reflns.pdbx_ordinal                 1 
_reflns.pdbx_diffrn_id               1 
# 
_reflns_shell.d_res_high             2.4 
_reflns_shell.d_res_low              2.54 
_reflns_shell.percent_possible_obs   ? 
_reflns_shell.percent_possible_all   85.1 
_reflns_shell.Rmerge_I_obs           0.1297 
_reflns_shell.meanI_over_sigI_obs    0.1297 
_reflns_shell.pdbx_Rsym_value        0.1297 
_reflns_shell.pdbx_redundancy        9 
_reflns_shell.number_unique_all      897 
_reflns_shell.number_measured_all    ? 
_reflns_shell.number_measured_obs    ? 
_reflns_shell.number_unique_obs      ? 
_reflns_shell.pdbx_chi_squared       ? 
_reflns_shell.pdbx_ordinal           1 
_reflns_shell.pdbx_diffrn_id         1 
# 
_refine.entry_id                                 3BJV 
_refine.ls_d_res_high                            2.400 
_refine.ls_d_res_low                             27.28 
_refine.pdbx_ls_sigma_F                          0.00 
_refine.ls_percent_reflns_obs                    96.950 
_refine.ls_number_reflns_obs                     5982 
_refine.pdbx_ls_cross_valid_method               THROUGHOUT 
_refine.pdbx_R_Free_selection_details            RANDOM 
_refine.details                                  'HYDROGENS HAVE BEEN ADDED IN THE RIDING POSITIONS' 
_refine.ls_R_factor_obs                          0.166 
_refine.ls_R_factor_R_work                       0.154 
_refine.ls_R_factor_R_free                       0.241 
_refine.ls_percent_reflns_R_free                 14.000 
_refine.ls_number_reflns_R_free                  835 
_refine.B_iso_mean                               15.719 
_refine.aniso_B[1][1]                            0.240 
_refine.aniso_B[2][2]                            0.240 
_refine.aniso_B[3][3]                            -0.480 
_refine.aniso_B[1][2]                            0.000 
_refine.aniso_B[1][3]                            0.000 
_refine.aniso_B[2][3]                            0.000 
_refine.correlation_coeff_Fo_to_Fc               0.954 
_refine.correlation_coeff_Fo_to_Fc_free          0.883 
_refine.pdbx_overall_ESU_R                       1.114 
_refine.pdbx_overall_ESU_R_Free                  0.302 
_refine.overall_SU_ML                            0.173 
_refine.overall_SU_B                             7.265 
_refine.solvent_model_details                    MASK 
_refine.pdbx_solvent_vdw_probe_radii             1.400 
_refine.pdbx_solvent_ion_probe_radii             0.800 
_refine.pdbx_solvent_shrinkage_radii             0.800 
_refine.pdbx_method_to_determine_struct          'MOLECULAR REPLACEMENT' 
_refine.pdbx_stereochemistry_target_values       'MAXIMUM LIKELIHOOD' 
_refine.pdbx_ls_sigma_I                          ? 
_refine.ls_number_reflns_all                     6170 
_refine.ls_R_factor_all                          0.191 
_refine.ls_redundancy_reflns_obs                 ? 
_refine.pdbx_data_cutoff_high_absF               ? 
_refine.pdbx_data_cutoff_low_absF                ? 
_refine.ls_number_parameters                     ? 
_refine.ls_number_restraints                     ? 
_refine.ls_R_factor_R_free_error                 ? 
_refine.ls_R_factor_R_free_error_details         ? 
_refine.pdbx_starting_model                      'PDB ENTRY 2OQT' 
_refine.pdbx_stereochem_target_val_spec_case     ? 
_refine.solvent_model_param_bsol                 ? 
_refine.solvent_model_param_ksol                 ? 
_refine.occupancy_max                            ? 
_refine.occupancy_min                            ? 
_refine.pdbx_isotropic_thermal_model             ? 
_refine.B_iso_min                                ? 
_refine.B_iso_max                                ? 
_refine.overall_SU_R_Cruickshank_DPI             ? 
_refine.overall_SU_R_free                        ? 
_refine.pdbx_data_cutoff_high_rms_absF           ? 
_refine.ls_wR_factor_R_free                      ? 
_refine.ls_wR_factor_R_work                      ? 
_refine.overall_FOM_free_R_set                   ? 
_refine.overall_FOM_work_R_set                   ? 
_refine.pdbx_overall_phase_error                 ? 
_refine.pdbx_refine_id                           'X-RAY DIFFRACTION' 
_refine.pdbx_diffrn_id                           1 
_refine.pdbx_TLS_residual_ADP_flag               ? 
_refine.pdbx_overall_SU_R_free_Cruickshank_DPI   ? 
_refine.pdbx_overall_SU_R_Blow_DPI               ? 
_refine.pdbx_overall_SU_R_free_Blow_DPI          ? 
# 
_refine_analyze.entry_id                        3BJV 
_refine_analyze.Luzzati_coordinate_error_obs    0.232 
_refine_analyze.Luzzati_sigma_a_obs             ? 
_refine_analyze.Luzzati_d_res_low_obs           ? 
_refine_analyze.Luzzati_coordinate_error_free   ? 
_refine_analyze.Luzzati_sigma_a_free            ? 
_refine_analyze.Luzzati_d_res_low_free          ? 
_refine_analyze.number_disordered_residues      ? 
_refine_analyze.occupancy_sum_non_hydrogen      ? 
_refine_analyze.occupancy_sum_hydrogen          ? 
_refine_analyze.pdbx_Luzzati_d_res_high_obs     ? 
_refine_analyze.pdbx_refine_id                  'X-RAY DIFFRACTION' 
# 
_refine_hist.pdbx_refine_id                   'X-RAY DIFFRACTION' 
_refine_hist.cycle_id                         LAST 
_refine_hist.pdbx_number_atoms_protein        1203 
_refine_hist.pdbx_number_atoms_nucleic_acid   0 
_refine_hist.pdbx_number_atoms_ligand         0 
_refine_hist.number_atoms_solvent             45 
_refine_hist.number_atoms_total               1248 
_refine_hist.d_res_high                       2.400 
_refine_hist.d_res_low                        27.28 
# 
loop_
_refine_ls_restr.type 
_refine_ls_restr.number 
_refine_ls_restr.dev_ideal 
_refine_ls_restr.dev_ideal_target 
_refine_ls_restr.weight 
_refine_ls_restr.pdbx_refine_id 
_refine_ls_restr.pdbx_restraint_function 
r_bond_refined_d         1228 0.020  0.022  ? 'X-RAY DIFFRACTION' ? 
r_angle_refined_deg      1670 1.826  1.985  ? 'X-RAY DIFFRACTION' ? 
r_dihedral_angle_1_deg   155  6.390  5.000  ? 'X-RAY DIFFRACTION' ? 
r_dihedral_angle_2_deg   47   42.462 25.106 ? 'X-RAY DIFFRACTION' ? 
r_dihedral_angle_3_deg   214  18.385 15.000 ? 'X-RAY DIFFRACTION' ? 
r_dihedral_angle_4_deg   4    14.650 15.000 ? 'X-RAY DIFFRACTION' ? 
r_chiral_restr           197  0.133  0.200  ? 'X-RAY DIFFRACTION' ? 
r_gen_planes_refined     902  0.007  0.020  ? 'X-RAY DIFFRACTION' ? 
r_nbd_refined            503  0.220  0.200  ? 'X-RAY DIFFRACTION' ? 
r_nbtor_refined          849  0.310  0.200  ? 'X-RAY DIFFRACTION' ? 
r_xyhbond_nbd_refined    50   0.181  0.200  ? 'X-RAY DIFFRACTION' ? 
r_symmetry_vdw_refined   29   0.256  0.200  ? 'X-RAY DIFFRACTION' ? 
r_symmetry_hbond_refined 5    0.106  0.200  ? 'X-RAY DIFFRACTION' ? 
r_mcbond_it              798  1.135  1.500  ? 'X-RAY DIFFRACTION' ? 
r_mcangle_it             1270 1.773  2.000  ? 'X-RAY DIFFRACTION' ? 
r_scbond_it              478  3.080  3.000  ? 'X-RAY DIFFRACTION' ? 
r_scangle_it             400  5.313  4.500  ? 'X-RAY DIFFRACTION' ? 
# 
_refine_ls_shell.d_res_high                       2.397 
_refine_ls_shell.d_res_low                        2.459 
_refine_ls_shell.pdbx_total_number_of_bins_used   20 
_refine_ls_shell.percent_reflns_obs               75.060 
_refine_ls_shell.number_reflns_R_work             272 
_refine_ls_shell.R_factor_all                     ? 
_refine_ls_shell.R_factor_R_work                  0.157 
_refine_ls_shell.R_factor_R_free                  0.366 
_refine_ls_shell.percent_reflns_R_free            ? 
_refine_ls_shell.number_reflns_R_free             44 
_refine_ls_shell.R_factor_R_free_error            ? 
_refine_ls_shell.number_reflns_all                316 
_refine_ls_shell.number_reflns_obs                316 
_refine_ls_shell.redundancy_reflns_obs            ? 
_refine_ls_shell.pdbx_refine_id                   'X-RAY DIFFRACTION' 
# 
_struct.entry_id                  3BJV 
_struct.title                     'The Crystal Structure of a putative PTS IIA(PtxA) from Streptococcus mutans' 
_struct.pdbx_model_details        ? 
_struct.pdbx_CASP_flag            ? 
_struct.pdbx_model_type_details   ? 
# 
_struct_keywords.entry_id        3BJV 
_struct_keywords.text            'alpha/beta three layer sandwich, TRANSFERASE' 
_struct_keywords.pdbx_keywords   TRANSFERASE 
# 
loop_
_struct_asym.id 
_struct_asym.pdbx_blank_PDB_chainid_flag 
_struct_asym.pdbx_modified 
_struct_asym.entity_id 
_struct_asym.details 
A N N 1 ? 
B N N 2 ? 
# 
_struct_biol.id        1 
_struct_biol.details   ? 
# 
loop_
_struct_conf.conf_type_id 
_struct_conf.id 
_struct_conf.pdbx_PDB_helix_id 
_struct_conf.beg_label_comp_id 
_struct_conf.beg_label_asym_id 
_struct_conf.beg_label_seq_id 
_struct_conf.pdbx_beg_PDB_ins_code 
_struct_conf.end_label_comp_id 
_struct_conf.end_label_asym_id 
_struct_conf.end_label_seq_id 
_struct_conf.pdbx_end_PDB_ins_code 
_struct_conf.beg_auth_comp_id 
_struct_conf.beg_auth_asym_id 
_struct_conf.beg_auth_seq_id 
_struct_conf.end_auth_comp_id 
_struct_conf.end_auth_asym_id 
_struct_conf.end_auth_seq_id 
_struct_conf.pdbx_PDB_helix_class 
_struct_conf.details 
_struct_conf.pdbx_PDB_helix_length 
HELX_P HELX_P1 1 ASN A 2   ? HIS A 11  ? ASN A 2   HIS A 11  1 ? 10 
HELX_P HELX_P2 2 ASP A 21  ? SER A 36  ? ASP A 21  SER A 36  1 ? 16 
HELX_P HELX_P3 3 PRO A 41  ? GLY A 55  ? PRO A 41  GLY A 55  1 ? 15 
HELX_P HELX_P4 4 ARG A 70  ? GLY A 74  ? ARG A 70  GLY A 74  5 ? 5  
HELX_P HELX_P5 5 SER A 107 ? VAL A 114 ? SER A 107 VAL A 114 1 ? 8  
HELX_P HELX_P6 6 VAL A 114 ? GLU A 124 ? VAL A 114 GLU A 124 1 ? 11 
HELX_P HELX_P7 7 HIS A 127 ? ASN A 134 ? HIS A 127 ASN A 134 1 ? 8  
HELX_P HELX_P8 8 THR A 137 ? SER A 148 ? THR A 137 SER A 148 1 ? 12 
HELX_P HELX_P9 9 LYS A 149 ? GLU A 155 ? LYS A 149 GLU A 155 5 ? 7  
# 
_struct_conf_type.id          HELX_P 
_struct_conf_type.criteria    ? 
_struct_conf_type.reference   ? 
# 
loop_
_struct_sheet.id 
_struct_sheet.type 
_struct_sheet.number_strands 
_struct_sheet.details 
A ? 4 ? 
B ? 2 ? 
# 
loop_
_struct_sheet_order.sheet_id 
_struct_sheet_order.range_id_1 
_struct_sheet_order.range_id_2 
_struct_sheet_order.offset 
_struct_sheet_order.sense 
A 1 2 ? parallel      
A 2 3 ? anti-parallel 
A 3 4 ? parallel      
B 1 2 ? anti-parallel 
# 
loop_
_struct_sheet_range.sheet_id 
_struct_sheet_range.id 
_struct_sheet_range.beg_label_comp_id 
_struct_sheet_range.beg_label_asym_id 
_struct_sheet_range.beg_label_seq_id 
_struct_sheet_range.pdbx_beg_PDB_ins_code 
_struct_sheet_range.end_label_comp_id 
_struct_sheet_range.end_label_asym_id 
_struct_sheet_range.end_label_seq_id 
_struct_sheet_range.pdbx_end_PDB_ins_code 
_struct_sheet_range.beg_auth_comp_id 
_struct_sheet_range.beg_auth_asym_id 
_struct_sheet_range.beg_auth_seq_id 
_struct_sheet_range.end_auth_comp_id 
_struct_sheet_range.end_auth_asym_id 
_struct_sheet_range.end_auth_seq_id 
A 1 ILE A 13  ? LEU A 17  ? ILE A 13  LEU A 17  
A 2 LEU A 82  ? THR A 90  ? LEU A 82  THR A 90  
A 3 GLU A 96  ? LEU A 100 ? GLU A 96  LEU A 100 
A 4 GLY A 63  ? ALA A 65  ? GLY A 63  ALA A 65  
B 1 ALA A 79  ? PHE A 80  ? ALA A 79  PHE A 80  
B 2 LEU A 103 ? ALA A 104 ? LEU A 103 ALA A 104 
# 
loop_
_pdbx_struct_sheet_hbond.sheet_id 
_pdbx_struct_sheet_hbond.range_id_1 
_pdbx_struct_sheet_hbond.range_id_2 
_pdbx_struct_sheet_hbond.range_1_label_atom_id 
_pdbx_struct_sheet_hbond.range_1_label_comp_id 
_pdbx_struct_sheet_hbond.range_1_label_asym_id 
_pdbx_struct_sheet_hbond.range_1_label_seq_id 
_pdbx_struct_sheet_hbond.range_1_PDB_ins_code 
_pdbx_struct_sheet_hbond.range_1_auth_atom_id 
_pdbx_struct_sheet_hbond.range_1_auth_comp_id 
_pdbx_struct_sheet_hbond.range_1_auth_asym_id 
_pdbx_struct_sheet_hbond.range_1_auth_seq_id 
_pdbx_struct_sheet_hbond.range_2_label_atom_id 
_pdbx_struct_sheet_hbond.range_2_label_comp_id 
_pdbx_struct_sheet_hbond.range_2_label_asym_id 
_pdbx_struct_sheet_hbond.range_2_label_seq_id 
_pdbx_struct_sheet_hbond.range_2_PDB_ins_code 
_pdbx_struct_sheet_hbond.range_2_auth_atom_id 
_pdbx_struct_sheet_hbond.range_2_auth_comp_id 
_pdbx_struct_sheet_hbond.range_2_auth_asym_id 
_pdbx_struct_sheet_hbond.range_2_auth_seq_id 
A 1 2 N ARG A 14 ? N ARG A 14 O LEU A 82  ? O LEU A 82  
A 2 3 N VAL A 83 ? N VAL A 83 O LEU A 100 ? O LEU A 100 
A 3 4 O GLN A 98 ? O GLN A 98 N GLY A 63  ? N GLY A 63  
B 1 2 N ALA A 79 ? N ALA A 79 O ALA A 104 ? O ALA A 104 
# 
_atom_sites.entry_id                    3BJV 
_atom_sites.fract_transf_matrix[1][1]   -0.00298555 
_atom_sites.fract_transf_matrix[1][2]   0.01825929 
_atom_sites.fract_transf_matrix[1][3]   -0.01611674 
_atom_sites.fract_transf_matrix[2][1]   0.00698239 
_atom_sites.fract_transf_matrix[2][2]   -0.01491404 
_atom_sites.fract_transf_matrix[2][3]   -0.01819016 
_atom_sites.fract_transf_matrix[3][1]   -0.00560843 
_atom_sites.fract_transf_matrix[3][2]   -0.00163442 
_atom_sites.fract_transf_matrix[3][3]   -0.00081277 
_atom_sites.fract_transf_vector[1]      0.362968 
_atom_sites.fract_transf_vector[2]      -0.413861 
_atom_sites.fract_transf_vector[3]      -0.068029 
# 
loop_
_atom_type.symbol 
C 
N 
O 
S 
# 
loop_
_atom_site.group_PDB 
_atom_site.id 
_atom_site.type_symbol 
_atom_site.label_atom_id 
_atom_site.label_alt_id 
_atom_site.label_comp_id 
_atom_site.label_asym_id 
_atom_site.label_entity_id 
_atom_site.label_seq_id 
_atom_site.pdbx_PDB_ins_code 
_atom_site.Cartn_x 
_atom_site.Cartn_y 
_atom_site.Cartn_z 
_atom_site.occupancy 
_atom_site.B_iso_or_equiv 
_atom_site.pdbx_formal_charge 
_atom_site.auth_seq_id 
_atom_site.auth_comp_id 
_atom_site.auth_asym_id 
_atom_site.auth_atom_id 
_atom_site.pdbx_PDB_model_num 
ATOM   1    N N   . MET A 1 1   ? -7.791  -10.872 -5.488  1.00 30.61 ? 1   MET A N   1 
ATOM   2    C CA  . MET A 1 1   ? -6.604  -11.176 -4.621  1.00 30.55 ? 1   MET A CA  1 
ATOM   3    C C   . MET A 1 1   ? -6.788  -10.802 -3.147  1.00 28.60 ? 1   MET A C   1 
ATOM   4    O O   . MET A 1 1   ? -7.272  -9.724  -2.800  1.00 27.60 ? 1   MET A O   1 
ATOM   5    C CB  . MET A 1 1   ? -5.296  -10.555 -5.185  1.00 32.05 ? 1   MET A CB  1 
ATOM   6    C CG  . MET A 1 1   ? -4.337  -11.566 -5.797  1.00 36.58 ? 1   MET A CG  1 
ATOM   7    S SD  . MET A 1 1   ? -3.871  -12.812 -4.579  1.00 46.53 ? 1   MET A SD  1 
ATOM   8    C CE  . MET A 1 1   ? -5.254  -14.011 -4.626  1.00 46.22 ? 1   MET A CE  1 
ATOM   9    N N   . ASN A 1 2   ? -6.379  -11.736 -2.300  1.00 26.86 ? 2   ASN A N   1 
ATOM   10   C CA  . ASN A 1 2   ? -6.346  -11.578 -0.872  1.00 24.99 ? 2   ASN A CA  1 
ATOM   11   C C   . ASN A 1 2   ? -4.998  -10.914 -0.472  1.00 23.00 ? 2   ASN A C   1 
ATOM   12   O O   . ASN A 1 2   ? -3.951  -11.218 -1.063  1.00 23.17 ? 2   ASN A O   1 
ATOM   13   C CB  . ASN A 1 2   ? -6.608  -12.977 -0.292  1.00 26.18 ? 2   ASN A CB  1 
ATOM   14   C CG  . ASN A 1 2   ? -5.942  -13.231 1.046   1.00 29.34 ? 2   ASN A CG  1 
ATOM   15   O OD1 . ASN A 1 2   ? -6.188  -12.543 2.068   1.00 33.50 ? 2   ASN A OD1 1 
ATOM   16   N ND2 . ASN A 1 2   ? -5.121  -14.269 1.069   1.00 32.63 ? 2   ASN A ND2 1 
ATOM   17   N N   . LEU A 1 3   ? -5.029  -9.959  0.468   1.00 20.23 ? 3   LEU A N   1 
ATOM   18   C CA  . LEU A 1 3   ? -3.815  -9.348  1.027   1.00 18.09 ? 3   LEU A CA  1 
ATOM   19   C C   . LEU A 1 3   ? -2.662  -10.288 1.427   1.00 16.87 ? 3   LEU A C   1 
ATOM   20   O O   . LEU A 1 3   ? -1.555  -10.110 0.958   1.00 16.37 ? 3   LEU A O   1 
ATOM   21   C CB  . LEU A 1 3   ? -4.155  -8.499  2.245   1.00 17.88 ? 3   LEU A CB  1 
ATOM   22   C CG  . LEU A 1 3   ? -4.327  -7.000  2.121   1.00 18.87 ? 3   LEU A CG  1 
ATOM   23   C CD1 . LEU A 1 3   ? -4.656  -6.369  3.483   1.00 17.81 ? 3   LEU A CD1 1 
ATOM   24   C CD2 . LEU A 1 3   ? -3.114  -6.337  1.485   1.00 18.82 ? 3   LEU A CD2 1 
ATOM   25   N N   . ALA A 1 4   ? -2.898  -11.257 2.321   1.00 15.64 ? 4   ALA A N   1 
ATOM   26   C CA  . ALA A 1 4   ? -1.835  -12.188 2.746   1.00 14.89 ? 4   ALA A CA  1 
ATOM   27   C C   . ALA A 1 4   ? -1.084  -12.915 1.610   1.00 14.65 ? 4   ALA A C   1 
ATOM   28   O O   . ALA A 1 4   ? 0.173   -12.970 1.530   1.00 14.05 ? 4   ALA A O   1 
ATOM   29   C CB  . ALA A 1 4   ? -2.398  -13.182 3.711   1.00 15.22 ? 4   ALA A CB  1 
ATOM   30   N N   . GLN A 1 5   ? -1.873  -13.473 0.724   1.00 14.48 ? 5   GLN A N   1 
ATOM   31   C CA  . GLN A 1 5   ? -1.358  -14.210 -0.380  1.00 16.11 ? 5   GLN A CA  1 
ATOM   32   C C   . GLN A 1 5   ? -0.644  -13.310 -1.374  1.00 15.87 ? 5   GLN A C   1 
ATOM   33   O O   . GLN A 1 5   ? 0.397   -13.700 -1.881  1.00 16.86 ? 5   GLN A O   1 
ATOM   34   C CB  . GLN A 1 5   ? -2.486  -15.031 -0.979  1.00 17.23 ? 5   GLN A CB  1 
ATOM   35   C CG  . GLN A 1 5   ? -2.481  -15.146 -2.460  1.00 25.04 ? 5   GLN A CG  1 
ATOM   36   C CD  . GLN A 1 5   ? -2.094  -16.525 -2.933  1.00 34.84 ? 5   GLN A CD  1 
ATOM   37   O OE1 . GLN A 1 5   ? -2.947  -17.297 -3.440  1.00 37.37 ? 5   GLN A OE1 1 
ATOM   38   N NE2 . GLN A 1 5   ? -0.793  -16.858 -2.786  1.00 37.93 ? 5   GLN A NE2 1 
ATOM   39   N N   . ALA A 1 6   ? -1.170  -12.103 -1.643  1.00 15.12 ? 6   ALA A N   1 
ATOM   40   C CA  . ALA A 1 6   ? -0.439  -11.101 -2.434  1.00 13.53 ? 6   ALA A CA  1 
ATOM   41   C C   . ALA A 1 6   ? 0.927   -10.766 -1.810  1.00 13.32 ? 6   ALA A C   1 
ATOM   42   O O   . ALA A 1 6   ? 1.974   -10.771 -2.487  1.00 13.47 ? 6   ALA A O   1 
ATOM   43   C CB  . ALA A 1 6   ? -1.278  -9.828  -2.594  1.00 12.53 ? 6   ALA A CB  1 
ATOM   44   N N   . PHE A 1 7   ? 0.914   -10.463 -0.521  1.00 12.62 ? 7   PHE A N   1 
ATOM   45   C CA  . PHE A 1 7   ? 2.143   -10.174 0.199   1.00 13.48 ? 7   PHE A CA  1 
ATOM   46   C C   . PHE A 1 7   ? 3.158   -11.302 0.067   1.00 14.16 ? 7   PHE A C   1 
ATOM   47   O O   . PHE A 1 7   ? 4.278   -11.027 -0.191  1.00 13.66 ? 7   PHE A O   1 
ATOM   48   C CB  . PHE A 1 7   ? 1.878   -9.956  1.686   1.00 11.92 ? 7   PHE A CB  1 
ATOM   49   C CG  . PHE A 1 7   ? 1.242   -8.652  2.012   1.00 10.93 ? 7   PHE A CG  1 
ATOM   50   C CD1 . PHE A 1 7   ? 1.335   -7.560  1.141   1.00 7.92  ? 7   PHE A CD1 1 
ATOM   51   C CD2 . PHE A 1 7   ? 0.582   -8.495  3.236   1.00 10.27 ? 7   PHE A CD2 1 
ATOM   52   C CE1 . PHE A 1 7   ? 0.772   -6.367  1.455   1.00 7.67  ? 7   PHE A CE1 1 
ATOM   53   C CE2 . PHE A 1 7   ? 0.009   -7.261  3.588   1.00 11.61 ? 7   PHE A CE2 1 
ATOM   54   C CZ  . PHE A 1 7   ? 0.099   -6.185  2.678   1.00 9.14  ? 7   PHE A CZ  1 
ATOM   55   N N   . LYS A 1 8   ? 2.752   -12.553 0.305   1.00 16.08 ? 8   LYS A N   1 
ATOM   56   C CA  . LYS A 1 8   ? 3.653   -13.696 0.203   1.00 17.80 ? 8   LYS A CA  1 
ATOM   57   C C   . LYS A 1 8   ? 4.172   -13.915 -1.204  1.00 18.14 ? 8   LYS A C   1 
ATOM   58   O O   . LYS A 1 8   ? 5.371   -14.012 -1.407  1.00 18.59 ? 8   LYS A O   1 
ATOM   59   C CB  . LYS A 1 8   ? 2.953   -14.986 0.618   1.00 18.42 ? 8   LYS A CB  1 
ATOM   60   C CG  . LYS A 1 8   ? 2.356   -14.997 1.983   1.00 21.86 ? 8   LYS A CG  1 
ATOM   61   C CD  . LYS A 1 8   ? 2.137   -16.462 2.380   1.00 28.03 ? 8   LYS A CD  1 
ATOM   62   C CE  . LYS A 1 8   ? 0.840   -16.715 3.164   1.00 30.68 ? 8   LYS A CE  1 
ATOM   63   N NZ  . LYS A 1 8   ? 0.637   -18.191 3.403   1.00 29.58 ? 8   LYS A NZ  1 
ATOM   64   N N   . GLU A 1 9   ? 3.260   -14.004 -2.172  1.00 18.64 ? 9   GLU A N   1 
ATOM   65   C CA  . GLU A 1 9   ? 3.623   -14.258 -3.558  1.00 19.85 ? 9   GLU A CA  1 
ATOM   66   C C   . GLU A 1 9   ? 4.515   -13.146 -4.092  1.00 18.71 ? 9   GLU A C   1 
ATOM   67   O O   . GLU A 1 9   ? 5.419   -13.423 -4.893  1.00 19.70 ? 9   GLU A O   1 
ATOM   68   C CB  . GLU A 1 9   ? 2.390   -14.296 -4.451  1.00 19.76 ? 9   GLU A CB  1 
ATOM   69   C CG  . GLU A 1 9   ? 1.673   -15.587 -4.657  1.00 22.37 ? 9   GLU A CG  1 
ATOM   70   C CD  . GLU A 1 9   ? 0.362   -15.370 -5.506  1.00 25.27 ? 9   GLU A CD  1 
ATOM   71   O OE1 . GLU A 1 9   ? 0.146   -14.244 -6.118  1.00 25.73 ? 9   GLU A OE1 1 
ATOM   72   O OE2 . GLU A 1 9   ? -0.462  -16.339 -5.535  1.00 30.91 ? 9   GLU A OE2 1 
ATOM   73   N N   . ASN A 1 10  ? 4.239   -11.883 -3.730  1.00 16.44 ? 10  ASN A N   1 
ATOM   74   C CA  . ASN A 1 10  ? 5.024   -10.778 -4.315  1.00 14.57 ? 10  ASN A CA  1 
ATOM   75   C C   . ASN A 1 10  ? 6.272   -10.400 -3.536  1.00 13.60 ? 10  ASN A C   1 
ATOM   76   O O   . ASN A 1 10  ? 7.015   -9.528  -3.973  1.00 13.78 ? 10  ASN A O   1 
ATOM   77   C CB  . ASN A 1 10  ? 4.153   -9.563  -4.560  1.00 14.16 ? 10  ASN A CB  1 
ATOM   78   C CG  . ASN A 1 10  ? 3.158   -9.804  -5.661  1.00 15.63 ? 10  ASN A CG  1 
ATOM   79   O OD1 . ASN A 1 10  ? 3.513   -9.766  -6.807  1.00 21.67 ? 10  ASN A OD1 1 
ATOM   80   N ND2 . ASN A 1 10  ? 1.909   -10.061 -5.319  1.00 17.10 ? 10  ASN A ND2 1 
ATOM   81   N N   . HIS A 1 11  ? 6.499   -11.072 -2.394  1.00 12.25 ? 11  HIS A N   1 
ATOM   82   C CA  . HIS A 1 11  ? 7.481   -10.686 -1.374  1.00 11.38 ? 11  HIS A CA  1 
ATOM   83   C C   . HIS A 1 11  ? 7.514   -9.202  -1.174  1.00 10.55 ? 11  HIS A C   1 
ATOM   84   O O   . HIS A 1 11  ? 8.605   -8.563  -1.162  1.00 10.26 ? 11  HIS A O   1 
ATOM   85   C CB  . HIS A 1 11  ? 8.866   -11.161 -1.771  1.00 11.41 ? 11  HIS A CB  1 
ATOM   86   C CG  . HIS A 1 11  ? 8.902   -12.611 -2.090  1.00 14.53 ? 11  HIS A CG  1 
ATOM   87   N ND1 . HIS A 1 11  ? 8.763   -13.094 -3.385  1.00 15.85 ? 11  HIS A ND1 1 
ATOM   88   C CD2 . HIS A 1 11  ? 8.985   -13.689 -1.276  1.00 11.97 ? 11  HIS A CD2 1 
ATOM   89   C CE1 . HIS A 1 11  ? 8.829   -14.411 -3.340  1.00 18.68 ? 11  HIS A CE1 1 
ATOM   90   N NE2 . HIS A 1 11  ? 8.956   -14.793 -2.073  1.00 14.31 ? 11  HIS A NE2 1 
ATOM   91   N N   . SER A 1 12  ? 6.332   -8.641  -1.006  1.00 8.77  ? 12  SER A N   1 
ATOM   92   C CA  . SER A 1 12  ? 6.223   -7.223  -1.097  1.00 8.26  ? 12  SER A CA  1 
ATOM   93   C C   . SER A 1 12  ? 5.998   -6.539  0.242   1.00 8.92  ? 12  SER A C   1 
ATOM   94   O O   . SER A 1 12  ? 5.559   -5.379  0.267   1.00 9.90  ? 12  SER A O   1 
ATOM   95   C CB  . SER A 1 12  ? 5.111   -6.902  -2.052  1.00 7.64  ? 12  SER A CB  1 
ATOM   96   O OG  . SER A 1 12  ? 3.959   -7.542  -1.572  1.00 8.16  ? 12  SER A OG  1 
ATOM   97   N N   . ILE A 1 13  ? 6.272   -7.232  1.346   1.00 8.40  ? 13  ILE A N   1 
ATOM   98   C CA  . ILE A 1 13  ? 6.352   -6.582  2.651   1.00 9.02  ? 13  ILE A CA  1 
ATOM   99   C C   . ILE A 1 13  ? 7.814   -6.258  2.961   1.00 9.97  ? 13  ILE A C   1 
ATOM   100  O O   . ILE A 1 13  ? 8.635   -7.180  3.061   1.00 11.10 ? 13  ILE A O   1 
ATOM   101  C CB  . ILE A 1 13  ? 5.875   -7.464  3.804   1.00 8.96  ? 13  ILE A CB  1 
ATOM   102  C CG1 . ILE A 1 13  ? 4.399   -7.814  3.651   1.00 7.50  ? 13  ILE A CG1 1 
ATOM   103  C CG2 . ILE A 1 13  ? 6.134   -6.715  5.104   1.00 7.10  ? 13  ILE A CG2 1 
ATOM   104  C CD1 . ILE A 1 13  ? 3.936   -8.811  4.639   1.00 6.31  ? 13  ILE A CD1 1 
ATOM   105  N N   . ARG A 1 14  ? 8.151   -4.965  3.066   1.00 9.12  ? 14  ARG A N   1 
ATOM   106  C CA  . ARG A 1 14  ? 9.529   -4.508  3.260   1.00 7.07  ? 14  ARG A CA  1 
ATOM   107  C C   . ARG A 1 14  ? 9.449   -3.526  4.410   1.00 7.81  ? 14  ARG A C   1 
ATOM   108  O O   . ARG A 1 14  ? 8.814   -2.512  4.295   1.00 8.36  ? 14  ARG A O   1 
ATOM   109  C CB  . ARG A 1 14  ? 10.059  -3.828  1.984   1.00 7.04  ? 14  ARG A CB  1 
ATOM   110  C CG  . ARG A 1 14  ? 9.916   -4.625  0.629   1.00 4.68  ? 14  ARG A CG  1 
ATOM   111  C CD  . ARG A 1 14  ? 10.746  -5.976  0.542   1.00 6.79  ? 14  ARG A CD  1 
ATOM   112  N NE  . ARG A 1 14  ? 10.576  -6.654  -0.762  1.00 7.69  ? 14  ARG A NE  1 
ATOM   113  C CZ  . ARG A 1 14  ? 11.338  -6.481  -1.843  1.00 7.59  ? 14  ARG A CZ  1 
ATOM   114  N NH1 . ARG A 1 14  ? 11.048  -7.129  -2.969  1.00 8.45  ? 14  ARG A NH1 1 
ATOM   115  N NH2 . ARG A 1 14  ? 12.384  -5.667  -1.821  1.00 6.64  ? 14  ARG A NH2 1 
ATOM   116  N N   . LEU A 1 15  ? 10.058  -3.827  5.547   1.00 8.39  ? 15  LEU A N   1 
ATOM   117  C CA  . LEU A 1 15  ? 9.841   -3.019  6.732   1.00 8.20  ? 15  LEU A CA  1 
ATOM   118  C C   . LEU A 1 15  ? 11.055  -2.234  7.187   1.00 8.44  ? 15  LEU A C   1 
ATOM   119  O O   . LEU A 1 15  ? 12.206  -2.607  6.853   1.00 8.82  ? 15  LEU A O   1 
ATOM   120  C CB  . LEU A 1 15  ? 9.412   -3.945  7.859   1.00 8.68  ? 15  LEU A CB  1 
ATOM   121  C CG  . LEU A 1 15  ? 8.220   -4.833  7.638   1.00 7.07  ? 15  LEU A CG  1 
ATOM   122  C CD1 . LEU A 1 15  ? 8.305   -5.867  8.728   1.00 8.37  ? 15  LEU A CD1 1 
ATOM   123  C CD2 . LEU A 1 15  ? 6.883   -4.072  7.744   1.00 6.08  ? 15  LEU A CD2 1 
ATOM   124  N N   . GLY A 1 16  ? 10.803  -1.174  7.973   1.00 7.51  ? 16  GLY A N   1 
ATOM   125  C CA  . GLY A 1 16  ? 11.871  -0.359  8.558   1.00 7.90  ? 16  GLY A CA  1 
ATOM   126  C C   . GLY A 1 16  ? 12.795  0.357   7.561   1.00 9.76  ? 16  GLY A C   1 
ATOM   127  O O   . GLY A 1 16  ? 14.033  0.428   7.752   1.00 9.20  ? 16  GLY A O   1 
ATOM   128  N N   . LEU A 1 17  ? 12.191  0.919   6.508   1.00 9.49  ? 17  LEU A N   1 
ATOM   129  C CA  . LEU A 1 17  ? 12.925  1.584   5.455   1.00 10.65 ? 17  LEU A CA  1 
ATOM   130  C C   . LEU A 1 17  ? 12.999  3.064   5.722   1.00 11.63 ? 17  LEU A C   1 
ATOM   131  O O   . LEU A 1 17  ? 12.185  3.598   6.430   1.00 11.79 ? 17  LEU A O   1 
ATOM   132  C CB  . LEU A 1 17  ? 12.287  1.292   4.077   1.00 9.84  ? 17  LEU A CB  1 
ATOM   133  C CG  . LEU A 1 17  ? 12.181  -0.197  3.666   1.00 8.42  ? 17  LEU A CG  1 
ATOM   134  C CD1 . LEU A 1 17  ? 11.835  -0.302  2.190   1.00 8.87  ? 17  LEU A CD1 1 
ATOM   135  C CD2 . LEU A 1 17  ? 13.492  -0.951  3.952   1.00 3.86  ? 17  LEU A CD2 1 
ATOM   136  N N   . THR A 1 18  ? 13.983  3.718   5.136   1.00 13.42 ? 18  THR A N   1 
ATOM   137  C CA  . THR A 1 18  ? 14.174  5.149   5.310   1.00 15.34 ? 18  THR A CA  1 
ATOM   138  C C   . THR A 1 18  ? 13.996  5.836   3.935   1.00 15.79 ? 18  THR A C   1 
ATOM   139  O O   . THR A 1 18  ? 14.628  5.422   2.962   1.00 16.09 ? 18  THR A O   1 
ATOM   140  C CB  . THR A 1 18  ? 15.590  5.460   5.928   1.00 15.79 ? 18  THR A CB  1 
ATOM   141  O OG1 . THR A 1 18  ? 15.703  4.781   7.193   1.00 18.51 ? 18  THR A OG1 1 
ATOM   142  C CG2 . THR A 1 18  ? 15.785  6.965   6.183   1.00 17.05 ? 18  THR A CG2 1 
ATOM   143  N N   . ALA A 1 19  ? 13.148  6.877   3.887   1.00 15.15 ? 19  ALA A N   1 
ATOM   144  C CA  . ALA A 1 19  ? 12.901  7.653   2.693   1.00 14.86 ? 19  ALA A CA  1 
ATOM   145  C C   . ALA A 1 19  ? 13.113  9.105   3.067   1.00 15.90 ? 19  ALA A C   1 
ATOM   146  O O   . ALA A 1 19  ? 12.720  9.517   4.147   1.00 16.58 ? 19  ALA A O   1 
ATOM   147  C CB  . ALA A 1 19  ? 11.467  7.441   2.213   1.00 13.40 ? 19  ALA A CB  1 
ATOM   148  N N   . LYS A 1 20  ? 13.713  9.905   2.185   1.00 16.96 ? 20  LYS A N   1 
ATOM   149  C CA  . LYS A 1 20  ? 13.934  11.306  2.527   1.00 17.15 ? 20  LYS A CA  1 
ATOM   150  C C   . LYS A 1 20  ? 12.724  12.107  2.161   1.00 16.15 ? 20  LYS A C   1 
ATOM   151  O O   . LYS A 1 20  ? 12.479  13.171  2.734   1.00 15.41 ? 20  LYS A O   1 
ATOM   152  C CB  . LYS A 1 20  ? 15.179  11.876  1.828   1.00 18.69 ? 20  LYS A CB  1 
ATOM   153  C CG  . LYS A 1 20  ? 16.483  11.549  2.584   1.00 23.71 ? 20  LYS A CG  1 
ATOM   154  C CD  . LYS A 1 20  ? 17.721  11.674  1.694   1.00 31.52 ? 20  LYS A CD  1 
ATOM   155  C CE  . LYS A 1 20  ? 18.997  11.588  2.523   1.00 35.04 ? 20  LYS A CE  1 
ATOM   156  N NZ  . LYS A 1 20  ? 20.158  11.569  1.606   1.00 37.22 ? 20  LYS A NZ  1 
ATOM   157  N N   . ASP A 1 21  ? 11.956  11.617  1.193   1.00 14.25 ? 21  ASP A N   1 
ATOM   158  C CA  . ASP A 1 21  ? 10.820  12.434  0.760   1.00 13.62 ? 21  ASP A CA  1 
ATOM   159  C C   . ASP A 1 21  ? 9.715   11.549  0.239   1.00 12.08 ? 21  ASP A C   1 
ATOM   160  O O   . ASP A 1 21  ? 9.849   10.304  0.215   1.00 11.99 ? 21  ASP A O   1 
ATOM   161  C CB  . ASP A 1 21  ? 11.281  13.476  -0.302  1.00 13.91 ? 21  ASP A CB  1 
ATOM   162  C CG  . ASP A 1 21  ? 11.806  12.822  -1.564  1.00 16.39 ? 21  ASP A CG  1 
ATOM   163  O OD1 . ASP A 1 21  ? 11.280  11.779  -2.008  1.00 21.27 ? 21  ASP A OD1 1 
ATOM   164  O OD2 . ASP A 1 21  ? 12.759  13.327  -2.141  1.00 20.67 ? 21  ASP A OD2 1 
ATOM   165  N N   . TRP A 1 22  ? 8.646   12.183  -0.202  1.00 10.09 ? 22  TRP A N   1 
ATOM   166  C CA  . TRP A 1 22  ? 7.489   11.471  -0.640  1.00 10.12 ? 22  TRP A CA  1 
ATOM   167  C C   . TRP A 1 22  ? 7.696   10.647  -1.915  1.00 10.35 ? 22  TRP A C   1 
ATOM   168  O O   . TRP A 1 22  ? 7.103   9.543   -2.046  1.00 9.80  ? 22  TRP A O   1 
ATOM   169  C CB  . TRP A 1 22  ? 6.271   12.387  -0.727  1.00 9.64  ? 22  TRP A CB  1 
ATOM   170  C CG  . TRP A 1 22  ? 6.216   13.323  -1.896  1.00 11.08 ? 22  TRP A CG  1 
ATOM   171  C CD1 . TRP A 1 22  ? 6.608   14.634  -1.911  1.00 9.95  ? 22  TRP A CD1 1 
ATOM   172  C CD2 . TRP A 1 22  ? 5.737   13.027  -3.239  1.00 11.84 ? 22  TRP A CD2 1 
ATOM   173  N NE1 . TRP A 1 22  ? 6.422   15.163  -3.170  1.00 10.74 ? 22  TRP A NE1 1 
ATOM   174  C CE2 . TRP A 1 22  ? 5.882   14.217  -4.000  1.00 9.55  ? 22  TRP A CE2 1 
ATOM   175  C CE3 . TRP A 1 22  ? 5.195   11.878  -3.860  1.00 8.94  ? 22  TRP A CE3 1 
ATOM   176  C CZ2 . TRP A 1 22  ? 5.480   14.311  -5.352  1.00 10.19 ? 22  TRP A CZ2 1 
ATOM   177  C CZ3 . TRP A 1 22  ? 4.826   11.962  -5.205  1.00 10.20 ? 22  TRP A CZ3 1 
ATOM   178  C CH2 . TRP A 1 22  ? 5.003   13.179  -5.948  1.00 9.88  ? 22  TRP A CH2 1 
ATOM   179  N N   . LYS A 1 23  ? 8.545   11.141  -2.823  1.00 9.64  ? 23  LYS A N   1 
ATOM   180  C CA  . LYS A 1 23  ? 8.767   10.465  -4.117  1.00 10.45 ? 23  LYS A CA  1 
ATOM   181  C C   . LYS A 1 23  ? 9.554   9.186   -3.882  1.00 9.73  ? 23  LYS A C   1 
ATOM   182  O O   . LYS A 1 23  ? 9.277   8.186   -4.514  1.00 8.82  ? 23  LYS A O   1 
ATOM   183  C CB  . LYS A 1 23  ? 9.530   11.340  -5.112  1.00 10.49 ? 23  LYS A CB  1 
ATOM   184  C CG  . LYS A 1 23  ? 8.846   12.670  -5.456  1.00 13.18 ? 23  LYS A CG  1 
ATOM   185  C CD  . LYS A 1 23  ? 9.440   13.265  -6.706  1.00 15.97 ? 23  LYS A CD  1 
ATOM   186  C CE  . LYS A 1 23  ? 8.706   14.543  -7.149  1.00 23.07 ? 23  LYS A CE  1 
ATOM   187  N NZ  . LYS A 1 23  ? 9.475   15.764  -6.711  1.00 25.56 ? 23  LYS A NZ  1 
ATOM   188  N N   . GLU A 1 24  ? 10.525  9.251   -2.976  1.00 10.02 ? 24  GLU A N   1 
ATOM   189  C CA  . GLU A 1 24  ? 11.244  8.076   -2.543  1.00 11.82 ? 24  GLU A CA  1 
ATOM   190  C C   . GLU A 1 24  ? 10.355  7.062   -1.820  1.00 11.14 ? 24  GLU A C   1 
ATOM   191  O O   . GLU A 1 24  ? 10.443  5.864   -2.075  1.00 11.95 ? 24  GLU A O   1 
ATOM   192  C CB  . GLU A 1 24  ? 12.433  8.391   -1.659  1.00 11.57 ? 24  GLU A CB  1 
ATOM   193  C CG  . GLU A 1 24  ? 13.006  7.083   -1.117  1.00 16.28 ? 24  GLU A CG  1 
ATOM   194  C CD  . GLU A 1 24  ? 14.510  7.053   -1.111  1.00 24.21 ? 24  GLU A CD  1 
ATOM   195  O OE1 . GLU A 1 24  ? 15.104  7.918   -0.400  1.00 23.21 ? 24  GLU A OE1 1 
ATOM   196  O OE2 . GLU A 1 24  ? 15.074  6.153   -1.822  1.00 26.19 ? 24  GLU A OE2 1 
ATOM   197  N N   . ALA A 1 25  ? 9.512   7.539   -0.926  1.00 10.93 ? 25  ALA A N   1 
ATOM   198  C CA  . ALA A 1 25  ? 8.592   6.674   -0.176  1.00 10.88 ? 25  ALA A CA  1 
ATOM   199  C C   . ALA A 1 25  ? 7.736   5.892   -1.189  1.00 10.51 ? 25  ALA A C   1 
ATOM   200  O O   . ALA A 1 25  ? 7.574   4.690   -1.110  1.00 9.50  ? 25  ALA A O   1 
ATOM   201  C CB  . ALA A 1 25  ? 7.736   7.535   0.759   1.00 9.26  ? 25  ALA A CB  1 
ATOM   202  N N   . VAL A 1 26  ? 7.233   6.617   -2.174  1.00 11.19 ? 26  VAL A N   1 
ATOM   203  C CA  . VAL A 1 26  ? 6.430   6.039   -3.236  1.00 11.69 ? 26  VAL A CA  1 
ATOM   204  C C   . VAL A 1 26  ? 7.243   5.037   -4.059  1.00 11.91 ? 26  VAL A C   1 
ATOM   205  O O   . VAL A 1 26  ? 6.769   3.955   -4.328  1.00 12.43 ? 26  VAL A O   1 
ATOM   206  C CB  . VAL A 1 26  ? 5.763   7.147   -4.102  1.00 11.10 ? 26  VAL A CB  1 
ATOM   207  C CG1 . VAL A 1 26  ? 5.138   6.558   -5.368  1.00 11.17 ? 26  VAL A CG1 1 
ATOM   208  C CG2 . VAL A 1 26  ? 4.730   7.846   -3.267  1.00 11.05 ? 26  VAL A CG2 1 
ATOM   209  N N   . LYS A 1 27  ? 8.462   5.382   -4.445  1.00 12.51 ? 27  LYS A N   1 
ATOM   210  C CA  . LYS A 1 27  ? 9.320   4.421   -5.147  1.00 13.16 ? 27  LYS A CA  1 
ATOM   211  C C   . LYS A 1 27  ? 9.458   3.070   -4.371  1.00 12.65 ? 27  LYS A C   1 
ATOM   212  O O   . LYS A 1 27  ? 9.354   1.978   -4.940  1.00 12.94 ? 27  LYS A O   1 
ATOM   213  C CB  . LYS A 1 27  ? 10.712  5.038   -5.357  1.00 13.07 ? 27  LYS A CB  1 
ATOM   214  C CG  . LYS A 1 27  ? 11.677  4.113   -6.136  1.00 14.62 ? 27  LYS A CG  1 
ATOM   215  C CD  . LYS A 1 27  ? 13.113  4.565   -5.898  1.00 18.67 ? 27  LYS A CD  1 
ATOM   216  C CE  . LYS A 1 27  ? 13.815  3.654   -4.932  1.00 20.59 ? 27  LYS A CE  1 
ATOM   217  N NZ  . LYS A 1 27  ? 15.069  4.245   -4.471  1.00 22.68 ? 27  LYS A NZ  1 
ATOM   218  N N   . LEU A 1 28  ? 9.744   3.182   -3.086  1.00 11.11 ? 28  LEU A N   1 
ATOM   219  C CA  . LEU A 1 28  ? 9.926   2.028   -2.239  1.00 10.85 ? 28  LEU A CA  1 
ATOM   220  C C   . LEU A 1 28  ? 8.715   1.127   -2.209  1.00 10.37 ? 28  LEU A C   1 
ATOM   221  O O   . LEU A 1 28  ? 8.871   -0.080  -2.050  1.00 10.56 ? 28  LEU A O   1 
ATOM   222  C CB  . LEU A 1 28  ? 10.233  2.463   -0.819  1.00 9.81  ? 28  LEU A CB  1 
ATOM   223  C CG  . LEU A 1 28  ? 11.567  3.160   -0.614  1.00 11.70 ? 28  LEU A CG  1 
ATOM   224  C CD1 . LEU A 1 28  ? 11.589  3.632   0.806   1.00 11.26 ? 28  LEU A CD1 1 
ATOM   225  C CD2 . LEU A 1 28  ? 12.826  2.271   -0.939  1.00 9.08  ? 28  LEU A CD2 1 
ATOM   226  N N   . SER A 1 29  ? 7.512   1.691   -2.339  1.00 9.70  ? 29  SER A N   1 
ATOM   227  C CA  . SER A 1 29  ? 6.323   0.864   -2.172  1.00 9.64  ? 29  SER A CA  1 
ATOM   228  C C   . SER A 1 29  ? 5.939   0.099   -3.453  1.00 9.72  ? 29  SER A C   1 
ATOM   229  O O   . SER A 1 29  ? 5.230   -0.891  -3.437  1.00 9.23  ? 29  SER A O   1 
ATOM   230  C CB  . SER A 1 29  ? 5.153   1.676   -1.549  1.00 8.91  ? 29  SER A CB  1 
ATOM   231  O OG  . SER A 1 29  ? 4.597   2.630   -2.443  1.00 9.07  ? 29  SER A OG  1 
ATOM   232  N N   . VAL A 1 30  ? 6.449   0.550   -4.576  1.00 10.52 ? 30  VAL A N   1 
ATOM   233  C CA  . VAL A 1 30  ? 6.005   0.023   -5.870  1.00 11.00 ? 30  VAL A CA  1 
ATOM   234  C C   . VAL A 1 30  ? 7.052   -0.921  -6.462  1.00 10.92 ? 30  VAL A C   1 
ATOM   235  O O   . VAL A 1 30  ? 6.740   -1.796  -7.262  1.00 10.48 ? 30  VAL A O   1 
ATOM   236  C CB  . VAL A 1 30  ? 5.737   1.208   -6.847  1.00 10.97 ? 30  VAL A CB  1 
ATOM   237  C CG1 . VAL A 1 30  ? 5.690   0.716   -8.298  1.00 10.21 ? 30  VAL A CG1 1 
ATOM   238  C CG2 . VAL A 1 30  ? 4.442   1.938   -6.422  1.00 10.54 ? 30  VAL A CG2 1 
ATOM   239  N N   . THR A 1 31  ? 8.301   -0.685  -6.078  1.00 10.53 ? 31  THR A N   1 
ATOM   240  C CA  . THR A 1 31  ? 9.425   -1.445  -6.541  1.00 10.52 ? 31  THR A CA  1 
ATOM   241  C C   . THR A 1 31  ? 9.215   -2.934  -6.314  1.00 9.37  ? 31  THR A C   1 
ATOM   242  O O   . THR A 1 31  ? 9.414   -3.715  -7.214  1.00 9.40  ? 31  THR A O   1 
ATOM   243  C CB  . THR A 1 31  ? 10.692  -0.940  -5.847  1.00 11.08 ? 31  THR A CB  1 
ATOM   244  O OG1 . THR A 1 31  ? 11.239  0.108   -6.642  1.00 13.17 ? 31  THR A OG1 1 
ATOM   245  C CG2 . THR A 1 31  ? 11.715  -2.082  -5.708  1.00 10.66 ? 31  THR A CG2 1 
ATOM   246  N N   . PRO A 1 32  ? 8.805   -3.346  -5.105  1.00 8.93  ? 32  PRO A N   1 
ATOM   247  C CA  . PRO A 1 32  ? 8.571   -4.799  -4.959  1.00 8.28  ? 32  PRO A CA  1 
ATOM   248  C C   . PRO A 1 32  ? 7.652   -5.438  -6.011  1.00 8.40  ? 32  PRO A C   1 
ATOM   249  O O   . PRO A 1 32  ? 7.887   -6.587  -6.380  1.00 8.96  ? 32  PRO A O   1 
ATOM   250  C CB  . PRO A 1 32  ? 8.017   -4.940  -3.524  1.00 7.62  ? 32  PRO A CB  1 
ATOM   251  C CG  . PRO A 1 32  ? 8.453   -3.703  -2.812  1.00 7.71  ? 32  PRO A CG  1 
ATOM   252  C CD  . PRO A 1 32  ? 8.590   -2.604  -3.846  1.00 8.81  ? 32  PRO A CD  1 
ATOM   253  N N   . LEU A 1 33  ? 6.643   -4.694  -6.477  1.00 8.92  ? 33  LEU A N   1 
ATOM   254  C CA  . LEU A 1 33  ? 5.681   -5.110  -7.498  1.00 10.18 ? 33  LEU A CA  1 
ATOM   255  C C   . LEU A 1 33  ? 6.185   -5.041  -8.959  1.00 11.10 ? 33  LEU A C   1 
ATOM   256  O O   . LEU A 1 33  ? 5.711   -5.780  -9.828  1.00 12.19 ? 33  LEU A O   1 
ATOM   257  C CB  . LEU A 1 33  ? 4.434   -4.223  -7.418  1.00 10.06 ? 33  LEU A CB  1 
ATOM   258  C CG  . LEU A 1 33  ? 3.710   -4.220  -6.095  1.00 10.14 ? 33  LEU A CG  1 
ATOM   259  C CD1 . LEU A 1 33  ? 2.458   -3.310  -6.175  1.00 10.91 ? 33  LEU A CD1 1 
ATOM   260  C CD2 . LEU A 1 33  ? 3.381   -5.662  -5.734  1.00 8.48  ? 33  LEU A CD2 1 
ATOM   261  N N   . ILE A 1 34  ? 7.088   -4.114  -9.242  1.00 10.91 ? 34  ILE A N   1 
ATOM   262  C CA  . ILE A 1 34  ? 7.859   -4.182  -10.467 1.00 11.18 ? 34  ILE A CA  1 
ATOM   263  C C   . ILE A 1 34  ? 8.738   -5.482  -10.452 1.00 12.42 ? 34  ILE A C   1 
ATOM   264  O O   . ILE A 1 34  ? 8.735   -6.236  -11.420 1.00 12.60 ? 34  ILE A O   1 
ATOM   265  C CB  . ILE A 1 34  ? 8.755   -2.983  -10.624 1.00 9.82  ? 34  ILE A CB  1 
ATOM   266  C CG1 . ILE A 1 34  ? 7.927   -1.716  -10.788 1.00 9.31  ? 34  ILE A CG1 1 
ATOM   267  C CG2 . ILE A 1 34  ? 9.623   -3.198  -11.784 1.00 9.67  ? 34  ILE A CG2 1 
ATOM   268  C CD1 . ILE A 1 34  ? 8.680   -0.459  -10.357 1.00 7.94  ? 34  ILE A CD1 1 
ATOM   269  N N   . GLU A 1 35  ? 9.466   -5.745  -9.365  1.00 11.56 ? 35  GLU A N   1 
ATOM   270  C CA  . GLU A 1 35  ? 10.284  -6.947  -9.330  1.00 11.84 ? 35  GLU A CA  1 
ATOM   271  C C   . GLU A 1 35  ? 9.480   -8.245  -9.527  1.00 11.92 ? 35  GLU A C   1 
ATOM   272  O O   . GLU A 1 35  ? 9.879   -9.124  -10.268 1.00 11.88 ? 35  GLU A O   1 
ATOM   273  C CB  . GLU A 1 35  ? 11.113  -6.995  -8.065  1.00 11.85 ? 35  GLU A CB  1 
ATOM   274  C CG  . GLU A 1 35  ? 12.106  -5.865  -7.973  1.00 12.62 ? 35  GLU A CG  1 
ATOM   275  C CD  . GLU A 1 35  ? 12.552  -5.594  -6.546  1.00 17.18 ? 35  GLU A CD  1 
ATOM   276  O OE1 . GLU A 1 35  ? 12.088  -6.266  -5.589  1.00 18.72 ? 35  GLU A OE1 1 
ATOM   277  O OE2 . GLU A 1 35  ? 13.403  -4.696  -6.376  1.00 20.76 ? 35  GLU A OE2 1 
ATOM   278  N N   . SER A 1 36  ? 8.317   -8.361  -8.905  1.00 12.01 ? 36  SER A N   1 
ATOM   279  C CA  . SER A 1 36  ? 7.529   -9.538  -9.153  1.00 11.19 ? 36  SER A CA  1 
ATOM   280  C C   . SER A 1 36  ? 6.852   -9.585  -10.497 1.00 11.00 ? 36  SER A C   1 
ATOM   281  O O   . SER A 1 36  ? 6.351   -10.639 -10.846 1.00 12.14 ? 36  SER A O   1 
ATOM   282  C CB  . SER A 1 36  ? 6.509   -9.746  -8.038  1.00 11.01 ? 36  SER A CB  1 
ATOM   283  O OG  . SER A 1 36  ? 5.551   -8.735  -8.060  1.00 12.99 ? 36  SER A OG  1 
ATOM   284  N N   . GLY A 1 37  ? 6.804   -8.480  -11.248 1.00 10.19 ? 37  GLY A N   1 
ATOM   285  C CA  . GLY A 1 37  ? 6.008   -8.453  -12.493 1.00 9.25  ? 37  GLY A CA  1 
ATOM   286  C C   . GLY A 1 37  ? 4.500   -8.193  -12.312 1.00 9.69  ? 37  GLY A C   1 
ATOM   287  O O   . GLY A 1 37  ? 3.732   -8.281  -13.257 1.00 9.82  ? 37  GLY A O   1 
ATOM   288  N N   . ALA A 1 38  ? 4.059   -7.809  -11.110 1.00 10.16 ? 38  ALA A N   1 
ATOM   289  C CA  . ALA A 1 38  ? 2.675   -7.370  -10.932 1.00 9.64  ? 38  ALA A CA  1 
ATOM   290  C C   . ALA A 1 38  ? 2.384   -6.111  -11.734 1.00 10.09 ? 38  ALA A C   1 
ATOM   291  O O   . ALA A 1 38  ? 1.305   -5.980  -12.288 1.00 10.44 ? 38  ALA A O   1 
ATOM   292  C CB  . ALA A 1 38  ? 2.345   -7.174  -9.484  1.00 8.92  ? 38  ALA A CB  1 
ATOM   293  N N   . VAL A 1 39  ? 3.340   -5.187  -11.801 1.00 10.04 ? 39  VAL A N   1 
ATOM   294  C CA  . VAL A 1 39  ? 3.160   -3.982  -12.584 1.00 10.64 ? 39  VAL A CA  1 
ATOM   295  C C   . VAL A 1 39  ? 4.339   -3.766  -13.548 1.00 11.34 ? 39  VAL A C   1 
ATOM   296  O O   . VAL A 1 39  ? 5.428   -4.264  -13.295 1.00 10.82 ? 39  VAL A O   1 
ATOM   297  C CB  . VAL A 1 39  ? 2.961   -2.703  -11.720 1.00 9.77  ? 39  VAL A CB  1 
ATOM   298  C CG1 . VAL A 1 39  ? 1.724   -2.790  -10.918 1.00 9.52  ? 39  VAL A CG1 1 
ATOM   299  C CG2 . VAL A 1 39  ? 4.199   -2.402  -10.801 1.00 10.42 ? 39  VAL A CG2 1 
ATOM   300  N N   . LYS A 1 40  ? 4.095   -3.048  -14.652 1.00 11.56 ? 40  LYS A N   1 
ATOM   301  C CA  . LYS A 1 40  ? 5.181   -2.584  -15.514 1.00 13.34 ? 40  LYS A CA  1 
ATOM   302  C C   . LYS A 1 40  ? 5.931   -1.456  -14.796 1.00 12.56 ? 40  LYS A C   1 
ATOM   303  O O   . LYS A 1 40  ? 5.382   -0.848  -13.879 1.00 12.79 ? 40  LYS A O   1 
ATOM   304  C CB  . LYS A 1 40  ? 4.639   -2.100  -16.853 1.00 13.67 ? 40  LYS A CB  1 
ATOM   305  C CG  . LYS A 1 40  ? 4.140   -3.234  -17.775 1.00 16.41 ? 40  LYS A CG  1 
ATOM   306  C CD  . LYS A 1 40  ? 3.605   -2.666  -19.096 1.00 16.97 ? 40  LYS A CD  1 
ATOM   307  C CE  . LYS A 1 40  ? 2.754   -3.714  -19.883 1.00 21.14 ? 40  LYS A CE  1 
ATOM   308  N NZ  . LYS A 1 40  ? 2.260   -3.267  -21.275 1.00 21.05 ? 40  LYS A NZ  1 
ATOM   309  N N   . PRO A 1 41  ? 7.187   -1.195  -15.185 1.00 11.88 ? 41  PRO A N   1 
ATOM   310  C CA  . PRO A 1 41  ? 7.984   -0.086  -14.654 1.00 12.13 ? 41  PRO A CA  1 
ATOM   311  C C   . PRO A 1 41  ? 7.312   1.309   -14.696 1.00 13.54 ? 41  PRO A C   1 
ATOM   312  O O   . PRO A 1 41  ? 7.572   2.108   -13.816 1.00 14.79 ? 41  PRO A O   1 
ATOM   313  C CB  . PRO A 1 41  ? 9.237   -0.105  -15.554 1.00 11.84 ? 41  PRO A CB  1 
ATOM   314  C CG  . PRO A 1 41  ? 9.359   -1.501  -15.963 1.00 11.81 ? 41  PRO A CG  1 
ATOM   315  C CD  . PRO A 1 41  ? 7.965   -2.014  -16.136 1.00 11.82 ? 41  PRO A CD  1 
ATOM   316  N N   . GLU A 1 42  ? 6.475   1.578   -15.701 1.00 12.91 ? 42  GLU A N   1 
ATOM   317  C CA  . GLU A 1 42  ? 5.856   2.850   -15.914 1.00 14.03 ? 42  GLU A CA  1 
ATOM   318  C C   . GLU A 1 42  ? 4.879   3.193   -14.829 1.00 12.59 ? 42  GLU A C   1 
ATOM   319  O O   . GLU A 1 42  ? 4.510   4.337   -14.726 1.00 12.89 ? 42  GLU A O   1 
ATOM   320  C CB  . GLU A 1 42  ? 5.057   2.847   -17.236 1.00 14.23 ? 42  GLU A CB  1 
ATOM   321  C CG  . GLU A 1 42  ? 3.894   1.835   -17.264 1.00 15.41 ? 42  GLU A CG  1 
ATOM   322  C CD  . GLU A 1 42  ? 3.209   1.710   -18.627 1.00 18.47 ? 42  GLU A CD  1 
ATOM   323  O OE1 . GLU A 1 42  ? 2.755   2.753   -19.190 1.00 20.73 ? 42  GLU A OE1 1 
ATOM   324  O OE2 . GLU A 1 42  ? 3.140   0.549   -19.144 1.00 27.02 ? 42  GLU A OE2 1 
ATOM   325  N N   . TYR A 1 43  ? 4.421   2.198   -14.077 1.00 11.81 ? 43  TYR A N   1 
ATOM   326  C CA  . TYR A 1 43  ? 3.439   2.375   -12.996 1.00 11.24 ? 43  TYR A CA  1 
ATOM   327  C C   . TYR A 1 43  ? 3.913   3.381   -11.963 1.00 10.52 ? 43  TYR A C   1 
ATOM   328  O O   . TYR A 1 43  ? 3.163   4.206   -11.504 1.00 11.30 ? 43  TYR A O   1 
ATOM   329  C CB  . TYR A 1 43  ? 3.138   1.032   -12.290 1.00 10.26 ? 43  TYR A CB  1 
ATOM   330  C CG  . TYR A 1 43  ? 1.845   1.024   -11.474 1.00 8.90  ? 43  TYR A CG  1 
ATOM   331  C CD1 . TYR A 1 43  ? 0.598   1.266   -12.076 1.00 9.66  ? 43  TYR A CD1 1 
ATOM   332  C CD2 . TYR A 1 43  ? 1.869   0.793   -10.104 1.00 9.49  ? 43  TYR A CD2 1 
ATOM   333  C CE1 . TYR A 1 43  ? -0.582  1.267   -11.320 1.00 8.44  ? 43  TYR A CE1 1 
ATOM   334  C CE2 . TYR A 1 43  ? 0.710   0.765   -9.359  1.00 7.43  ? 43  TYR A CE2 1 
ATOM   335  C CZ  . TYR A 1 43  ? -0.503  1.016   -9.962  1.00 7.50  ? 43  TYR A CZ  1 
ATOM   336  O OH  . TYR A 1 43  ? -1.628  0.970   -9.194  1.00 8.44  ? 43  TYR A OH  1 
ATOM   337  N N   . TYR A 1 44  ? 5.187   3.304   -11.659 1.00 11.08 ? 44  TYR A N   1 
ATOM   338  C CA  . TYR A 1 44  ? 5.906   4.244   -10.850 1.00 12.08 ? 44  TYR A CA  1 
ATOM   339  C C   . TYR A 1 44  ? 5.840   5.687   -11.352 1.00 12.13 ? 44  TYR A C   1 
ATOM   340  O O   . TYR A 1 44  ? 5.450   6.564   -10.589 1.00 13.51 ? 44  TYR A O   1 
ATOM   341  C CB  . TYR A 1 44  ? 7.359   3.746   -10.698 1.00 13.41 ? 44  TYR A CB  1 
ATOM   342  C CG  . TYR A 1 44  ? 8.318   4.742   -10.098 1.00 13.86 ? 44  TYR A CG  1 
ATOM   343  C CD1 . TYR A 1 44  ? 8.141   5.257   -8.817  1.00 13.23 ? 44  TYR A CD1 1 
ATOM   344  C CD2 . TYR A 1 44  ? 9.399   5.161   -10.825 1.00 16.19 ? 44  TYR A CD2 1 
ATOM   345  C CE1 . TYR A 1 44  ? 9.045   6.209   -8.293  1.00 14.64 ? 44  TYR A CE1 1 
ATOM   346  C CE2 . TYR A 1 44  ? 10.288  6.069   -10.334 1.00 17.97 ? 44  TYR A CE2 1 
ATOM   347  C CZ  . TYR A 1 44  ? 10.114  6.599   -9.083  1.00 17.29 ? 44  TYR A CZ  1 
ATOM   348  O OH  . TYR A 1 44  ? 11.069  7.499   -8.673  1.00 20.03 ? 44  TYR A OH  1 
ATOM   349  N N   . ASN A 1 45  ? 6.230   5.937   -12.603 1.00 11.75 ? 45  ASN A N   1 
ATOM   350  C CA  . ASN A 1 45  ? 6.197   7.280   -13.178 1.00 10.79 ? 45  ASN A CA  1 
ATOM   351  C C   . ASN A 1 45  ? 4.764   7.813   -13.124 1.00 10.42 ? 45  ASN A C   1 
ATOM   352  O O   . ASN A 1 45  ? 4.543   8.993   -12.828 1.00 10.67 ? 45  ASN A O   1 
ATOM   353  C CB  . ASN A 1 45  ? 6.740   7.277   -14.644 1.00 10.21 ? 45  ASN A CB  1 
ATOM   354  C CG  . ASN A 1 45  ? 6.635   8.669   -15.333 1.00 10.06 ? 45  ASN A CG  1 
ATOM   355  O OD1 . ASN A 1 45  ? 5.708   8.936   -16.089 1.00 10.37 ? 45  ASN A OD1 1 
ATOM   356  N ND2 . ASN A 1 45  ? 7.580   9.547   -15.055 1.00 10.55 ? 45  ASN A ND2 1 
ATOM   357  N N   . ALA A 1 46  ? 3.793   6.938   -13.393 1.00 9.41  ? 46  ALA A N   1 
ATOM   358  C CA  . ALA A 1 46  ? 2.374   7.337   -13.350 1.00 9.43  ? 46  ALA A CA  1 
ATOM   359  C C   . ALA A 1 46  ? 1.901   7.860   -11.994 1.00 9.19  ? 46  ALA A C   1 
ATOM   360  O O   . ALA A 1 46  ? 1.135   8.819   -11.943 1.00 10.50 ? 46  ALA A O   1 
ATOM   361  C CB  . ALA A 1 46  ? 1.459   6.228   -13.828 1.00 8.42  ? 46  ALA A CB  1 
ATOM   362  N N   . ILE A 1 47  ? 2.331   7.219   -10.911 1.00 9.46  ? 47  ILE A N   1 
ATOM   363  C CA  . ILE A 1 47  ? 1.852   7.559   -9.565  1.00 8.46  ? 47  ILE A CA  1 
ATOM   364  C C   . ILE A 1 47  ? 2.406   8.921   -9.289  1.00 9.41  ? 47  ILE A C   1 
ATOM   365  O O   . ILE A 1 47  ? 1.675   9.794   -8.827  1.00 9.68  ? 47  ILE A O   1 
ATOM   366  C CB  . ILE A 1 47  ? 2.285   6.504   -8.483  1.00 8.19  ? 47  ILE A CB  1 
ATOM   367  C CG1 . ILE A 1 47  ? 1.399   5.269   -8.560  1.00 5.40  ? 47  ILE A CG1 1 
ATOM   368  C CG2 . ILE A 1 47  ? 2.077   7.013   -7.087  1.00 6.10  ? 47  ILE A CG2 1 
ATOM   369  C CD1 . ILE A 1 47  ? 2.099   4.005   -7.963  1.00 8.04  ? 47  ILE A CD1 1 
ATOM   370  N N   . ILE A 1 48  ? 3.688   9.116   -9.633  1.00 9.34  ? 48  ILE A N   1 
ATOM   371  C CA  . ILE A 1 48  ? 4.366   10.391  -9.398  1.00 9.21  ? 48  ILE A CA  1 
ATOM   372  C C   . ILE A 1 48  ? 3.778   11.509  -10.217 1.00 9.56  ? 48  ILE A C   1 
ATOM   373  O O   . ILE A 1 48  ? 3.478   12.553  -9.682  1.00 9.37  ? 48  ILE A O   1 
ATOM   374  C CB  . ILE A 1 48  ? 5.937   10.281  -9.554  1.00 10.29 ? 48  ILE A CB  1 
ATOM   375  C CG1 . ILE A 1 48  ? 6.536   9.466   -8.377  1.00 11.50 ? 48  ILE A CG1 1 
ATOM   376  C CG2 . ILE A 1 48  ? 6.568   11.657  -9.656  1.00 8.48  ? 48  ILE A CG2 1 
ATOM   377  C CD1 . ILE A 1 48  ? 7.962   9.682   -8.199  1.00 18.56 ? 48  ILE A CD1 1 
ATOM   378  N N   . GLU A 1 49  ? 3.649   11.312  -11.523 1.00 9.58  ? 49  GLU A N   1 
ATOM   379  C CA  . GLU A 1 49  ? 2.949   12.301  -12.369 1.00 10.34 ? 49  GLU A CA  1 
ATOM   380  C C   . GLU A 1 49  ? 1.539   12.611  -11.950 1.00 9.88  ? 49  GLU A C   1 
ATOM   381  O O   . GLU A 1 49  ? 1.163   13.784  -11.976 1.00 10.55 ? 49  GLU A O   1 
ATOM   382  C CB  . GLU A 1 49  ? 2.952   11.902  -13.858 1.00 10.01 ? 49  GLU A CB  1 
ATOM   383  C CG  . GLU A 1 49  ? 4.347   11.770  -14.406 1.00 13.51 ? 49  GLU A CG  1 
ATOM   384  C CD  . GLU A 1 49  ? 5.143   13.042  -14.225 1.00 17.67 ? 49  GLU A CD  1 
ATOM   385  O OE1 . GLU A 1 49  ? 4.679   14.034  -14.813 1.00 23.86 ? 49  GLU A OE1 1 
ATOM   386  O OE2 . GLU A 1 49  ? 6.183   13.073  -13.492 1.00 18.08 ? 49  GLU A OE2 1 
ATOM   387  N N   . SER A 1 50  ? 0.751   11.595  -11.572 1.00 9.50  ? 50  SER A N   1 
ATOM   388  C CA  . SER A 1 50  ? -0.605  11.851  -11.047 1.00 9.20  ? 50  SER A CA  1 
ATOM   389  C C   . SER A 1 50  ? -0.613  12.624  -9.751  1.00 9.07  ? 50  SER A C   1 
ATOM   390  O O   . SER A 1 50  ? -1.447  13.476  -9.538  1.00 10.86 ? 50  SER A O   1 
ATOM   391  C CB  . SER A 1 50  ? -1.372  10.560  -10.868 1.00 9.04  ? 50  SER A CB  1 
ATOM   392  O OG  . SER A 1 50  ? -1.599  10.004  -12.150 1.00 10.53 ? 50  SER A OG  1 
ATOM   393  N N   . THR A 1 51  ? 0.323   12.326  -8.880  1.00 9.00  ? 51  THR A N   1 
ATOM   394  C CA  . THR A 1 51  ? 0.451   12.993  -7.618  1.00 9.27  ? 51  THR A CA  1 
ATOM   395  C C   . THR A 1 51  ? 0.815   14.469  -7.817  1.00 11.46 ? 51  THR A C   1 
ATOM   396  O O   . THR A 1 51  ? 0.189   15.341  -7.170  1.00 10.86 ? 51  THR A O   1 
ATOM   397  C CB  . THR A 1 51  ? 1.507   12.309  -6.746  1.00 7.79  ? 51  THR A CB  1 
ATOM   398  O OG1 . THR A 1 51  ? 1.094   10.965  -6.514  1.00 8.29  ? 51  THR A OG1 1 
ATOM   399  C CG2 . THR A 1 51  ? 1.619   12.977  -5.464  1.00 6.20  ? 51  THR A CG2 1 
ATOM   400  N N   . GLU A 1 52  ? 1.833   14.730  -8.667  1.00 12.51 ? 52  GLU A N   1 
ATOM   401  C CA  . GLU A 1 52  ? 2.302   16.082  -8.959  1.00 14.36 ? 52  GLU A CA  1 
ATOM   402  C C   . GLU A 1 52  ? 1.162   16.892  -9.553  1.00 15.63 ? 52  GLU A C   1 
ATOM   403  O O   . GLU A 1 52  ? 0.914   18.027  -9.097  1.00 14.66 ? 52  GLU A O   1 
ATOM   404  C CB  . GLU A 1 52  ? 3.460   16.094  -9.951  1.00 15.03 ? 52  GLU A CB  1 
ATOM   405  C CG  . GLU A 1 52  ? 4.769   15.593  -9.386  1.00 17.06 ? 52  GLU A CG  1 
ATOM   406  C CD  . GLU A 1 52  ? 5.523   16.665  -8.674  1.00 22.02 ? 52  GLU A CD  1 
ATOM   407  O OE1 . GLU A 1 52  ? 4.990   17.795  -8.514  1.00 22.89 ? 52  GLU A OE1 1 
ATOM   408  O OE2 . GLU A 1 52  ? 6.670   16.385  -8.278  1.00 26.67 ? 52  GLU A OE2 1 
ATOM   409  N N   . SER A 1 53  ? 0.468   16.312  -10.549 1.00 15.23 ? 53  SER A N   1 
ATOM   410  C CA  . SER A 1 53  ? -0.679  17.013  -11.176 1.00 16.19 ? 53  SER A CA  1 
ATOM   411  C C   . SER A 1 53  ? -1.956  17.137  -10.370 1.00 16.78 ? 53  SER A C   1 
ATOM   412  O O   . SER A 1 53  ? -2.757  18.026  -10.622 1.00 17.05 ? 53  SER A O   1 
ATOM   413  C CB  . SER A 1 53  ? -1.030  16.381  -12.508 1.00 15.56 ? 53  SER A CB  1 
ATOM   414  O OG  . SER A 1 53  ? 0.182   16.124  -13.178 1.00 17.70 ? 53  SER A OG  1 
ATOM   415  N N   . TYR A 1 54  ? -2.203  16.240  -9.429  1.00 18.54 ? 54  TYR A N   1 
ATOM   416  C CA  . TYR A 1 54  ? -3.524  16.242  -8.785  1.00 19.39 ? 54  TYR A CA  1 
ATOM   417  C C   . TYR A 1 54  ? -3.456  16.425  -7.290  1.00 19.32 ? 54  TYR A C   1 
ATOM   418  O O   . TYR A 1 54  ? -4.466  16.686  -6.679  1.00 21.14 ? 54  TYR A O   1 
ATOM   419  C CB  . TYR A 1 54  ? -4.284  14.952  -9.104  1.00 19.87 ? 54  TYR A CB  1 
ATOM   420  C CG  . TYR A 1 54  ? -4.922  14.911  -10.480 1.00 19.28 ? 54  TYR A CG  1 
ATOM   421  C CD1 . TYR A 1 54  ? -6.191  15.459  -10.675 1.00 21.11 ? 54  TYR A CD1 1 
ATOM   422  C CD2 . TYR A 1 54  ? -4.280  14.300  -11.578 1.00 15.38 ? 54  TYR A CD2 1 
ATOM   423  C CE1 . TYR A 1 54  ? -6.808  15.434  -11.933 1.00 20.24 ? 54  TYR A CE1 1 
ATOM   424  C CE2 . TYR A 1 54  ? -4.875  14.274  -12.842 1.00 16.51 ? 54  TYR A CE2 1 
ATOM   425  C CZ  . TYR A 1 54  ? -6.154  14.849  -12.999 1.00 20.37 ? 54  TYR A CZ  1 
ATOM   426  O OH  . TYR A 1 54  ? -6.831  14.859  -14.199 1.00 22.54 ? 54  TYR A OH  1 
ATOM   427  N N   . GLY A 1 55  ? -2.271  16.302  -6.702  1.00 18.75 ? 55  GLY A N   1 
ATOM   428  C CA  . GLY A 1 55  ? -2.135  16.088  -5.257  1.00 17.04 ? 55  GLY A CA  1 
ATOM   429  C C   . GLY A 1 55  ? -2.315  14.610  -4.879  1.00 15.85 ? 55  GLY A C   1 
ATOM   430  O O   . GLY A 1 55  ? -2.777  13.808  -5.673  1.00 14.45 ? 55  GLY A O   1 
ATOM   431  N N   . PRO A 1 56  ? -1.965  14.252  -3.641  1.00 15.38 ? 56  PRO A N   1 
ATOM   432  C CA  . PRO A 1 56  ? -2.151  12.873  -3.174  1.00 14.58 ? 56  PRO A CA  1 
ATOM   433  C C   . PRO A 1 56  ? -3.616  12.539  -3.268  1.00 13.86 ? 56  PRO A C   1 
ATOM   434  O O   . PRO A 1 56  ? -4.429  13.275  -2.771  1.00 14.63 ? 56  PRO A O   1 
ATOM   435  C CB  . PRO A 1 56  ? -1.753  12.936  -1.684  1.00 15.12 ? 56  PRO A CB  1 
ATOM   436  C CG  . PRO A 1 56  ? -0.897  14.184  -1.522  1.00 14.75 ? 56  PRO A CG  1 
ATOM   437  C CD  . PRO A 1 56  ? -1.410  15.150  -2.604  1.00 15.79 ? 56  PRO A CD  1 
ATOM   438  N N   . TYR A 1 57  ? -3.980  11.459  -3.917  1.00 13.20 ? 57  TYR A N   1 
ATOM   439  C CA  . TYR A 1 57  ? -5.392  11.070  -3.968  1.00 12.90 ? 57  TYR A CA  1 
ATOM   440  C C   . TYR A 1 57  ? -5.576  9.730   -3.213  1.00 11.64 ? 57  TYR A C   1 
ATOM   441  O O   . TYR A 1 57  ? -6.502  8.988   -3.497  1.00 11.29 ? 57  TYR A O   1 
ATOM   442  C CB  . TYR A 1 57  ? -5.912  11.013  -5.445  1.00 13.28 ? 57  TYR A CB  1 
ATOM   443  C CG  . TYR A 1 57  ? -4.942  10.297  -6.376  1.00 14.12 ? 57  TYR A CG  1 
ATOM   444  C CD1 . TYR A 1 57  ? -5.105  8.943   -6.698  1.00 10.86 ? 57  TYR A CD1 1 
ATOM   445  C CD2 . TYR A 1 57  ? -3.794  10.964  -6.860  1.00 14.70 ? 57  TYR A CD2 1 
ATOM   446  C CE1 . TYR A 1 57  ? -4.189  8.282   -7.534  1.00 8.04  ? 57  TYR A CE1 1 
ATOM   447  C CE2 . TYR A 1 57  ? -2.863  10.297  -7.649  1.00 14.43 ? 57  TYR A CE2 1 
ATOM   448  C CZ  . TYR A 1 57  ? -3.075  8.951   -7.981  1.00 12.50 ? 57  TYR A CZ  1 
ATOM   449  O OH  . TYR A 1 57  ? -2.117  8.315   -8.737  1.00 13.20 ? 57  TYR A OH  1 
ATOM   450  N N   . TYR A 1 58  ? -4.711  9.429   -2.231  1.00 11.36 ? 58  TYR A N   1 
ATOM   451  C CA  . TYR A 1 58  ? -4.707  8.065   -1.642  1.00 11.31 ? 58  TYR A CA  1 
ATOM   452  C C   . TYR A 1 58  ? -4.312  8.021   -0.188  1.00 11.80 ? 58  TYR A C   1 
ATOM   453  O O   . TYR A 1 58  ? -3.933  7.005   0.346   1.00 12.26 ? 58  TYR A O   1 
ATOM   454  C CB  . TYR A 1 58  ? -3.817  7.151   -2.472  1.00 10.47 ? 58  TYR A CB  1 
ATOM   455  C CG  . TYR A 1 58  ? -2.506  7.834   -2.903  1.00 10.80 ? 58  TYR A CG  1 
ATOM   456  C CD1 . TYR A 1 58  ? -1.447  8.069   -1.975  1.00 9.19  ? 58  TYR A CD1 1 
ATOM   457  C CD2 . TYR A 1 58  ? -2.318  8.226   -4.220  1.00 8.04  ? 58  TYR A CD2 1 
ATOM   458  C CE1 . TYR A 1 58  ? -0.237  8.675   -2.373  1.00 8.25  ? 58  TYR A CE1 1 
ATOM   459  C CE2 . TYR A 1 58  ? -1.120  8.841   -4.623  1.00 12.33 ? 58  TYR A CE2 1 
ATOM   460  C CZ  . TYR A 1 58  ? -0.091  9.067   -3.713  1.00 12.10 ? 58  TYR A CZ  1 
ATOM   461  O OH  . TYR A 1 58  ? 1.071   9.698   -4.170  1.00 11.80 ? 58  TYR A OH  1 
ATOM   462  N N   . ILE A 1 59  ? -4.416  9.136   0.486   1.00 13.58 ? 59  ILE A N   1 
ATOM   463  C CA  . ILE A 1 59  ? -4.065  9.162   1.882   1.00 14.34 ? 59  ILE A CA  1 
ATOM   464  C C   . ILE A 1 59  ? -5.375  9.028   2.631   1.00 15.94 ? 59  ILE A C   1 
ATOM   465  O O   . ILE A 1 59  ? -5.966  10.031  3.004   1.00 15.20 ? 59  ILE A O   1 
ATOM   466  C CB  . ILE A 1 59  ? -3.254  10.460  2.237   1.00 14.00 ? 59  ILE A CB  1 
ATOM   467  C CG1 . ILE A 1 59  ? -1.925  10.475  1.444   1.00 14.91 ? 59  ILE A CG1 1 
ATOM   468  C CG2 . ILE A 1 59  ? -2.980  10.523  3.728   1.00 14.71 ? 59  ILE A CG2 1 
ATOM   469  C CD1 . ILE A 1 59  ? -1.100  11.689  1.542   1.00 14.47 ? 59  ILE A CD1 1 
ATOM   470  N N   . LEU A 1 60  ? -5.816  7.777   2.842   1.00 17.80 ? 60  LEU A N   1 
ATOM   471  C CA  . LEU A 1 60  ? -7.142  7.492   3.419   1.00 20.68 ? 60  LEU A CA  1 
ATOM   472  C C   . LEU A 1 60  ? -7.401  7.981   4.824   1.00 21.39 ? 60  LEU A C   1 
ATOM   473  O O   . LEU A 1 60  ? -8.510  8.418   5.140   1.00 21.00 ? 60  LEU A O   1 
ATOM   474  C CB  . LEU A 1 60  ? -7.483  6.002   3.384   1.00 21.21 ? 60  LEU A CB  1 
ATOM   475  C CG  . LEU A 1 60  ? -8.130  5.480   2.097   1.00 24.42 ? 60  LEU A CG  1 
ATOM   476  C CD1 . LEU A 1 60  ? -8.873  4.204   2.437   1.00 26.76 ? 60  LEU A CD1 1 
ATOM   477  C CD2 . LEU A 1 60  ? -9.018  6.509   1.310   1.00 24.47 ? 60  LEU A CD2 1 
ATOM   478  N N   . MET A 1 61  ? -6.381  7.875   5.658   1.00 22.82 ? 61  MET A N   1 
ATOM   479  C CA  . MET A 1 61  ? -6.434  8.341   7.024   1.00 25.11 ? 61  MET A CA  1 
ATOM   480  C C   . MET A 1 61  ? -5.027  8.775   7.353   1.00 23.15 ? 61  MET A C   1 
ATOM   481  O O   . MET A 1 61  ? -4.102  8.360   6.668   1.00 22.49 ? 61  MET A O   1 
ATOM   482  C CB  . MET A 1 61  ? -6.937  7.238   7.968   1.00 25.14 ? 61  MET A CB  1 
ATOM   483  C CG  . MET A 1 61  ? -6.219  5.862   7.927   1.00 27.33 ? 61  MET A CG  1 
ATOM   484  S SD  . MET A 1 61  ? -6.878  4.654   9.192   1.00 33.31 ? 61  MET A SD  1 
ATOM   485  C CE  . MET A 1 61  ? -5.823  4.939   10.639  1.00 31.69 ? 61  MET A CE  1 
ATOM   486  N N   . PRO A 1 62  ? -4.852  9.620   8.400   1.00 22.51 ? 62  PRO A N   1 
ATOM   487  C CA  . PRO A 1 62  ? -3.487  10.125  8.646   1.00 20.79 ? 62  PRO A CA  1 
ATOM   488  C C   . PRO A 1 62  ? -2.516  9.019   9.046   1.00 18.39 ? 62  PRO A C   1 
ATOM   489  O O   . PRO A 1 62  ? -2.939  8.068   9.674   1.00 17.88 ? 62  PRO A O   1 
ATOM   490  C CB  . PRO A 1 62  ? -3.684  11.173  9.761   1.00 21.06 ? 62  PRO A CB  1 
ATOM   491  C CG  . PRO A 1 62  ? -5.168  11.515  9.703   1.00 22.97 ? 62  PRO A CG  1 
ATOM   492  C CD  . PRO A 1 62  ? -5.810  10.170  9.382   1.00 22.64 ? 62  PRO A CD  1 
ATOM   493  N N   . GLY A 1 63  ? -1.245  9.157   8.660   1.00 16.71 ? 63  GLY A N   1 
ATOM   494  C CA  . GLY A 1 63  ? -0.251  8.112   8.800   1.00 14.99 ? 63  GLY A CA  1 
ATOM   495  C C   . GLY A 1 63  ? -0.127  7.132   7.621   1.00 14.23 ? 63  GLY A C   1 
ATOM   496  O O   . GLY A 1 63  ? 0.937   6.546   7.416   1.00 14.46 ? 63  GLY A O   1 
ATOM   497  N N   . MET A 1 64  ? -1.175  6.914   6.843   1.00 12.96 ? 64  MET A N   1 
ATOM   498  C CA  . MET A 1 64  ? -1.049  5.930   5.771   1.00 13.44 ? 64  MET A CA  1 
ATOM   499  C C   . MET A 1 64  ? -1.373  6.458   4.333   1.00 12.74 ? 64  MET A C   1 
ATOM   500  O O   . MET A 1 64  ? -2.127  7.427   4.160   1.00 12.68 ? 64  MET A O   1 
ATOM   501  C CB  . MET A 1 64  ? -1.846  4.657   6.119   1.00 14.03 ? 64  MET A CB  1 
ATOM   502  C CG  . MET A 1 64  ? -3.370  4.767   5.966   1.00 17.62 ? 64  MET A CG  1 
ATOM   503  S SD  . MET A 1 64  ? -3.983  4.822   4.232   1.00 21.95 ? 64  MET A SD  1 
ATOM   504  C CE  . MET A 1 64  ? -4.006  3.074   3.830   1.00 19.21 ? 64  MET A CE  1 
ATOM   505  N N   . ALA A 1 65  ? -0.779  5.822   3.329   1.00 11.26 ? 65  ALA A N   1 
ATOM   506  C CA  . ALA A 1 65  ? -1.068  6.062   1.936   1.00 9.65  ? 65  ALA A CA  1 
ATOM   507  C C   . ALA A 1 65  ? -1.270  4.713   1.248   1.00 9.99  ? 65  ALA A C   1 
ATOM   508  O O   . ALA A 1 65  ? -0.586  3.745   1.576   1.00 8.95  ? 65  ALA A O   1 
ATOM   509  C CB  . ALA A 1 65  ? 0.091   6.810   1.298   1.00 9.21  ? 65  ALA A CB  1 
ATOM   510  N N   . MET A 1 66  ? -2.210  4.648   0.302   1.00 10.23 ? 66  MET A N   1 
ATOM   511  C CA  . MET A 1 66  ? -2.301  3.523   -0.636  1.00 13.10 ? 66  MET A CA  1 
ATOM   512  C C   . MET A 1 66  ? -1.984  3.952   -2.072  1.00 10.50 ? 66  MET A C   1 
ATOM   513  O O   . MET A 1 66  ? -2.886  4.060   -2.894  1.00 10.16 ? 66  MET A O   1 
ATOM   514  C CB  . MET A 1 66  ? -3.668  2.820   -0.565  1.00 11.97 ? 66  MET A CB  1 
ATOM   515  C CG  . MET A 1 66  ? -4.758  3.738   -0.258  1.00 16.35 ? 66  MET A CG  1 
ATOM   516  S SD  . MET A 1 66  ? -6.368  2.983   -0.432  1.00 22.64 ? 66  MET A SD  1 
ATOM   517  C CE  . MET A 1 66  ? -6.467  2.888   -2.256  1.00 20.34 ? 66  MET A CE  1 
ATOM   518  N N   . PRO A 1 67  ? -0.691  4.180   -2.390  1.00 9.74  ? 67  PRO A N   1 
ATOM   519  C CA  . PRO A 1 67  ? -0.324  4.712   -3.714  1.00 8.67  ? 67  PRO A CA  1 
ATOM   520  C C   . PRO A 1 67  ? -0.779  3.766   -4.855  1.00 8.02  ? 67  PRO A C   1 
ATOM   521  O O   . PRO A 1 67  ? -0.599  2.533   -4.756  1.00 7.63  ? 67  PRO A O   1 
ATOM   522  C CB  . PRO A 1 67  ? 1.207   4.758   -3.670  1.00 9.04  ? 67  PRO A CB  1 
ATOM   523  C CG  . PRO A 1 67  ? 1.611   4.467   -2.266  1.00 8.90  ? 67  PRO A CG  1 
ATOM   524  C CD  . PRO A 1 67  ? 0.479   3.822   -1.569  1.00 9.70  ? 67  PRO A CD  1 
ATOM   525  N N   . HIS A 1 68  ? -1.404  4.334   -5.878  1.00 6.81  ? 68  HIS A N   1 
ATOM   526  C CA  . HIS A 1 68  ? -1.872  3.600   -7.059  1.00 7.83  ? 68  HIS A CA  1 
ATOM   527  C C   . HIS A 1 68  ? -2.099  4.548   -8.253  1.00 9.27  ? 68  HIS A C   1 
ATOM   528  O O   . HIS A 1 68  ? -2.046  5.778   -8.128  1.00 9.61  ? 68  HIS A O   1 
ATOM   529  C CB  . HIS A 1 68  ? -3.164  2.855   -6.781  1.00 6.80  ? 68  HIS A CB  1 
ATOM   530  C CG  . HIS A 1 68  ? -4.316  3.756   -6.484  1.00 6.11  ? 68  HIS A CG  1 
ATOM   531  N ND1 . HIS A 1 68  ? -4.416  4.484   -5.316  1.00 4.16  ? 68  HIS A ND1 1 
ATOM   532  C CD2 . HIS A 1 68  ? -5.413  4.060   -7.210  1.00 5.90  ? 68  HIS A CD2 1 
ATOM   533  C CE1 . HIS A 1 68  ? -5.518  5.207   -5.339  1.00 5.43  ? 68  HIS A CE1 1 
ATOM   534  N NE2 . HIS A 1 68  ? -6.133  4.984   -6.489  1.00 7.95  ? 68  HIS A NE2 1 
ATOM   535  N N   . ALA A 1 69  ? -2.334  3.952   -9.416  1.00 10.72 ? 69  ALA A N   1 
ATOM   536  C CA  . ALA A 1 69  ? -2.680  4.659   -10.627 1.00 11.55 ? 69  ALA A CA  1 
ATOM   537  C C   . ALA A 1 69  ? -3.767  3.802   -11.319 1.00 13.50 ? 69  ALA A C   1 
ATOM   538  O O   . ALA A 1 69  ? -4.132  2.743   -10.812 1.00 12.07 ? 69  ALA A O   1 
ATOM   539  C CB  . ALA A 1 69  ? -1.452  4.800   -11.490 1.00 10.64 ? 69  ALA A CB  1 
ATOM   540  N N   . ARG A 1 70  ? -4.278  4.271   -12.464 1.00 15.44 ? 70  ARG A N   1 
ATOM   541  C CA  . ARG A 1 70  ? -5.275  3.539   -13.281 1.00 18.93 ? 70  ARG A CA  1 
ATOM   542  C C   . ARG A 1 70  ? -4.669  2.195   -13.705 1.00 16.53 ? 70  ARG A C   1 
ATOM   543  O O   . ARG A 1 70  ? -3.470  2.133   -13.850 1.00 16.80 ? 70  ARG A O   1 
ATOM   544  C CB  . ARG A 1 70  ? -5.627  4.336   -14.572 1.00 18.44 ? 70  ARG A CB  1 
ATOM   545  C CG  . ARG A 1 70  ? -6.031  5.814   -14.369 1.00 24.12 ? 70  ARG A CG  1 
ATOM   546  C CD  . ARG A 1 70  ? -6.659  6.428   -15.652 1.00 25.62 ? 70  ARG A CD  1 
ATOM   547  N NE  . ARG A 1 70  ? -5.775  6.444   -16.844 1.00 39.81 ? 70  ARG A NE  1 
ATOM   548  C CZ  . ARG A 1 70  ? -6.186  6.754   -18.098 1.00 44.44 ? 70  ARG A CZ  1 
ATOM   549  N NH1 . ARG A 1 70  ? -7.470  7.084   -18.335 1.00 45.14 ? 70  ARG A NH1 1 
ATOM   550  N NH2 . ARG A 1 70  ? -5.322  6.740   -19.129 1.00 42.41 ? 70  ARG A NH2 1 
ATOM   551  N N   . PRO A 1 71  ? -5.494  1.128   -13.903 1.00 16.21 ? 71  PRO A N   1 
ATOM   552  C CA  . PRO A 1 71  ? -5.005  -0.147  -14.474 1.00 15.13 ? 71  PRO A CA  1 
ATOM   553  C C   . PRO A 1 71  ? -4.239  0.018   -15.777 1.00 15.07 ? 71  PRO A C   1 
ATOM   554  O O   . PRO A 1 71  ? -3.263  -0.691  -15.977 1.00 14.14 ? 71  PRO A O   1 
ATOM   555  C CB  . PRO A 1 71  ? -6.273  -0.951  -14.705 1.00 14.11 ? 71  PRO A CB  1 
ATOM   556  C CG  . PRO A 1 71  ? -7.246  -0.409  -13.727 1.00 15.99 ? 71  PRO A CG  1 
ATOM   557  C CD  . PRO A 1 71  ? -6.931  1.042   -13.548 1.00 16.41 ? 71  PRO A CD  1 
ATOM   558  N N   . GLU A 1 72  ? -4.629  0.982   -16.603 1.00 14.94 ? 72  GLU A N   1 
ATOM   559  C CA  . GLU A 1 72  ? -4.035  1.166   -17.922 1.00 17.44 ? 72  GLU A CA  1 
ATOM   560  C C   . GLU A 1 72  ? -2.595  1.638   -17.844 1.00 16.45 ? 72  GLU A C   1 
ATOM   561  O O   . GLU A 1 72  ? -1.850  1.466   -18.784 1.00 17.82 ? 72  GLU A O   1 
ATOM   562  C CB  . GLU A 1 72  ? -4.833  2.181   -18.787 1.00 17.49 ? 72  GLU A CB  1 
ATOM   563  C CG  . GLU A 1 72  ? -6.257  1.718   -19.105 1.00 23.80 ? 72  GLU A CG  1 
ATOM   564  C CD  . GLU A 1 72  ? -7.194  1.894   -17.913 1.00 29.38 ? 72  GLU A CD  1 
ATOM   565  O OE1 . GLU A 1 72  ? -6.763  2.601   -16.967 1.00 32.54 ? 72  GLU A OE1 1 
ATOM   566  O OE2 . GLU A 1 72  ? -8.327  1.329   -17.907 1.00 29.67 ? 72  GLU A OE2 1 
ATOM   567  N N   . ALA A 1 73  ? -2.218  2.263   -16.746 1.00 15.48 ? 73  ALA A N   1 
ATOM   568  C CA  . ALA A 1 73  ? -0.819  2.678   -16.530 1.00 14.89 ? 73  ALA A CA  1 
ATOM   569  C C   . ALA A 1 73  ? 0.143   1.507   -16.145 1.00 13.25 ? 73  ALA A C   1 
ATOM   570  O O   . ALA A 1 73  ? 1.113   1.705   -15.471 1.00 13.81 ? 73  ALA A O   1 
ATOM   571  C CB  . ALA A 1 73  ? -0.766  3.811   -15.485 1.00 14.55 ? 73  ALA A CB  1 
ATOM   572  N N   . GLY A 1 74  ? -0.142  0.286   -16.570 1.00 12.93 ? 74  GLY A N   1 
ATOM   573  C CA  . GLY A 1 74  ? 0.833   -0.804  -16.468 1.00 11.67 ? 74  GLY A CA  1 
ATOM   574  C C   . GLY A 1 74  ? 0.614   -1.863  -15.397 1.00 11.75 ? 74  GLY A C   1 
ATOM   575  O O   . GLY A 1 74  ? 1.582   -2.555  -15.016 1.00 13.92 ? 74  GLY A O   1 
ATOM   576  N N   . VAL A 1 75  ? -0.616  -2.045  -14.938 1.00 9.80  ? 75  VAL A N   1 
ATOM   577  C CA  . VAL A 1 75  ? -0.916  -3.167  -14.090 1.00 10.60 ? 75  VAL A CA  1 
ATOM   578  C C   . VAL A 1 75  ? -1.077  -4.427  -14.967 1.00 11.61 ? 75  VAL A C   1 
ATOM   579  O O   . VAL A 1 75  ? -1.849  -4.387  -15.925 1.00 11.34 ? 75  VAL A O   1 
ATOM   580  C CB  . VAL A 1 75  ? -2.192  -2.922  -13.208 1.00 10.82 ? 75  VAL A CB  1 
ATOM   581  C CG1 . VAL A 1 75  ? -2.556  -4.185  -12.360 1.00 8.76  ? 75  VAL A CG1 1 
ATOM   582  C CG2 . VAL A 1 75  ? -2.015  -1.632  -12.310 1.00 10.26 ? 75  VAL A CG2 1 
ATOM   583  N N   . GLN A 1 76  ? -0.325  -5.497  -14.637 1.00 11.63 ? 76  GLN A N   1 
ATOM   584  C CA  . GLN A 1 76  ? -0.421  -6.818  -15.230 1.00 13.30 ? 76  GLN A CA  1 
ATOM   585  C C   . GLN A 1 76  ? -1.305  -7.676  -14.406 1.00 13.32 ? 76  GLN A C   1 
ATOM   586  O O   . GLN A 1 76  ? -2.058  -8.471  -14.907 1.00 13.71 ? 76  GLN A O   1 
ATOM   587  C CB  . GLN A 1 76  ? 0.922   -7.541  -15.236 1.00 13.93 ? 76  GLN A CB  1 
ATOM   588  C CG  . GLN A 1 76  ? 2.122   -6.725  -15.736 1.00 20.03 ? 76  GLN A CG  1 
ATOM   589  C CD  . GLN A 1 76  ? 2.275   -6.803  -17.209 1.00 26.26 ? 76  GLN A CD  1 
ATOM   590  O OE1 . GLN A 1 76  ? 1.286   -6.691  -17.957 1.00 32.72 ? 76  GLN A OE1 1 
ATOM   591  N NE2 . GLN A 1 76  ? 3.515   -6.996  -17.668 1.00 29.92 ? 76  GLN A NE2 1 
ATOM   592  N N   . ARG A 1 77  ? -1.167  -7.570  -13.103 1.00 14.31 ? 77  ARG A N   1 
ATOM   593  C CA  . ARG A 1 77  ? -2.029  -8.358  -12.259 1.00 14.92 ? 77  ARG A CA  1 
ATOM   594  C C   . ARG A 1 77  ? -2.259  -7.686  -10.908 1.00 13.01 ? 77  ARG A C   1 
ATOM   595  O O   . ARG A 1 77  ? -1.504  -6.776  -10.524 1.00 11.84 ? 77  ARG A O   1 
ATOM   596  C CB  . ARG A 1 77  ? -1.461  -9.776  -12.109 1.00 16.41 ? 77  ARG A CB  1 
ATOM   597  C CG  . ARG A 1 77  ? -0.163  -9.830  -11.399 1.00 18.20 ? 77  ARG A CG  1 
ATOM   598  C CD  . ARG A 1 77  ? 0.221   -11.275 -11.216 1.00 25.73 ? 77  ARG A CD  1 
ATOM   599  N NE  . ARG A 1 77  ? 1.050   -11.420 -10.020 1.00 27.45 ? 77  ARG A NE  1 
ATOM   600  C CZ  . ARG A 1 77  ? 2.374   -11.535 -10.065 1.00 28.93 ? 77  ARG A CZ  1 
ATOM   601  N NH1 . ARG A 1 77  ? 3.005   -11.537 -11.274 1.00 23.49 ? 77  ARG A NH1 1 
ATOM   602  N NH2 . ARG A 1 77  ? 3.050   -11.678 -8.916  1.00 22.88 ? 77  ARG A NH2 1 
ATOM   603  N N   . ASP A 1 78  ? -3.328  -8.135  -10.234 1.00 10.91 ? 78  ASP A N   1 
ATOM   604  C CA  . ASP A 1 78  ? -3.769  -7.577  -8.927  1.00 10.11 ? 78  ASP A CA  1 
ATOM   605  C C   . ASP A 1 78  ? -2.707  -7.879  -7.851  1.00 8.63  ? 78  ASP A C   1 
ATOM   606  O O   . ASP A 1 78  ? -2.225  -8.977  -7.768  1.00 8.23  ? 78  ASP A O   1 
ATOM   607  C CB  . ASP A 1 78  ? -5.120  -8.172  -8.511  1.00 9.19  ? 78  ASP A CB  1 
ATOM   608  C CG  . ASP A 1 78  ? -6.234  -7.698  -9.361  1.00 12.37 ? 78  ASP A CG  1 
ATOM   609  O OD1 . ASP A 1 78  ? -6.495  -6.462  -9.460  1.00 15.40 ? 78  ASP A OD1 1 
ATOM   610  O OD2 . ASP A 1 78  ? -6.859  -8.566  -9.974  1.00 15.29 ? 78  ASP A OD2 1 
ATOM   611  N N   . ALA A 1 79  ? -2.295  -6.896  -7.078  1.00 8.55  ? 79  ALA A N   1 
ATOM   612  C CA  . ALA A 1 79  ? -1.230  -7.150  -6.067  1.00 7.96  ? 79  ALA A CA  1 
ATOM   613  C C   . ALA A 1 79  ? -1.185  -5.997  -5.143  1.00 7.29  ? 79  ALA A C   1 
ATOM   614  O O   . ALA A 1 79  ? -1.756  -4.944  -5.459  1.00 7.15  ? 79  ALA A O   1 
ATOM   615  C CB  . ALA A 1 79  ? 0.139   -7.356  -6.731  1.00 6.95  ? 79  ALA A CB  1 
ATOM   616  N N   . PHE A 1 80  ? -0.519  -6.215  -4.013  1.00 6.66  ? 80  PHE A N   1 
ATOM   617  C CA  . PHE A 1 80  ? -0.327  -5.234  -2.980  1.00 7.32  ? 80  PHE A CA  1 
ATOM   618  C C   . PHE A 1 80  ? 1.109   -5.307  -2.495  1.00 7.55  ? 80  PHE A C   1 
ATOM   619  O O   . PHE A 1 80  ? 1.706   -6.360  -2.559  1.00 5.40  ? 80  PHE A O   1 
ATOM   620  C CB  . PHE A 1 80  ? -1.187  -5.556  -1.753  1.00 7.37  ? 80  PHE A CB  1 
ATOM   621  C CG  . PHE A 1 80  ? -2.654  -5.623  -2.003  1.00 8.53  ? 80  PHE A CG  1 
ATOM   622  C CD1 . PHE A 1 80  ? -3.277  -6.844  -2.276  1.00 12.55 ? 80  PHE A CD1 1 
ATOM   623  C CD2 . PHE A 1 80  ? -3.452  -4.478  -1.882  1.00 12.97 ? 80  PHE A CD2 1 
ATOM   624  C CE1 . PHE A 1 80  ? -4.652  -6.912  -2.475  1.00 13.37 ? 80  PHE A CE1 1 
ATOM   625  C CE2 . PHE A 1 80  ? -4.869  -4.547  -2.053  1.00 12.54 ? 80  PHE A CE2 1 
ATOM   626  C CZ  . PHE A 1 80  ? -5.449  -5.753  -2.328  1.00 12.06 ? 80  PHE A CZ  1 
ATOM   627  N N   . SER A 1 81  ? 1.629   -4.188  -1.968  1.00 7.97  ? 81  SER A N   1 
ATOM   628  C CA  . SER A 1 81  ? 2.804   -4.220  -1.122  1.00 8.66  ? 81  SER A CA  1 
ATOM   629  C C   . SER A 1 81  ? 2.572   -3.422  0.191   1.00 8.62  ? 81  SER A C   1 
ATOM   630  O O   . SER A 1 81  ? 1.612   -2.712  0.346   1.00 9.30  ? 81  SER A O   1 
ATOM   631  C CB  . SER A 1 81  ? 3.995   -3.652  -1.860  1.00 9.09  ? 81  SER A CB  1 
ATOM   632  O OG  . SER A 1 81  ? 3.844   -2.250  -1.939  1.00 13.98 ? 81  SER A OG  1 
ATOM   633  N N   . LEU A 1 82  ? 3.460   -3.585  1.149   1.00 8.56  ? 82  LEU A N   1 
ATOM   634  C CA  . LEU A 1 82  ? 3.402   -2.857  2.370   1.00 8.49  ? 82  LEU A CA  1 
ATOM   635  C C   . LEU A 1 82  ? 4.830   -2.512  2.755   1.00 8.96  ? 82  LEU A C   1 
ATOM   636  O O   . LEU A 1 82  ? 5.718   -3.397  2.842   1.00 8.48  ? 82  LEU A O   1 
ATOM   637  C CB  . LEU A 1 82  ? 2.713   -3.671  3.455   1.00 8.20  ? 82  LEU A CB  1 
ATOM   638  C CG  . LEU A 1 82  ? 2.319   -2.885  4.711   1.00 9.02  ? 82  LEU A CG  1 
ATOM   639  C CD1 . LEU A 1 82  ? 1.092   -3.531  5.250   1.00 11.95 ? 82  LEU A CD1 1 
ATOM   640  C CD2 . LEU A 1 82  ? 3.438   -2.894  5.758   1.00 7.28  ? 82  LEU A CD2 1 
ATOM   641  N N   . VAL A 1 83  ? 5.032   -1.214  2.976   1.00 9.05  ? 83  VAL A N   1 
ATOM   642  C CA  . VAL A 1 83  ? 6.314   -0.648  3.337   1.00 8.27  ? 83  VAL A CA  1 
ATOM   643  C C   . VAL A 1 83  ? 6.049   0.205   4.598   1.00 8.49  ? 83  VAL A C   1 
ATOM   644  O O   . VAL A 1 83  ? 5.055   0.941   4.631   1.00 8.99  ? 83  VAL A O   1 
ATOM   645  C CB  . VAL A 1 83  ? 6.836   0.252   2.182   1.00 8.73  ? 83  VAL A CB  1 
ATOM   646  C CG1 . VAL A 1 83  ? 7.822   1.335   2.698   1.00 9.67  ? 83  VAL A CG1 1 
ATOM   647  C CG2 . VAL A 1 83  ? 7.475   -0.583  1.027   1.00 6.15  ? 83  VAL A CG2 1 
ATOM   648  N N   . THR A 1 84  ? 6.925   0.121   5.605   1.00 7.40  ? 84  THR A N   1 
ATOM   649  C CA  . THR A 1 84  ? 6.881   1.020   6.770   1.00 6.97  ? 84  THR A CA  1 
ATOM   650  C C   . THR A 1 84  ? 8.181   1.806   6.801   1.00 8.09  ? 84  THR A C   1 
ATOM   651  O O   . THR A 1 84  ? 9.218   1.279   6.475   1.00 8.66  ? 84  THR A O   1 
ATOM   652  C CB  . THR A 1 84  ? 6.769   0.254   8.084   1.00 6.94  ? 84  THR A CB  1 
ATOM   653  O OG1 . THR A 1 84  ? 7.859   -0.658  8.204   1.00 7.59  ? 84  THR A OG1 1 
ATOM   654  C CG2 . THR A 1 84  ? 5.419   -0.535  8.182   1.00 5.36  ? 84  THR A CG2 1 
ATOM   655  N N   . LEU A 1 85  ? 8.100   3.085   7.109   1.00 9.06  ? 85  LEU A N   1 
ATOM   656  C CA  . LEU A 1 85  ? 9.262   3.986   7.245   1.00 10.45 ? 85  LEU A CA  1 
ATOM   657  C C   . LEU A 1 85  ? 9.699   4.145   8.723   1.00 11.54 ? 85  LEU A C   1 
ATOM   658  O O   . LEU A 1 85  ? 8.875   3.988   9.658   1.00 11.37 ? 85  LEU A O   1 
ATOM   659  C CB  . LEU A 1 85  ? 8.905   5.390   6.667   1.00 9.42  ? 85  LEU A CB  1 
ATOM   660  C CG  . LEU A 1 85  ? 8.432   5.367   5.213   1.00 8.58  ? 85  LEU A CG  1 
ATOM   661  C CD1 . LEU A 1 85  ? 7.950   6.666   4.877   1.00 9.31  ? 85  LEU A CD1 1 
ATOM   662  C CD2 . LEU A 1 85  ? 9.596   5.047   4.286   1.00 12.69 ? 85  LEU A CD2 1 
ATOM   663  N N   . THR A 1 86  ? 10.961  4.545   8.923   1.00 12.18 ? 86  THR A N   1 
ATOM   664  C CA  . THR A 1 86  ? 11.463  4.770   10.273  1.00 13.24 ? 86  THR A CA  1 
ATOM   665  C C   . THR A 1 86  ? 11.075  6.159   10.809  1.00 14.85 ? 86  THR A C   1 
ATOM   666  O O   . THR A 1 86  ? 10.959  6.355   12.030  1.00 15.17 ? 86  THR A O   1 
ATOM   667  C CB  . THR A 1 86  ? 12.970  4.529   10.354  1.00 13.64 ? 86  THR A CB  1 
ATOM   668  O OG1 . THR A 1 86  ? 13.631  5.307   9.346   1.00 12.70 ? 86  THR A OG1 1 
ATOM   669  C CG2 . THR A 1 86  ? 13.285  2.995   10.145  1.00 12.78 ? 86  THR A CG2 1 
ATOM   670  N N   . GLU A 1 87  ? 10.861  7.107   9.889   1.00 15.37 ? 87  GLU A N   1 
ATOM   671  C CA  . GLU A 1 87  ? 10.313  8.421   10.175  1.00 15.75 ? 87  GLU A CA  1 
ATOM   672  C C   . GLU A 1 87  ? 9.278   8.706   9.125   1.00 14.54 ? 87  GLU A C   1 
ATOM   673  O O   . GLU A 1 87  ? 9.444   8.270   8.002   1.00 12.69 ? 87  GLU A O   1 
ATOM   674  C CB  . GLU A 1 87  ? 11.399  9.444   9.995   1.00 16.70 ? 87  GLU A CB  1 
ATOM   675  C CG  . GLU A 1 87  ? 12.358  9.365   11.103  1.00 26.21 ? 87  GLU A CG  1 
ATOM   676  C CD  . GLU A 1 87  ? 13.746  9.650   10.645  1.00 34.94 ? 87  GLU A CD  1 
ATOM   677  O OE1 . GLU A 1 87  ? 13.941  10.779  10.088  1.00 33.55 ? 87  GLU A OE1 1 
ATOM   678  O OE2 . GLU A 1 87  ? 14.606  8.720   10.847  1.00 37.59 ? 87  GLU A OE2 1 
ATOM   679  N N   . PRO A 1 88  ? 8.209   9.437   9.482   1.00 14.15 ? 88  PRO A N   1 
ATOM   680  C CA  . PRO A 1 88  ? 7.266   9.957   8.498   1.00 14.39 ? 88  PRO A CA  1 
ATOM   681  C C   . PRO A 1 88  ? 7.895   10.831  7.418   1.00 14.18 ? 88  PRO A C   1 
ATOM   682  O O   . PRO A 1 88  ? 8.978   11.361  7.624   1.00 15.45 ? 88  PRO A O   1 
ATOM   683  C CB  . PRO A 1 88  ? 6.267   10.771  9.352   1.00 15.59 ? 88  PRO A CB  1 
ATOM   684  C CG  . PRO A 1 88  ? 6.919   10.903  10.713  1.00 15.07 ? 88  PRO A CG  1 
ATOM   685  C CD  . PRO A 1 88  ? 7.781   9.713   10.864  1.00 13.85 ? 88  PRO A CD  1 
ATOM   686  N N   . VAL A 1 89  ? 7.254   10.898  6.250   1.00 12.74 ? 89  VAL A N   1 
ATOM   687  C CA  . VAL A 1 89  ? 7.597   11.827  5.183   1.00 12.32 ? 89  VAL A CA  1 
ATOM   688  C C   . VAL A 1 89  ? 6.354   12.672  5.014   1.00 12.92 ? 89  VAL A C   1 
ATOM   689  O O   . VAL A 1 89  ? 5.256   12.188  5.315   1.00 13.20 ? 89  VAL A O   1 
ATOM   690  C CB  . VAL A 1 89  ? 7.929   11.117  3.781   1.00 11.47 ? 89  VAL A CB  1 
ATOM   691  C CG1 . VAL A 1 89  ? 9.269   10.462  3.804   1.00 9.24  ? 89  VAL A CG1 1 
ATOM   692  C CG2 . VAL A 1 89  ? 6.853   10.106  3.372   1.00 10.29 ? 89  VAL A CG2 1 
ATOM   693  N N   . THR A 1 90  ? 6.510   13.903  4.518   1.00 13.23 ? 90  THR A N   1 
ATOM   694  C CA  . THR A 1 90  ? 5.398   14.814  4.303   1.00 13.78 ? 90  THR A CA  1 
ATOM   695  C C   . THR A 1 90  ? 5.008   14.829  2.832   1.00 15.15 ? 90  THR A C   1 
ATOM   696  O O   . THR A 1 90  ? 5.850   15.056  1.976   1.00 16.29 ? 90  THR A O   1 
ATOM   697  C CB  . THR A 1 90  ? 5.743   16.230  4.774   1.00 14.02 ? 90  THR A CB  1 
ATOM   698  O OG1 . THR A 1 90  ? 6.314   16.181  6.098   1.00 14.62 ? 90  THR A OG1 1 
ATOM   699  C CG2 . THR A 1 90  ? 4.499   17.085  4.829   1.00 12.19 ? 90  THR A CG2 1 
ATOM   700  N N   . PHE A 1 91  ? 3.761   14.522  2.526   1.00 15.88 ? 91  PHE A N   1 
ATOM   701  C CA  . PHE A 1 91  ? 3.261   14.657  1.140   1.00 19.21 ? 91  PHE A CA  1 
ATOM   702  C C   . PHE A 1 91  ? 2.894   16.112  0.771   1.00 21.17 ? 91  PHE A C   1 
ATOM   703  O O   . PHE A 1 91  ? 2.895   16.987  1.636   1.00 23.05 ? 91  PHE A O   1 
ATOM   704  C CB  . PHE A 1 91  ? 2.083   13.700  0.888   1.00 18.34 ? 91  PHE A CB  1 
ATOM   705  C CG  . PHE A 1 91  ? 2.515   12.309  0.505   1.00 17.84 ? 91  PHE A CG  1 
ATOM   706  C CD1 . PHE A 1 91  ? 3.149   11.472  1.432   1.00 17.28 ? 91  PHE A CD1 1 
ATOM   707  C CD2 . PHE A 1 91  ? 2.336   11.847  -0.797  1.00 15.81 ? 91  PHE A CD2 1 
ATOM   708  C CE1 . PHE A 1 91  ? 3.572   10.169  1.060   1.00 18.13 ? 91  PHE A CE1 1 
ATOM   709  C CE2 . PHE A 1 91  ? 2.733   10.561  -1.170  1.00 15.27 ? 91  PHE A CE2 1 
ATOM   710  C CZ  . PHE A 1 91  ? 3.359   9.717   -0.245  1.00 14.78 ? 91  PHE A CZ  1 
ATOM   711  N N   . THR A 1 92  ? 2.584   16.387  -0.492  1.00 23.36 ? 92  THR A N   1 
ATOM   712  C CA  . THR A 1 92  ? 2.463   17.797  -0.952  1.00 24.96 ? 92  THR A CA  1 
ATOM   713  C C   . THR A 1 92  ? 1.315   18.581  -0.296  1.00 26.06 ? 92  THR A C   1 
ATOM   714  O O   . THR A 1 92  ? 1.385   19.818  -0.234  1.00 27.42 ? 92  THR A O   1 
ATOM   715  C CB  . THR A 1 92  ? 2.431   17.969  -2.519  1.00 25.19 ? 92  THR A CB  1 
ATOM   716  O OG1 . THR A 1 92  ? 1.639   16.935  -3.134  1.00 26.01 ? 92  THR A OG1 1 
ATOM   717  C CG2 . THR A 1 92  ? 3.820   17.916  -3.098  1.00 24.39 ? 92  THR A CG2 1 
ATOM   718  N N   . ASP A 1 93  ? 0.298   17.878  0.215   1.00 26.24 ? 93  ASP A N   1 
ATOM   719  C CA  . ASP A 1 93  ? -0.869  18.517  0.870   1.00 26.77 ? 93  ASP A CA  1 
ATOM   720  C C   . ASP A 1 93  ? -0.709  18.775  2.380   1.00 26.03 ? 93  ASP A C   1 
ATOM   721  O O   . ASP A 1 93  ? -1.717  19.046  3.075   1.00 25.90 ? 93  ASP A O   1 
ATOM   722  C CB  . ASP A 1 93  ? -2.150  17.687  0.630   1.00 27.12 ? 93  ASP A CB  1 
ATOM   723  C CG  . ASP A 1 93  ? -1.985  16.242  1.031   1.00 30.03 ? 93  ASP A CG  1 
ATOM   724  O OD1 . ASP A 1 93  ? -0.895  15.882  1.549   1.00 34.44 ? 93  ASP A OD1 1 
ATOM   725  O OD2 . ASP A 1 93  ? -2.934  15.454  0.831   1.00 34.16 ? 93  ASP A OD2 1 
ATOM   726  N N   . GLY A 1 94  ? 0.534   18.637  2.866   1.00 25.34 ? 94  GLY A N   1 
ATOM   727  C CA  . GLY A 1 94  ? 0.890   18.740  4.293   1.00 24.25 ? 94  GLY A CA  1 
ATOM   728  C C   . GLY A 1 94  ? 0.685   17.472  5.103   1.00 24.08 ? 94  GLY A C   1 
ATOM   729  O O   . GLY A 1 94  ? 0.852   17.467  6.309   1.00 23.53 ? 94  GLY A O   1 
ATOM   730  N N   . LYS A 1 95  ? 0.291   16.382  4.455   1.00 24.08 ? 95  LYS A N   1 
ATOM   731  C CA  . LYS A 1 95  ? -0.039  15.164  5.199   1.00 23.89 ? 95  LYS A CA  1 
ATOM   732  C C   . LYS A 1 95  ? 1.193   14.290  5.462   1.00 22.26 ? 95  LYS A C   1 
ATOM   733  O O   . LYS A 1 95  ? 2.035   14.064  4.582   1.00 21.63 ? 95  LYS A O   1 
ATOM   734  C CB  . LYS A 1 95  ? -1.150  14.413  4.495   1.00 23.60 ? 95  LYS A CB  1 
ATOM   735  C CG  . LYS A 1 95  ? -2.524  15.010  4.735   1.00 26.09 ? 95  LYS A CG  1 
ATOM   736  C CD  . LYS A 1 95  ? -3.637  14.267  3.949   1.00 28.03 ? 95  LYS A CD  1 
ATOM   737  C CE  . LYS A 1 95  ? -4.922  14.037  4.811   1.00 36.39 ? 95  LYS A CE  1 
ATOM   738  N NZ  . LYS A 1 95  ? -4.710  13.192  6.106   1.00 37.32 ? 95  LYS A NZ  1 
ATOM   739  N N   . GLU A 1 96  ? 1.332   13.857  6.707   1.00 21.67 ? 96  GLU A N   1 
ATOM   740  C CA  . GLU A 1 96  ? 2.430   12.966  7.087   1.00 21.06 ? 96  GLU A CA  1 
ATOM   741  C C   . GLU A 1 96  ? 2.101   11.476  6.909   1.00 19.40 ? 96  GLU A C   1 
ATOM   742  O O   . GLU A 1 96  ? 0.959   11.064  7.149   1.00 20.10 ? 96  GLU A O   1 
ATOM   743  C CB  . GLU A 1 96  ? 2.917   13.285  8.478   1.00 20.85 ? 96  GLU A CB  1 
ATOM   744  C CG  . GLU A 1 96  ? 3.911   14.450  8.459   1.00 24.25 ? 96  GLU A CG  1 
ATOM   745  C CD  . GLU A 1 96  ? 4.445   14.776  9.849   1.00 29.17 ? 96  GLU A CD  1 
ATOM   746  O OE1 . GLU A 1 96  ? 5.670   14.568  10.109  1.00 32.63 ? 96  GLU A OE1 1 
ATOM   747  O OE2 . GLU A 1 96  ? 3.627   15.202  10.684  1.00 27.99 ? 96  GLU A OE2 1 
ATOM   748  N N   . VAL A 1 97  ? 3.081   10.702  6.433   1.00 16.56 ? 97  VAL A N   1 
ATOM   749  C CA  . VAL A 1 97  ? 2.894   9.276   6.141   1.00 15.31 ? 97  VAL A CA  1 
ATOM   750  C C   . VAL A 1 97  ? 4.026   8.484   6.679   1.00 14.37 ? 97  VAL A C   1 
ATOM   751  O O   . VAL A 1 97  ? 5.178   8.859   6.504   1.00 14.34 ? 97  VAL A O   1 
ATOM   752  C CB  . VAL A 1 97  ? 2.759   8.955   4.590   1.00 15.88 ? 97  VAL A CB  1 
ATOM   753  C CG1 . VAL A 1 97  ? 2.700   7.476   4.352   1.00 13.27 ? 97  VAL A CG1 1 
ATOM   754  C CG2 . VAL A 1 97  ? 1.493   9.661   4.026   1.00 16.29 ? 97  VAL A CG2 1 
ATOM   755  N N   . GLN A 1 98  ? 3.688   7.379   7.334   1.00 12.84 ? 98  GLN A N   1 
ATOM   756  C CA  . GLN A 1 98  ? 4.680   6.427   7.785   1.00 12.25 ? 98  GLN A CA  1 
ATOM   757  C C   . GLN A 1 98  ? 4.493   4.990   7.273   1.00 11.26 ? 98  GLN A C   1 
ATOM   758  O O   . GLN A 1 98  ? 5.403   4.193   7.328   1.00 9.24  ? 98  GLN A O   1 
ATOM   759  C CB  . GLN A 1 98  ? 4.777   6.442   9.297   1.00 12.01 ? 98  GLN A CB  1 
ATOM   760  C CG  . GLN A 1 98  ? 6.151   5.981   9.711   1.00 16.11 ? 98  GLN A CG  1 
ATOM   761  C CD  . GLN A 1 98  ? 6.456   6.252   11.169  1.00 19.99 ? 98  GLN A CD  1 
ATOM   762  O OE1 . GLN A 1 98  ? 7.581   6.015   11.623  1.00 18.86 ? 98  GLN A OE1 1 
ATOM   763  N NE2 . GLN A 1 98  ? 5.460   6.780   11.908  1.00 18.26 ? 98  GLN A NE2 1 
ATOM   764  N N   . VAL A 1 99  ? 3.288   4.657   6.800   1.00 12.28 ? 99  VAL A N   1 
ATOM   765  C CA  . VAL A 1 99  ? 3.008   3.311   6.272   1.00 11.83 ? 99  VAL A CA  1 
ATOM   766  C C   . VAL A 1 99  ? 2.464   3.422   4.849   1.00 11.60 ? 99  VAL A C   1 
ATOM   767  O O   . VAL A 1 99  ? 1.535   4.191   4.602   1.00 11.55 ? 99  VAL A O   1 
ATOM   768  C CB  . VAL A 1 99  ? 2.023   2.502   7.153   1.00 12.01 ? 99  VAL A CB  1 
ATOM   769  C CG1 . VAL A 1 99  ? 1.940   1.058   6.685   1.00 10.86 ? 99  VAL A CG1 1 
ATOM   770  C CG2 . VAL A 1 99  ? 2.416   2.568   8.637   1.00 13.37 ? 99  VAL A CG2 1 
ATOM   771  N N   . LEU A 1 100 ? 3.045   2.653   3.920   1.00 11.08 ? 100 LEU A N   1 
ATOM   772  C CA  . LEU A 1 100 ? 2.576   2.677   2.534   1.00 10.98 ? 100 LEU A CA  1 
ATOM   773  C C   . LEU A 1 100 ? 2.135   1.296   2.054   1.00 10.52 ? 100 LEU A C   1 
ATOM   774  O O   . LEU A 1 100 ? 2.881   0.318   2.129   1.00 11.66 ? 100 LEU A O   1 
ATOM   775  C CB  . LEU A 1 100 ? 3.585   3.340   1.569   1.00 10.62 ? 100 LEU A CB  1 
ATOM   776  C CG  . LEU A 1 100 ? 4.030   4.721   1.984   1.00 9.89  ? 100 LEU A CG  1 
ATOM   777  C CD1 . LEU A 1 100 ? 5.433   4.640   2.564   1.00 9.96  ? 100 LEU A CD1 1 
ATOM   778  C CD2 . LEU A 1 100 ? 4.033   5.616   0.778   1.00 9.80  ? 100 LEU A CD2 1 
ATOM   779  N N   . LEU A 1 101 ? 0.887   1.225   1.622   1.00 9.95  ? 101 LEU A N   1 
ATOM   780  C CA  . LEU A 1 101 ? 0.347   0.026   1.067   1.00 9.60  ? 101 LEU A CA  1 
ATOM   781  C C   . LEU A 1 101 ? -0.032  0.312   -0.409  1.00 10.53 ? 101 LEU A C   1 
ATOM   782  O O   . LEU A 1 101 ? -1.089  0.887   -0.688  1.00 10.24 ? 101 LEU A O   1 
ATOM   783  C CB  . LEU A 1 101 ? -0.826  -0.471  1.911   1.00 8.68  ? 101 LEU A CB  1 
ATOM   784  C CG  . LEU A 1 101 ? -1.094  -1.986  1.950   1.00 7.39  ? 101 LEU A CG  1 
ATOM   785  C CD1 . LEU A 1 101 ? -2.038  -2.321  3.142   1.00 8.89  ? 101 LEU A CD1 1 
ATOM   786  C CD2 . LEU A 1 101 ? -1.712  -2.447  0.622   1.00 2.00  ? 101 LEU A CD2 1 
ATOM   787  N N   . ALA A 1 102 ? 0.881   -0.027  -1.320  1.00 9.97  ? 102 ALA A N   1 
ATOM   788  C CA  . ALA A 1 102 ? 0.669   0.154   -2.752  1.00 10.22 ? 102 ALA A CA  1 
ATOM   789  C C   . ALA A 1 102 ? -0.277  -0.897  -3.277  1.00 10.67 ? 102 ALA A C   1 
ATOM   790  O O   . ALA A 1 102 ? -0.294  -2.037  -2.836  1.00 11.84 ? 102 ALA A O   1 
ATOM   791  C CB  . ALA A 1 102 ? 1.929   0.089   -3.485  1.00 9.43  ? 102 ALA A CB  1 
ATOM   792  N N   . LEU A 1 103 ? -1.045  -0.501  -4.259  1.00 11.16 ? 103 LEU A N   1 
ATOM   793  C CA  . LEU A 1 103 ? -2.174  -1.253  -4.678  1.00 11.14 ? 103 LEU A CA  1 
ATOM   794  C C   . LEU A 1 103 ? -2.022  -1.381  -6.174  1.00 10.66 ? 103 LEU A C   1 
ATOM   795  O O   . LEU A 1 103 ? -1.860  -0.342  -6.853  1.00 11.27 ? 103 LEU A O   1 
ATOM   796  C CB  . LEU A 1 103 ? -3.411  -0.383  -4.338  1.00 11.79 ? 103 LEU A CB  1 
ATOM   797  C CG  . LEU A 1 103 ? -4.826  -0.605  -4.895  1.00 13.14 ? 103 LEU A CG  1 
ATOM   798  C CD1 . LEU A 1 103 ? -5.105  -2.137  -5.073  1.00 14.56 ? 103 LEU A CD1 1 
ATOM   799  C CD2 . LEU A 1 103 ? -5.809  0.018   -3.897  1.00 10.39 ? 103 LEU A CD2 1 
ATOM   800  N N   . ALA A 1 104 ? -2.090  -2.605  -6.703  1.00 9.31  ? 104 ALA A N   1 
ATOM   801  C CA  . ALA A 1 104 ? -2.327  -2.798  -8.147  1.00 8.76  ? 104 ALA A CA  1 
ATOM   802  C C   . ALA A 1 104 ? -3.618  -3.551  -8.436  1.00 9.38  ? 104 ALA A C   1 
ATOM   803  O O   . ALA A 1 104 ? -3.694  -4.762  -8.134  1.00 10.28 ? 104 ALA A O   1 
ATOM   804  C CB  . ALA A 1 104 ? -1.145  -3.518  -8.810  1.00 8.29  ? 104 ALA A CB  1 
ATOM   805  N N   . ALA A 1 105 ? -4.595  -2.864  -9.045  1.00 9.23  ? 105 ALA A N   1 
ATOM   806  C CA  . ALA A 1 105 ? -5.899  -3.438  -9.399  1.00 11.43 ? 105 ALA A CA  1 
ATOM   807  C C   . ALA A 1 105 ? -6.130  -3.482  -10.910 1.00 12.30 ? 105 ALA A C   1 
ATOM   808  O O   . ALA A 1 105 ? -5.865  -2.510  -11.614 1.00 13.54 ? 105 ALA A O   1 
ATOM   809  C CB  . ALA A 1 105 ? -7.068  -2.650  -8.716  1.00 11.50 ? 105 ALA A CB  1 
ATOM   810  N N   . THR A 1 106 ? -6.657  -4.586  -11.411 1.00 13.14 ? 106 THR A N   1 
ATOM   811  C CA  . THR A 1 106 ? -6.847  -4.717  -12.865 1.00 13.80 ? 106 THR A CA  1 
ATOM   812  C C   . THR A 1 106 ? -8.111  -4.004  -13.407 1.00 14.72 ? 106 THR A C   1 
ATOM   813  O O   . THR A 1 106 ? -8.306  -3.898  -14.633 1.00 14.97 ? 106 THR A O   1 
ATOM   814  C CB  . THR A 1 106 ? -6.822  -6.180  -13.309 1.00 13.44 ? 106 THR A CB  1 
ATOM   815  O OG1 . THR A 1 106 ? -7.740  -6.935  -12.500 1.00 14.05 ? 106 THR A OG1 1 
ATOM   816  C CG2 . THR A 1 106 ? -5.382  -6.755  -13.216 1.00 10.58 ? 106 THR A CG2 1 
ATOM   817  N N   . SER A 1 107 ? -8.941  -3.492  -12.501 1.00 15.01 ? 107 SER A N   1 
ATOM   818  C CA  . SER A 1 107 ? -10.144 -2.742  -12.866 1.00 15.38 ? 107 SER A CA  1 
ATOM   819  C C   . SER A 1 107 ? -10.613 -1.943  -11.657 1.00 16.79 ? 107 SER A C   1 
ATOM   820  O O   . SER A 1 107 ? -10.321 -2.331  -10.510 1.00 16.33 ? 107 SER A O   1 
ATOM   821  C CB  . SER A 1 107 ? -11.253 -3.680  -13.306 1.00 15.06 ? 107 SER A CB  1 
ATOM   822  O OG  . SER A 1 107 ? -11.880 -4.261  -12.180 1.00 15.30 ? 107 SER A OG  1 
ATOM   823  N N   . SER A 1 108 ? -11.336 -0.838  -11.907 1.00 17.72 ? 108 SER A N   1 
ATOM   824  C CA  . SER A 1 108 ? -11.945 -0.042  -10.842 1.00 17.94 ? 108 SER A CA  1 
ATOM   825  C C   . SER A 1 108 ? -12.914 -0.872  -10.013 1.00 17.63 ? 108 SER A C   1 
ATOM   826  O O   . SER A 1 108 ? -13.090 -0.603  -8.849  1.00 18.79 ? 108 SER A O   1 
ATOM   827  C CB  . SER A 1 108 ? -12.670 1.183   -11.411 1.00 19.43 ? 108 SER A CB  1 
ATOM   828  O OG  . SER A 1 108 ? -13.860 0.820   -12.179 1.00 22.31 ? 108 SER A OG  1 
ATOM   829  N N   . LYS A 1 109 ? -13.520 -1.895  -10.600 1.00 16.87 ? 109 LYS A N   1 
ATOM   830  C CA  . LYS A 1 109 ? -14.461 -2.714  -9.884  1.00 16.89 ? 109 LYS A CA  1 
ATOM   831  C C   . LYS A 1 109 ? -13.781 -3.465  -8.750  1.00 17.26 ? 109 LYS A C   1 
ATOM   832  O O   . LYS A 1 109 ? -14.310 -3.504  -7.627  1.00 16.85 ? 109 LYS A O   1 
ATOM   833  C CB  . LYS A 1 109 ? -15.232 -3.658  -10.834 1.00 16.47 ? 109 LYS A CB  1 
ATOM   834  C CG  . LYS A 1 109 ? -16.204 -2.894  -11.700 1.00 15.32 ? 109 LYS A CG  1 
ATOM   835  C CD  . LYS A 1 109 ? -17.043 -3.763  -12.640 1.00 17.57 ? 109 LYS A CD  1 
ATOM   836  C CE  . LYS A 1 109 ? -17.448 -2.891  -13.861 1.00 18.33 ? 109 LYS A CE  1 
ATOM   837  N NZ  . LYS A 1 109 ? -16.228 -2.682  -14.744 1.00 24.34 ? 109 LYS A NZ  1 
ATOM   838  N N   . ILE A 1 110 ? -12.605 -4.043  -9.024  1.00 17.28 ? 110 ILE A N   1 
ATOM   839  C CA  . ILE A 1 110 ? -11.923 -4.780  -7.974  1.00 16.73 ? 110 ILE A CA  1 
ATOM   840  C C   . ILE A 1 110 ? -11.209 -3.843  -6.920  1.00 16.32 ? 110 ILE A C   1 
ATOM   841  O O   . ILE A 1 110 ? -11.110 -4.179  -5.718  1.00 16.10 ? 110 ILE A O   1 
ATOM   842  C CB  . ILE A 1 110 ? -11.090 -6.014  -8.506  1.00 17.09 ? 110 ILE A CB  1 
ATOM   843  C CG1 . ILE A 1 110 ? -9.616  -5.778  -8.377  1.00 16.96 ? 110 ILE A CG1 1 
ATOM   844  C CG2 . ILE A 1 110 ? -11.531 -6.530  -9.897  1.00 17.84 ? 110 ILE A CG2 1 
ATOM   845  C CD1 . ILE A 1 110 ? -9.087  -6.456  -7.180  1.00 20.84 ? 110 ILE A CD1 1 
ATOM   846  N N   . HIS A 1 111 ? -10.748 -2.679  -7.376  1.00 14.82 ? 111 HIS A N   1 
ATOM   847  C CA  . HIS A 1 111 ? -10.261 -1.594  -6.522  1.00 15.14 ? 111 HIS A CA  1 
ATOM   848  C C   . HIS A 1 111 ? -11.295 -1.266  -5.383  1.00 15.42 ? 111 HIS A C   1 
ATOM   849  O O   . HIS A 1 111 ? -10.979 -1.218  -4.179  1.00 14.45 ? 111 HIS A O   1 
ATOM   850  C CB  . HIS A 1 111 ? -10.034 -0.384  -7.435  1.00 15.50 ? 111 HIS A CB  1 
ATOM   851  C CG  . HIS A 1 111 ? -9.494  0.828   -6.747  1.00 19.21 ? 111 HIS A CG  1 
ATOM   852  N ND1 . HIS A 1 111 ? -10.310 1.792   -6.175  1.00 24.49 ? 111 HIS A ND1 1 
ATOM   853  C CD2 . HIS A 1 111 ? -8.226  1.271   -6.592  1.00 19.21 ? 111 HIS A CD2 1 
ATOM   854  C CE1 . HIS A 1 111 ? -9.560  2.753   -5.665  1.00 24.66 ? 111 HIS A CE1 1 
ATOM   855  N NE2 . HIS A 1 111 ? -8.291  2.464   -5.909  1.00 21.85 ? 111 HIS A NE2 1 
ATOM   856  N N   . THR A 1 112 ? -12.551 -1.096  -5.801  1.00 14.89 ? 112 THR A N   1 
ATOM   857  C CA  . THR A 1 112 ? -13.605 -0.662  -4.941  1.00 14.26 ? 112 THR A CA  1 
ATOM   858  C C   . THR A 1 112 ? -14.168 -1.797  -4.158  1.00 13.48 ? 112 THR A C   1 
ATOM   859  O O   . THR A 1 112 ? -14.346 -1.659  -2.947  1.00 13.58 ? 112 THR A O   1 
ATOM   860  C CB  . THR A 1 112 ? -14.720 0.057   -5.755  1.00 14.17 ? 112 THR A CB  1 
ATOM   861  O OG1 . THR A 1 112 ? -14.203 1.317   -6.163  1.00 15.48 ? 112 THR A OG1 1 
ATOM   862  C CG2 . THR A 1 112 ? -15.963 0.329   -4.894  1.00 16.00 ? 112 THR A CG2 1 
ATOM   863  N N   . SER A 1 113 ? -14.487 -2.909  -4.808  1.00 13.14 ? 113 SER A N   1 
ATOM   864  C CA  . SER A 1 113 ? -15.176 -3.939  -4.051  1.00 13.92 ? 113 SER A CA  1 
ATOM   865  C C   . SER A 1 113 ? -14.331 -5.023  -3.385  1.00 13.03 ? 113 SER A C   1 
ATOM   866  O O   . SER A 1 113 ? -14.838 -5.760  -2.514  1.00 13.25 ? 113 SER A O   1 
ATOM   867  C CB  . SER A 1 113 ? -16.357 -4.549  -4.812  1.00 14.79 ? 113 SER A CB  1 
ATOM   868  O OG  . SER A 1 113 ? -15.941 -5.526  -5.710  1.00 16.55 ? 113 SER A OG  1 
ATOM   869  N N   . VAL A 1 114 ? -13.072 -5.121  -3.774  1.00 11.81 ? 114 VAL A N   1 
ATOM   870  C CA  . VAL A 1 114 ? -12.186 -6.177  -3.243  1.00 11.21 ? 114 VAL A CA  1 
ATOM   871  C C   . VAL A 1 114 ? -10.951 -5.638  -2.453  1.00 10.91 ? 114 VAL A C   1 
ATOM   872  O O   . VAL A 1 114 ? -10.678 -6.113  -1.335  1.00 11.33 ? 114 VAL A O   1 
ATOM   873  C CB  . VAL A 1 114 ? -11.716 -7.164  -4.372  1.00 11.86 ? 114 VAL A CB  1 
ATOM   874  C CG1 . VAL A 1 114 ? -10.830 -8.254  -3.757  1.00 13.53 ? 114 VAL A CG1 1 
ATOM   875  C CG2 . VAL A 1 114 ? -12.891 -7.837  -5.117  1.00 7.87  ? 114 VAL A CG2 1 
ATOM   876  N N   . ALA A 1 115 ? -10.242 -4.664  -3.017  1.00 9.28  ? 115 ALA A N   1 
ATOM   877  C CA  . ALA A 1 115 ? -9.008  -4.100  -2.449  1.00 10.16 ? 115 ALA A CA  1 
ATOM   878  C C   . ALA A 1 115 ? -9.183  -3.169  -1.242  1.00 11.86 ? 115 ALA A C   1 
ATOM   879  O O   . ALA A 1 115 ? -8.520  -3.371  -0.206  1.00 13.82 ? 115 ALA A O   1 
ATOM   880  C CB  . ALA A 1 115 ? -8.266  -3.334  -3.533  1.00 10.29 ? 115 ALA A CB  1 
ATOM   881  N N   . ILE A 1 116 ? -10.048 -2.156  -1.377  1.00 11.06 ? 116 ILE A N   1 
ATOM   882  C CA  . ILE A 1 116 ? -10.325 -1.156  -0.339  1.00 10.84 ? 116 ILE A CA  1 
ATOM   883  C C   . ILE A 1 116 ? -10.936 -1.693  0.943   1.00 10.96 ? 116 ILE A C   1 
ATOM   884  O O   . ILE A 1 116 ? -10.457 -1.354  1.995   1.00 11.84 ? 116 ILE A O   1 
ATOM   885  C CB  . ILE A 1 116 ? -11.174 0.055   -0.898  1.00 11.94 ? 116 ILE A CB  1 
ATOM   886  C CG1 . ILE A 1 116 ? -10.272 1.089   -1.574  1.00 8.84  ? 116 ILE A CG1 1 
ATOM   887  C CG2 . ILE A 1 116 ? -12.129 0.696   0.177   1.00 9.68  ? 116 ILE A CG2 1 
ATOM   888  C CD1 . ILE A 1 116 ? -11.046 1.786   -2.638  1.00 12.82 ? 116 ILE A CD1 1 
ATOM   889  N N   . PRO A 1 117 ? -11.985 -2.544  0.867   1.00 11.39 ? 117 PRO A N   1 
ATOM   890  C CA  . PRO A 1 117 ? -12.429 -3.187  2.093   1.00 10.09 ? 117 PRO A CA  1 
ATOM   891  C C   . PRO A 1 117 ? -11.304 -3.918  2.890   1.00 9.78  ? 117 PRO A C   1 
ATOM   892  O O   . PRO A 1 117 ? -11.334 -3.924  4.119   1.00 10.26 ? 117 PRO A O   1 
ATOM   893  C CB  . PRO A 1 117 ? -13.425 -4.219  1.578   1.00 10.41 ? 117 PRO A CB  1 
ATOM   894  C CG  . PRO A 1 117 ? -13.808 -3.830  0.240   1.00 8.83  ? 117 PRO A CG  1 
ATOM   895  C CD  . PRO A 1 117 ? -12.746 -3.027  -0.315  1.00 10.94 ? 117 PRO A CD  1 
ATOM   896  N N   . GLN A 1 118 ? -10.339 -4.543  2.220   1.00 9.17  ? 118 GLN A N   1 
ATOM   897  C CA  . GLN A 1 118 ? -9.301  -5.304  2.925   1.00 9.27  ? 118 GLN A CA  1 
ATOM   898  C C   . GLN A 1 118 ? -8.293  -4.381  3.542   1.00 9.60  ? 118 GLN A C   1 
ATOM   899  O O   . GLN A 1 118 ? -7.760  -4.652  4.616   1.00 10.31 ? 118 GLN A O   1 
ATOM   900  C CB  . GLN A 1 118 ? -8.570  -6.237  1.970   1.00 10.32 ? 118 GLN A CB  1 
ATOM   901  C CG  . GLN A 1 118 ? -9.334  -7.525  1.656   1.00 6.85  ? 118 GLN A CG  1 
ATOM   902  C CD  . GLN A 1 118 ? -8.593  -8.371  0.664   1.00 7.86  ? 118 GLN A CD  1 
ATOM   903  O OE1 . GLN A 1 118 ? -8.740  -8.226  -0.579  1.00 11.68 ? 118 GLN A OE1 1 
ATOM   904  N NE2 . GLN A 1 118 ? -7.783  -9.264  1.180   1.00 5.67  ? 118 GLN A NE2 1 
ATOM   905  N N   . ILE A 1 119 ? -8.028  -3.278  2.850   1.00 10.43 ? 119 ILE A N   1 
ATOM   906  C CA  . ILE A 1 119 ? -7.108  -2.268  3.331   1.00 10.39 ? 119 ILE A CA  1 
ATOM   907  C C   . ILE A 1 119 ? -7.694  -1.570  4.571   1.00 11.35 ? 119 ILE A C   1 
ATOM   908  O O   . ILE A 1 119 ? -6.975  -1.390  5.574   1.00 9.00  ? 119 ILE A O   1 
ATOM   909  C CB  . ILE A 1 119 ? -6.727  -1.294  2.211   1.00 10.43 ? 119 ILE A CB  1 
ATOM   910  C CG1 . ILE A 1 119 ? -5.804  -2.034  1.227   1.00 10.62 ? 119 ILE A CG1 1 
ATOM   911  C CG2 . ILE A 1 119 ? -6.103  0.014   2.778   1.00 7.42  ? 119 ILE A CG2 1 
ATOM   912  C CD1 . ILE A 1 119 ? -5.713  -1.414  -0.193  1.00 10.91 ? 119 ILE A CD1 1 
ATOM   913  N N   . ILE A 1 120 ? -8.986  -1.232  4.512   1.00 12.12 ? 120 ILE A N   1 
ATOM   914  C CA  . ILE A 1 120 ? -9.587  -0.553  5.631   1.00 14.87 ? 120 ILE A CA  1 
ATOM   915  C C   . ILE A 1 120 ? -9.743  -1.443  6.890   1.00 14.77 ? 120 ILE A C   1 
ATOM   916  O O   . ILE A 1 120 ? -9.461  -0.975  8.010   1.00 14.71 ? 120 ILE A O   1 
ATOM   917  C CB  . ILE A 1 120 ? -10.809 0.418   5.276   1.00 16.24 ? 120 ILE A CB  1 
ATOM   918  C CG1 . ILE A 1 120 ? -12.071 -0.280  4.893   1.00 18.57 ? 120 ILE A CG1 1 
ATOM   919  C CG2 . ILE A 1 120 ? -10.458 1.458   4.146   1.00 15.63 ? 120 ILE A CG2 1 
ATOM   920  C CD1 . ILE A 1 120 ? -12.799 0.616   3.769   1.00 22.06 ? 120 ILE A CD1 1 
ATOM   921  N N   . ALA A 1 121 ? -10.061 -2.726  6.688   1.00 14.82 ? 121 ALA A N   1 
ATOM   922  C CA  . ALA A 1 121 ? -10.007 -3.743  7.776   1.00 14.87 ? 121 ALA A CA  1 
ATOM   923  C C   . ALA A 1 121 ? -8.665  -3.758  8.540   1.00 14.30 ? 121 ALA A C   1 
ATOM   924  O O   . ALA A 1 121 ? -8.644  -3.745  9.759   1.00 14.45 ? 121 ALA A O   1 
ATOM   925  C CB  . ALA A 1 121 ? -10.304 -5.153  7.217   1.00 14.77 ? 121 ALA A CB  1 
ATOM   926  N N   . LEU A 1 122 ? -7.554  -3.806  7.807   1.00 13.75 ? 122 LEU A N   1 
ATOM   927  C CA  . LEU A 1 122 ? -6.200  -3.772  8.410   1.00 12.86 ? 122 LEU A CA  1 
ATOM   928  C C   . LEU A 1 122 ? -5.988  -2.523  9.282   1.00 13.09 ? 122 LEU A C   1 
ATOM   929  O O   . LEU A 1 122 ? -5.632  -2.641  10.479  1.00 13.06 ? 122 LEU A O   1 
ATOM   930  C CB  . LEU A 1 122 ? -5.143  -3.868  7.305   1.00 11.75 ? 122 LEU A CB  1 
ATOM   931  C CG  . LEU A 1 122 ? -3.683  -3.853  7.728   1.00 13.33 ? 122 LEU A CG  1 
ATOM   932  C CD1 . LEU A 1 122 ? -3.388  -5.046  8.681   1.00 13.58 ? 122 LEU A CD1 1 
ATOM   933  C CD2 . LEU A 1 122 ? -2.776  -3.939  6.449   1.00 12.64 ? 122 LEU A CD2 1 
ATOM   934  N N   . PHE A 1 123 ? -6.269  -1.344  8.698   1.00 11.61 ? 123 PHE A N   1 
ATOM   935  C CA  . PHE A 1 123 ? -6.030  -0.087  9.336   1.00 11.54 ? 123 PHE A CA  1 
ATOM   936  C C   . PHE A 1 123 ? -7.027  0.276   10.420  1.00 12.06 ? 123 PHE A C   1 
ATOM   937  O O   . PHE A 1 123 ? -6.754  1.138   11.222  1.00 11.31 ? 123 PHE A O   1 
ATOM   938  C CB  . PHE A 1 123 ? -5.870  1.018   8.301   1.00 11.37 ? 123 PHE A CB  1 
ATOM   939  C CG  . PHE A 1 123 ? -4.567  0.947   7.588   1.00 12.84 ? 123 PHE A CG  1 
ATOM   940  C CD1 . PHE A 1 123 ? -3.399  1.436   8.193   1.00 9.44  ? 123 PHE A CD1 1 
ATOM   941  C CD2 . PHE A 1 123 ? -4.482  0.359   6.319   1.00 12.17 ? 123 PHE A CD2 1 
ATOM   942  C CE1 . PHE A 1 123 ? -2.179  1.342   7.537   1.00 10.95 ? 123 PHE A CE1 1 
ATOM   943  C CE2 . PHE A 1 123 ? -3.261  0.263   5.652   1.00 12.91 ? 123 PHE A CE2 1 
ATOM   944  C CZ  . PHE A 1 123 ? -2.100  0.755   6.265   1.00 11.89 ? 123 PHE A CZ  1 
ATOM   945  N N   . GLU A 1 124 ? -8.162  -0.397  10.482  1.00 13.22 ? 124 GLU A N   1 
ATOM   946  C CA  . GLU A 1 124 ? -9.065  -0.185  11.627  1.00 14.47 ? 124 GLU A CA  1 
ATOM   947  C C   . GLU A 1 124 ? -8.821  -1.056  12.873  1.00 15.23 ? 124 GLU A C   1 
ATOM   948  O O   . GLU A 1 124 ? -9.613  -1.015  13.815  1.00 16.30 ? 124 GLU A O   1 
ATOM   949  C CB  . GLU A 1 124 ? -10.516 -0.307  11.186  1.00 13.82 ? 124 GLU A CB  1 
ATOM   950  C CG  . GLU A 1 124 ? -10.909 0.837   10.232  1.00 15.63 ? 124 GLU A CG  1 
ATOM   951  C CD  . GLU A 1 124 ? -12.361 0.812   9.875   1.00 15.32 ? 124 GLU A CD  1 
ATOM   952  O OE1 . GLU A 1 124 ? -13.063 -0.199  10.190  1.00 13.02 ? 124 GLU A OE1 1 
ATOM   953  O OE2 . GLU A 1 124 ? -12.792 1.814   9.273   1.00 13.15 ? 124 GLU A OE2 1 
ATOM   954  N N   . LEU A 1 125 ? -7.785  -1.888  12.868  1.00 15.72 ? 125 LEU A N   1 
ATOM   955  C CA  . LEU A 1 125 ? -7.386  -2.578  14.090  1.00 16.10 ? 125 LEU A CA  1 
ATOM   956  C C   . LEU A 1 125 ? -6.949  -1.511  15.090  1.00 16.89 ? 125 LEU A C   1 
ATOM   957  O O   . LEU A 1 125 ? -6.590  -0.389  14.685  1.00 15.74 ? 125 LEU A O   1 
ATOM   958  C CB  . LEU A 1 125 ? -6.219  -3.500  13.791  1.00 15.05 ? 125 LEU A CB  1 
ATOM   959  C CG  . LEU A 1 125 ? -6.628  -4.669  12.932  1.00 15.26 ? 125 LEU A CG  1 
ATOM   960  C CD1 . LEU A 1 125 ? -5.399  -5.495  12.524  1.00 14.55 ? 125 LEU A CD1 1 
ATOM   961  C CD2 . LEU A 1 125 ? -7.686  -5.498  13.652  1.00 12.09 ? 125 LEU A CD2 1 
ATOM   962  N N   . ASP A 1 126 ? -6.932  -1.826  16.376  1.00 18.29 ? 126 ASP A N   1 
ATOM   963  C CA  . ASP A 1 126 ? -6.468  -0.801  17.326  1.00 20.78 ? 126 ASP A CA  1 
ATOM   964  C C   . ASP A 1 126 ? -4.999  -0.479  17.183  1.00 20.16 ? 126 ASP A C   1 
ATOM   965  O O   . ASP A 1 126 ? -4.201  -1.358  17.005  1.00 21.11 ? 126 ASP A O   1 
ATOM   966  C CB  . ASP A 1 126 ? -6.857  -1.112  18.789  1.00 22.17 ? 126 ASP A CB  1 
ATOM   967  C CG  . ASP A 1 126 ? -7.921  -0.098  19.318  1.00 29.63 ? 126 ASP A CG  1 
ATOM   968  O OD1 . ASP A 1 126 ? -7.521  0.836   20.086  1.00 31.16 ? 126 ASP A OD1 1 
ATOM   969  O OD2 . ASP A 1 126 ? -9.135  -0.198  18.886  1.00 33.81 ? 126 ASP A OD2 1 
ATOM   970  N N   . HIS A 1 127 ? -4.661  0.797   17.213  1.00 20.79 ? 127 HIS A N   1 
ATOM   971  C CA  . HIS A 1 127 ? -3.304  1.266   17.090  1.00 21.10 ? 127 HIS A CA  1 
ATOM   972  C C   . HIS A 1 127 ? -2.654  0.625   15.870  1.00 20.34 ? 127 HIS A C   1 
ATOM   973  O O   . HIS A 1 127 ? -1.501  0.158   15.975  1.00 19.79 ? 127 HIS A O   1 
ATOM   974  C CB  . HIS A 1 127 ? -2.486  0.854   18.324  1.00 22.27 ? 127 HIS A CB  1 
ATOM   975  C CG  . HIS A 1 127 ? -3.125  1.182   19.640  1.00 26.57 ? 127 HIS A CG  1 
ATOM   976  N ND1 . HIS A 1 127 ? -3.405  2.476   20.038  1.00 28.08 ? 127 HIS A ND1 1 
ATOM   977  C CD2 . HIS A 1 127 ? -3.506  0.380   20.662  1.00 29.66 ? 127 HIS A CD2 1 
ATOM   978  C CE1 . HIS A 1 127 ? -3.939  2.453   21.242  1.00 29.72 ? 127 HIS A CE1 1 
ATOM   979  N NE2 . HIS A 1 127 ? -4.018  1.194   21.641  1.00 31.17 ? 127 HIS A NE2 1 
ATOM   980  N N   . SER A 1 128 ? -3.372  0.568   14.736  1.00 19.34 ? 128 SER A N   1 
ATOM   981  C CA  . SER A 1 128 ? -2.866  -0.169  13.540  1.00 18.23 ? 128 SER A CA  1 
ATOM   982  C C   . SER A 1 128 ? -1.579  0.440   12.988  1.00 17.38 ? 128 SER A C   1 
ATOM   983  O O   . SER A 1 128 ? -0.669  -0.282  12.667  1.00 17.70 ? 128 SER A O   1 
ATOM   984  C CB  . SER A 1 128 ? -3.917  -0.296  12.439  1.00 18.10 ? 128 SER A CB  1 
ATOM   985  O OG  . SER A 1 128 ? -4.289  0.990   11.946  1.00 19.17 ? 128 SER A OG  1 
ATOM   986  N N   . ILE A 1 129 ? -1.495  1.761   12.930  1.00 16.62 ? 129 ILE A N   1 
ATOM   987  C CA  . ILE A 1 129 ? -0.307  2.443   12.470  1.00 16.74 ? 129 ILE A CA  1 
ATOM   988  C C   . ILE A 1 129 ? 0.875   2.183   13.395  1.00 16.80 ? 129 ILE A C   1 
ATOM   989  O O   . ILE A 1 129 ? 1.981   1.864   12.930  1.00 17.65 ? 129 ILE A O   1 
ATOM   990  C CB  . ILE A 1 129 ? -0.547  3.981   12.295  1.00 16.98 ? 129 ILE A CB  1 
ATOM   991  C CG1 . ILE A 1 129 ? -1.666  4.239   11.292  1.00 18.49 ? 129 ILE A CG1 1 
ATOM   992  C CG2 . ILE A 1 129 ? 0.718   4.709   11.830  1.00 16.98 ? 129 ILE A CG2 1 
ATOM   993  C CD1 . ILE A 1 129 ? -1.240  4.126   9.833   1.00 24.30 ? 129 ILE A CD1 1 
ATOM   994  N N   . GLU A 1 130 ? 0.656   2.294   14.700  1.00 16.26 ? 130 GLU A N   1 
ATOM   995  C CA  . GLU A 1 130 ? 1.729   2.090   15.653  1.00 16.75 ? 130 GLU A CA  1 
ATOM   996  C C   . GLU A 1 130 ? 2.184   0.635   15.703  1.00 15.83 ? 130 GLU A C   1 
ATOM   997  O O   . GLU A 1 130 ? 3.326   0.345   15.974  1.00 16.14 ? 130 GLU A O   1 
ATOM   998  C CB  . GLU A 1 130 ? 1.237   2.510   17.032  1.00 16.51 ? 130 GLU A CB  1 
ATOM   999  C CG  . GLU A 1 130 ? 2.034   2.005   18.213  1.00 17.53 ? 130 GLU A CG  1 
ATOM   1000 C CD  . GLU A 1 130 ? 1.474   2.534   19.568  1.00 20.31 ? 130 GLU A CD  1 
ATOM   1001 O OE1 . GLU A 1 130 ? 1.445   3.798   19.787  1.00 25.05 ? 130 GLU A OE1 1 
ATOM   1002 O OE2 . GLU A 1 130 ? 1.060   1.688   20.396  1.00 21.07 ? 130 GLU A OE2 1 
ATOM   1003 N N   . ARG A 1 131 ? 1.269   -0.291  15.495  1.00 15.71 ? 131 ARG A N   1 
ATOM   1004 C CA  . ARG A 1 131 ? 1.616   -1.674  15.550  1.00 15.92 ? 131 ARG A CA  1 
ATOM   1005 C C   . ARG A 1 131 ? 2.355   -2.055  14.237  1.00 15.39 ? 131 ARG A C   1 
ATOM   1006 O O   . ARG A 1 131 ? 3.411   -2.688  14.296  1.00 16.22 ? 131 ARG A O   1 
ATOM   1007 C CB  . ARG A 1 131 ? 0.384   -2.524  15.840  1.00 15.07 ? 131 ARG A CB  1 
ATOM   1008 C CG  . ARG A 1 131 ? -0.207  -2.304  17.258  1.00 18.36 ? 131 ARG A CG  1 
ATOM   1009 C CD  . ARG A 1 131 ? -1.658  -2.919  17.422  1.00 17.27 ? 131 ARG A CD  1 
ATOM   1010 N NE  . ARG A 1 131 ? -1.605  -4.348  17.151  1.00 20.85 ? 131 ARG A NE  1 
ATOM   1011 C CZ  . ARG A 1 131 ? -2.610  -5.102  16.730  1.00 21.00 ? 131 ARG A CZ  1 
ATOM   1012 N NH1 . ARG A 1 131 ? -3.812  -4.575  16.515  1.00 22.75 ? 131 ARG A NH1 1 
ATOM   1013 N NH2 . ARG A 1 131 ? -2.390  -6.397  16.533  1.00 19.84 ? 131 ARG A NH2 1 
ATOM   1014 N N   . LEU A 1 132 ? 1.857   -1.607  13.084  1.00 13.67 ? 132 LEU A N   1 
ATOM   1015 C CA  . LEU A 1 132 ? 2.534   -1.847  11.777  1.00 12.88 ? 132 LEU A CA  1 
ATOM   1016 C C   . LEU A 1 132 ? 3.998   -1.392  11.735  1.00 12.64 ? 132 LEU A C   1 
ATOM   1017 O O   . LEU A 1 132 ? 4.888   -2.130  11.284  1.00 12.46 ? 132 LEU A O   1 
ATOM   1018 C CB  . LEU A 1 132 ? 1.722   -1.200  10.662  1.00 12.62 ? 132 LEU A CB  1 
ATOM   1019 C CG  . LEU A 1 132 ? 0.534   -2.076  10.226  1.00 10.78 ? 132 LEU A CG  1 
ATOM   1020 C CD1 . LEU A 1 132 ? -0.281  -1.350  9.213   1.00 12.88 ? 132 LEU A CD1 1 
ATOM   1021 C CD2 . LEU A 1 132 ? 1.071   -3.342  9.634   1.00 9.14  ? 132 LEU A CD2 1 
ATOM   1022 N N   . VAL A 1 133 ? 4.221   -0.191  12.286  1.00 12.43 ? 133 VAL A N   1 
ATOM   1023 C CA  . VAL A 1 133 ? 5.526   0.436   12.438  1.00 11.46 ? 133 VAL A CA  1 
ATOM   1024 C C   . VAL A 1 133 ? 6.474   -0.366  13.396  1.00 11.51 ? 133 VAL A C   1 
ATOM   1025 O O   . VAL A 1 133 ? 7.692   -0.378  13.207  1.00 10.98 ? 133 VAL A O   1 
ATOM   1026 C CB  . VAL A 1 133 ? 5.335   1.972   12.789  1.00 11.10 ? 133 VAL A CB  1 
ATOM   1027 C CG1 . VAL A 1 133 ? 6.607   2.642   13.239  1.00 10.84 ? 133 VAL A CG1 1 
ATOM   1028 C CG2 . VAL A 1 133 ? 4.784   2.753   11.567  1.00 11.12 ? 133 VAL A CG2 1 
ATOM   1029 N N   . ASN A 1 134 ? 5.933   -1.017  14.417  1.00 11.87 ? 134 ASN A N   1 
ATOM   1030 C CA  . ASN A 1 134 ? 6.766   -1.878  15.307  1.00 13.60 ? 134 ASN A CA  1 
ATOM   1031 C C   . ASN A 1 134 ? 6.956   -3.337  14.819  1.00 13.02 ? 134 ASN A C   1 
ATOM   1032 O O   . ASN A 1 134 ? 7.485   -4.145  15.557  1.00 13.46 ? 134 ASN A O   1 
ATOM   1033 C CB  . ASN A 1 134 ? 6.203   -1.927  16.739  1.00 14.54 ? 134 ASN A CB  1 
ATOM   1034 C CG  . ASN A 1 134 ? 6.363   -0.593  17.500  1.00 17.76 ? 134 ASN A CG  1 
ATOM   1035 O OD1 . ASN A 1 134 ? 7.358   0.139   17.287  1.00 20.25 ? 134 ASN A OD1 1 
ATOM   1036 N ND2 . ASN A 1 134 ? 5.394   -0.289  18.426  1.00 11.74 ? 134 ASN A ND2 1 
ATOM   1037 N N   . CYS A 1 135 ? 6.474   -3.662  13.610  1.00 12.97 ? 135 CYS A N   1 
ATOM   1038 C CA  . CYS A 1 135 ? 6.657   -4.977  12.982  1.00 12.41 ? 135 CYS A CA  1 
ATOM   1039 C C   . CYS A 1 135 ? 8.045   -5.076  12.416  1.00 12.40 ? 135 CYS A C   1 
ATOM   1040 O O   . CYS A 1 135 ? 8.517   -4.148  11.716  1.00 12.31 ? 135 CYS A O   1 
ATOM   1041 C CB  . CYS A 1 135 ? 5.636   -5.225  11.852  1.00 12.81 ? 135 CYS A CB  1 
ATOM   1042 S SG  . CYS A 1 135 ? 4.005   -5.754  12.443  1.00 12.33 ? 135 CYS A SG  1 
ATOM   1043 N N   . LYS A 1 136 ? 8.703   -6.184  12.764  1.00 12.26 ? 136 LYS A N   1 
ATOM   1044 C CA  . LYS A 1 136 ? 10.066  -6.504  12.337  1.00 12.08 ? 136 LYS A CA  1 
ATOM   1045 C C   . LYS A 1 136 ? 10.114  -7.491  11.165  1.00 10.88 ? 136 LYS A C   1 
ATOM   1046 O O   . LYS A 1 136 ? 11.021  -7.441  10.359  1.00 11.21 ? 136 LYS A O   1 
ATOM   1047 C CB  . LYS A 1 136 ? 10.799  -7.157  13.491  1.00 13.39 ? 136 LYS A CB  1 
ATOM   1048 C CG  . LYS A 1 136 ? 11.677  -6.244  14.312  1.00 21.35 ? 136 LYS A CG  1 
ATOM   1049 C CD  . LYS A 1 136 ? 11.070  -5.865  15.685  1.00 30.60 ? 136 LYS A CD  1 
ATOM   1050 C CE  . LYS A 1 136 ? 11.593  -4.445  16.118  1.00 35.44 ? 136 LYS A CE  1 
ATOM   1051 N NZ  . LYS A 1 136 ? 10.923  -3.900  17.331  1.00 36.83 ? 136 LYS A NZ  1 
ATOM   1052 N N   . THR A 1 137 ? 9.147   -8.399  11.074  1.00 9.55  ? 137 THR A N   1 
ATOM   1053 C CA  . THR A 1 137 ? 9.182   -9.464  10.100  1.00 9.50  ? 137 THR A CA  1 
ATOM   1054 C C   . THR A 1 137 ? 7.863   -9.517  9.387   1.00 9.96  ? 137 THR A C   1 
ATOM   1055 O O   . THR A 1 137 ? 6.836   -9.132  9.965   1.00 10.10 ? 137 THR A O   1 
ATOM   1056 C CB  . THR A 1 137 ? 9.419   -10.857 10.767  1.00 9.43  ? 137 THR A CB  1 
ATOM   1057 O OG1 . THR A 1 137 ? 8.347   -11.125 11.687  1.00 12.07 ? 137 THR A OG1 1 
ATOM   1058 C CG2 . THR A 1 137 ? 10.764  -10.894 11.506  1.00 6.92  ? 137 THR A CG2 1 
ATOM   1059 N N   . PRO A 1 138 ? 7.875   -9.969  8.116   1.00 10.20 ? 138 PRO A N   1 
ATOM   1060 C CA  . PRO A 1 138 ? 6.625   -10.146 7.392   1.00 10.25 ? 138 PRO A CA  1 
ATOM   1061 C C   . PRO A 1 138 ? 5.586   -10.969 8.144   1.00 11.21 ? 138 PRO A C   1 
ATOM   1062 O O   . PRO A 1 138 ? 4.383   -10.670 8.051   1.00 12.93 ? 138 PRO A O   1 
ATOM   1063 C CB  . PRO A 1 138 ? 7.066   -10.871 6.078   1.00 11.27 ? 138 PRO A CB  1 
ATOM   1064 C CG  . PRO A 1 138 ? 8.505   -10.461 5.873   1.00 9.18  ? 138 PRO A CG  1 
ATOM   1065 C CD  . PRO A 1 138 ? 9.072   -10.211 7.271   1.00 8.66  ? 138 PRO A CD  1 
ATOM   1066 N N   . GLU A 1 139 ? 6.003   -12.027 8.831   1.00 11.42 ? 139 GLU A N   1 
ATOM   1067 C CA  . GLU A 1 139 ? 5.098   -12.859 9.642   1.00 12.33 ? 139 GLU A CA  1 
ATOM   1068 C C   . GLU A 1 139 ? 4.270   -12.087 10.678  1.00 11.46 ? 139 GLU A C   1 
ATOM   1069 O O   . GLU A 1 139 ? 3.107   -12.388 10.901  1.00 11.32 ? 139 GLU A O   1 
ATOM   1070 C CB  . GLU A 1 139 ? 5.866   -14.007 10.335  1.00 13.81 ? 139 GLU A CB  1 
ATOM   1071 C CG  . GLU A 1 139 ? 6.270   -15.190 9.436   1.00 18.58 ? 139 GLU A CG  1 
ATOM   1072 C CD  . GLU A 1 139 ? 7.080   -14.785 8.177   1.00 26.08 ? 139 GLU A CD  1 
ATOM   1073 O OE1 . GLU A 1 139 ? 8.169   -14.160 8.302   1.00 28.34 ? 139 GLU A OE1 1 
ATOM   1074 O OE2 . GLU A 1 139 ? 6.622   -15.111 7.049   1.00 31.19 ? 139 GLU A OE2 1 
ATOM   1075 N N   . GLU A 1 140 ? 4.864   -11.071 11.276  1.00 10.82 ? 140 GLU A N   1 
ATOM   1076 C CA  . GLU A 1 140 ? 4.146   -10.180 12.202  1.00 11.48 ? 140 GLU A CA  1 
ATOM   1077 C C   . GLU A 1 140 ? 3.026   -9.388  11.581  1.00 10.10 ? 140 GLU A C   1 
ATOM   1078 O O   . GLU A 1 140 ? 1.968   -9.274  12.199  1.00 10.58 ? 140 GLU A O   1 
ATOM   1079 C CB  . GLU A 1 140 ? 5.116   -9.220  12.913  1.00 11.26 ? 140 GLU A CB  1 
ATOM   1080 C CG  . GLU A 1 140 ? 5.901   -9.923  13.943  1.00 15.84 ? 140 GLU A CG  1 
ATOM   1081 C CD  . GLU A 1 140 ? 7.049   -9.094  14.508  1.00 23.45 ? 140 GLU A CD  1 
ATOM   1082 O OE1 . GLU A 1 140 ? 6.862   -7.923  14.910  1.00 23.48 ? 140 GLU A OE1 1 
ATOM   1083 O OE2 . GLU A 1 140 ? 8.150   -9.665  14.588  1.00 30.20 ? 140 GLU A OE2 1 
ATOM   1084 N N   . VAL A 1 141 ? 3.280   -8.830  10.383  1.00 9.18  ? 141 VAL A N   1 
ATOM   1085 C CA  . VAL A 1 141 ? 2.302   -8.099  9.630   1.00 8.43  ? 141 VAL A CA  1 
ATOM   1086 C C   . VAL A 1 141 ? 1.155   -9.001  9.226   1.00 8.82  ? 141 VAL A C   1 
ATOM   1087 O O   . VAL A 1 141 ? -0.003  -8.612  9.327   1.00 9.09  ? 141 VAL A O   1 
ATOM   1088 C CB  . VAL A 1 141 ? 2.897   -7.408  8.333   1.00 8.89  ? 141 VAL A CB  1 
ATOM   1089 C CG1 . VAL A 1 141 ? 1.753   -6.843  7.427   1.00 7.18  ? 141 VAL A CG1 1 
ATOM   1090 C CG2 . VAL A 1 141 ? 3.811   -6.322  8.681   1.00 6.46  ? 141 VAL A CG2 1 
ATOM   1091 N N   . LEU A 1 142 ? 1.490   -10.178 8.728   1.00 10.00 ? 142 LEU A N   1 
ATOM   1092 C CA  . LEU A 1 142 ? 0.481   -11.194 8.360   1.00 11.48 ? 142 LEU A CA  1 
ATOM   1093 C C   . LEU A 1 142 ? -0.333  -11.645 9.578   1.00 12.04 ? 142 LEU A C   1 
ATOM   1094 O O   . LEU A 1 142 ? -1.537  -11.852 9.457   1.00 13.08 ? 142 LEU A O   1 
ATOM   1095 C CB  . LEU A 1 142 ? 1.130   -12.411 7.722   1.00 10.71 ? 142 LEU A CB  1 
ATOM   1096 C CG  . LEU A 1 142 ? 1.877   -12.240 6.421   1.00 10.86 ? 142 LEU A CG  1 
ATOM   1097 C CD1 . LEU A 1 142 ? 2.663   -13.507 6.170   1.00 11.52 ? 142 LEU A CD1 1 
ATOM   1098 C CD2 . LEU A 1 142 ? 0.905   -11.976 5.293   1.00 9.33  ? 142 LEU A CD2 1 
ATOM   1099 N N   . ALA A 1 143 ? 0.274   -11.757 10.764  1.00 12.23 ? 143 ALA A N   1 
ATOM   1100 C CA  . ALA A 1 143 ? -0.582  -12.014 11.940  1.00 12.14 ? 143 ALA A CA  1 
ATOM   1101 C C   . ALA A 1 143 ? -1.653  -10.900 12.101  1.00 12.14 ? 143 ALA A C   1 
ATOM   1102 O O   . ALA A 1 143 ? -2.846  -11.207 12.282  1.00 12.53 ? 143 ALA A O   1 
ATOM   1103 C CB  . ALA A 1 143 ? 0.238   -12.221 13.215  1.00 12.20 ? 143 ALA A CB  1 
ATOM   1104 N N   . MET A 1 144 ? -1.257  -9.638  11.961  1.00 11.28 ? 144 MET A N   1 
ATOM   1105 C CA  . MET A 1 144 ? -2.237  -8.542  11.852  1.00 12.08 ? 144 MET A CA  1 
ATOM   1106 C C   . MET A 1 144 ? -3.285  -8.676  10.748  1.00 11.80 ? 144 MET A C   1 
ATOM   1107 O O   . MET A 1 144 ? -4.452  -8.378  10.963  1.00 10.58 ? 144 MET A O   1 
ATOM   1108 C CB  . MET A 1 144 ? -1.544  -7.199  11.702  1.00 11.92 ? 144 MET A CB  1 
ATOM   1109 C CG  . MET A 1 144 ? -0.882  -6.750  12.991  1.00 12.47 ? 144 MET A CG  1 
ATOM   1110 S SD  . MET A 1 144 ? -0.080  -5.139  12.838  1.00 15.30 ? 144 MET A SD  1 
ATOM   1111 C CE  . MET A 1 144 ? -1.457  -4.010  12.585  1.00 16.41 ? 144 MET A CE  1 
ATOM   1112 N N   . VAL A 1 145 ? -2.879  -9.137  9.568   1.00 12.18 ? 145 VAL A N   1 
ATOM   1113 C CA  . VAL A 1 145 ? -3.824  -9.348  8.489   1.00 12.80 ? 145 VAL A CA  1 
ATOM   1114 C C   . VAL A 1 145 ? -4.861  -10.390 8.890   1.00 14.97 ? 145 VAL A C   1 
ATOM   1115 O O   . VAL A 1 145 ? -6.048  -10.184 8.656   1.00 14.07 ? 145 VAL A O   1 
ATOM   1116 C CB  . VAL A 1 145 ? -3.140  -9.725  7.161   1.00 13.27 ? 145 VAL A CB  1 
ATOM   1117 C CG1 . VAL A 1 145 ? -4.158  -10.258 6.157   1.00 11.40 ? 145 VAL A CG1 1 
ATOM   1118 C CG2 . VAL A 1 145 ? -2.354  -8.523  6.585   1.00 10.80 ? 145 VAL A CG2 1 
ATOM   1119 N N   . GLU A 1 146 ? -4.420  -11.487 9.525   1.00 16.47 ? 146 GLU A N   1 
ATOM   1120 C CA  . GLU A 1 146 ? -5.356  -12.487 10.050  1.00 19.00 ? 146 GLU A CA  1 
ATOM   1121 C C   . GLU A 1 146 ? -6.421  -11.871 10.978  1.00 18.29 ? 146 GLU A C   1 
ATOM   1122 O O   . GLU A 1 146 ? -7.608  -12.130 10.853  1.00 17.45 ? 146 GLU A O   1 
ATOM   1123 C CB  . GLU A 1 146 ? -4.591  -13.587 10.813  1.00 20.37 ? 146 GLU A CB  1 
ATOM   1124 C CG  . GLU A 1 146 ? -3.686  -14.394 9.929   1.00 26.32 ? 146 GLU A CG  1 
ATOM   1125 C CD  . GLU A 1 146 ? -4.499  -15.062 8.871   1.00 36.82 ? 146 GLU A CD  1 
ATOM   1126 O OE1 . GLU A 1 146 ? -5.597  -15.580 9.250   1.00 39.80 ? 146 GLU A OE1 1 
ATOM   1127 O OE2 . GLU A 1 146 ? -4.078  -15.028 7.674   1.00 40.64 ? 146 GLU A OE2 1 
ATOM   1128 N N   . GLU A 1 147 ? -5.956  -11.073 11.924  1.00 18.18 ? 147 GLU A N   1 
ATOM   1129 C CA  . GLU A 1 147 ? -6.806  -10.450 12.909  1.00 18.99 ? 147 GLU A CA  1 
ATOM   1130 C C   . GLU A 1 147 ? -7.839  -9.473  12.288  1.00 17.88 ? 147 GLU A C   1 
ATOM   1131 O O   . GLU A 1 147 ? -8.850  -9.174  12.904  1.00 19.28 ? 147 GLU A O   1 
ATOM   1132 C CB  . GLU A 1 147 ? -5.872  -9.749  13.893  1.00 18.30 ? 147 GLU A CB  1 
ATOM   1133 C CG  . GLU A 1 147 ? -6.503  -8.955  15.019  1.00 21.62 ? 147 GLU A CG  1 
ATOM   1134 C CD  . GLU A 1 147 ? -5.491  -8.034  15.740  1.00 22.71 ? 147 GLU A CD  1 
ATOM   1135 O OE1 . GLU A 1 147 ? -5.988  -7.105  16.432  1.00 27.79 ? 147 GLU A OE1 1 
ATOM   1136 O OE2 . GLU A 1 147 ? -4.230  -8.232  15.619  1.00 21.68 ? 147 GLU A OE2 1 
ATOM   1137 N N   . SER A 1 148 ? -7.585  -8.977  11.082  1.00 16.67 ? 148 SER A N   1 
ATOM   1138 C CA  . SER A 1 148 ? -8.469  -8.037  10.398  1.00 15.75 ? 148 SER A CA  1 
ATOM   1139 C C   . SER A 1 148 ? -9.670  -8.748  9.811   1.00 16.90 ? 148 SER A C   1 
ATOM   1140 O O   . SER A 1 148 ? -10.658 -8.129  9.456   1.00 16.09 ? 148 SER A O   1 
ATOM   1141 C CB  . SER A 1 148 ? -7.721  -7.316  9.275   1.00 15.41 ? 148 SER A CB  1 
ATOM   1142 O OG  . SER A 1 148 ? -7.455  -8.173  8.151   1.00 13.24 ? 148 SER A OG  1 
ATOM   1143 N N   . LYS A 1 149 ? -9.592  -10.074 9.737   1.00 19.08 ? 149 LYS A N   1 
ATOM   1144 C CA  . LYS A 1 149 ? -10.558 -10.863 8.966   1.00 21.20 ? 149 LYS A CA  1 
ATOM   1145 C C   . LYS A 1 149 ? -11.981 -10.926 9.574   1.00 21.84 ? 149 LYS A C   1 
ATOM   1146 O O   . LYS A 1 149 ? -12.938 -11.319 8.899   1.00 20.97 ? 149 LYS A O   1 
ATOM   1147 C CB  . LYS A 1 149 ? -9.974  -12.245 8.596   1.00 21.18 ? 149 LYS A CB  1 
ATOM   1148 C CG  . LYS A 1 149 ? -8.799  -12.168 7.542   1.00 23.92 ? 149 LYS A CG  1 
ATOM   1149 C CD  . LYS A 1 149 ? -8.795  -13.380 6.577   1.00 28.32 ? 149 LYS A CD  1 
ATOM   1150 C CE  . LYS A 1 149 ? -7.570  -14.349 6.710   1.00 32.78 ? 149 LYS A CE  1 
ATOM   1151 N NZ  . LYS A 1 149 ? -6.421  -14.113 5.683   1.00 31.72 ? 149 LYS A NZ  1 
ATOM   1152 N N   . SER A 1 150 ? -12.123 -10.476 10.823  1.00 22.70 ? 150 SER A N   1 
ATOM   1153 C CA  . SER A 1 150 ? -13.438 -10.424 11.453  1.00 24.22 ? 150 SER A CA  1 
ATOM   1154 C C   . SER A 1 150 ? -14.139 -9.047  11.279  1.00 24.52 ? 150 SER A C   1 
ATOM   1155 O O   . SER A 1 150 ? -15.211 -8.781  11.858  1.00 25.66 ? 150 SER A O   1 
ATOM   1156 C CB  . SER A 1 150 ? -13.306 -10.782 12.929  1.00 24.67 ? 150 SER A CB  1 
ATOM   1157 O OG  . SER A 1 150 ? -12.833 -9.651  13.640  1.00 25.83 ? 150 SER A OG  1 
ATOM   1158 N N   . SER A 1 151 ? -13.519 -8.172  10.493  1.00 24.06 ? 151 SER A N   1 
ATOM   1159 C CA  . SER A 1 151 ? -14.110 -6.913  10.070  1.00 23.51 ? 151 SER A CA  1 
ATOM   1160 C C   . SER A 1 151 ? -15.427 -7.186  9.321   1.00 23.65 ? 151 SER A C   1 
ATOM   1161 O O   . SER A 1 151 ? -15.507 -8.141  8.569   1.00 23.95 ? 151 SER A O   1 
ATOM   1162 C CB  . SER A 1 151 ? -13.108 -6.214  9.140   1.00 23.16 ? 151 SER A CB  1 
ATOM   1163 O OG  . SER A 1 151 ? -13.565 -4.960  8.653   1.00 22.64 ? 151 SER A OG  1 
ATOM   1164 N N   . PRO A 1 152 ? -16.448 -6.322  9.487   1.00 23.77 ? 152 PRO A N   1 
ATOM   1165 C CA  . PRO A 1 152 ? -17.686 -6.408  8.667   1.00 24.02 ? 152 PRO A CA  1 
ATOM   1166 C C   . PRO A 1 152 ? -17.454 -6.156  7.170   1.00 24.80 ? 152 PRO A C   1 
ATOM   1167 O O   . PRO A 1 152 ? -18.175 -6.696  6.321   1.00 25.56 ? 152 PRO A O   1 
ATOM   1168 C CB  . PRO A 1 152 ? -18.563 -5.295  9.242   1.00 23.76 ? 152 PRO A CB  1 
ATOM   1169 C CG  . PRO A 1 152 ? -17.991 -5.028  10.612  1.00 23.73 ? 152 PRO A CG  1 
ATOM   1170 C CD  . PRO A 1 152 ? -16.512 -5.199  10.437  1.00 23.25 ? 152 PRO A CD  1 
ATOM   1171 N N   . TYR A 1 153 ? -16.445 -5.344  6.854   1.00 24.94 ? 153 TYR A N   1 
ATOM   1172 C CA  . TYR A 1 153 ? -16.000 -5.156  5.482   1.00 24.73 ? 153 TYR A CA  1 
ATOM   1173 C C   . TYR A 1 153 ? -15.617 -6.466  4.798   1.00 25.00 ? 153 TYR A C   1 
ATOM   1174 O O   . TYR A 1 153 ? -15.707 -6.598  3.557   1.00 23.13 ? 153 TYR A O   1 
ATOM   1175 C CB  . TYR A 1 153 ? -14.860 -4.124  5.426   1.00 24.67 ? 153 TYR A CB  1 
ATOM   1176 C CG  . TYR A 1 153 ? -15.334 -2.772  5.886   1.00 24.49 ? 153 TYR A CG  1 
ATOM   1177 C CD1 . TYR A 1 153 ? -14.850 -2.197  7.061   1.00 24.27 ? 153 TYR A CD1 1 
ATOM   1178 C CD2 . TYR A 1 153 ? -16.308 -2.092  5.173   1.00 23.16 ? 153 TYR A CD2 1 
ATOM   1179 C CE1 . TYR A 1 153 ? -15.316 -0.975  7.504   1.00 23.14 ? 153 TYR A CE1 1 
ATOM   1180 C CE2 . TYR A 1 153 ? -16.789 -0.900  5.598   1.00 24.12 ? 153 TYR A CE2 1 
ATOM   1181 C CZ  . TYR A 1 153 ? -16.288 -0.326  6.763   1.00 25.80 ? 153 TYR A CZ  1 
ATOM   1182 O OH  . TYR A 1 153 ? -16.775 0.915   7.147   1.00 27.75 ? 153 TYR A OH  1 
ATOM   1183 N N   . LEU A 1 154 ? -15.223 -7.449  5.597   1.00 25.86 ? 154 LEU A N   1 
ATOM   1184 C CA  . LEU A 1 154 ? -14.747 -8.701  4.977   1.00 27.95 ? 154 LEU A CA  1 
ATOM   1185 C C   . LEU A 1 154 ? -15.830 -9.806  4.832   1.00 28.99 ? 154 LEU A C   1 
ATOM   1186 O O   . LEU A 1 154 ? -15.583 -10.813 4.183   1.00 29.08 ? 154 LEU A O   1 
ATOM   1187 C CB  . LEU A 1 154 ? -13.437 -9.220  5.646   1.00 27.54 ? 154 LEU A CB  1 
ATOM   1188 C CG  . LEU A 1 154 ? -12.231 -8.279  5.562   1.00 27.02 ? 154 LEU A CG  1 
ATOM   1189 C CD1 . LEU A 1 154 ? -10.955 -8.981  5.921   1.00 27.04 ? 154 LEU A CD1 1 
ATOM   1190 C CD2 . LEU A 1 154 ? -12.127 -7.759  4.163   1.00 28.72 ? 154 LEU A CD2 1 
ATOM   1191 N N   . GLU A 1 155 ? -17.013 -9.610  5.415   1.00 30.33 ? 155 GLU A N   1 
ATOM   1192 C CA  . GLU A 1 155 ? -18.050 -10.642 5.384   1.00 31.85 ? 155 GLU A CA  1 
ATOM   1193 C C   . GLU A 1 155 ? -18.543 -11.097 4.033   1.00 32.51 ? 155 GLU A C   1 
ATOM   1194 O O   . GLU A 1 155 ? -18.877 -12.266 3.913   1.00 33.37 ? 155 GLU A O   1 
ATOM   1195 C CB  . GLU A 1 155 ? -19.247 -10.266 6.220   1.00 32.10 ? 155 GLU A CB  1 
ATOM   1196 C CG  . GLU A 1 155 ? -18.984 -10.401 7.687   1.00 34.37 ? 155 GLU A CG  1 
ATOM   1197 C CD  . GLU A 1 155 ? -20.135 -9.894  8.488   1.00 36.85 ? 155 GLU A CD  1 
ATOM   1198 O OE1 . GLU A 1 155 ? -21.278 -10.307 8.192   1.00 36.79 ? 155 GLU A OE1 1 
ATOM   1199 O OE2 . GLU A 1 155 ? -19.906 -9.056  9.383   1.00 39.30 ? 155 GLU A OE2 1 
ATOM   1200 N N   . GLY A 1 156 ? -18.609 -10.229 3.025   1.00 32.88 ? 156 GLY A N   1 
ATOM   1201 C CA  . GLY A 1 156 ? -18.917 -10.717 1.659   1.00 33.41 ? 156 GLY A CA  1 
ATOM   1202 C C   . GLY A 1 156 ? -17.783 -10.769 0.618   1.00 34.52 ? 156 GLY A C   1 
ATOM   1203 O O   . GLY A 1 156 ? -16.636 -11.213 0.879   1.00 34.52 ? 156 GLY A O   1 
HETATM 1204 O O   . HOH B 2 .   ? -13.701 -0.597  -14.639 1.00 10.70 ? 157 HOH A O   1 
HETATM 1205 O O   . HOH B 2 .   ? 8.201   -1.291  10.820  1.00 15.07 ? 158 HOH A O   1 
HETATM 1206 O O   . HOH B 2 .   ? 9.175   -8.333  -4.872  1.00 6.88  ? 159 HOH A O   1 
HETATM 1207 O O   . HOH B 2 .   ? 6.275   -11.155 2.077   1.00 18.03 ? 160 HOH A O   1 
HETATM 1208 O O   . HOH B 2 .   ? -7.700  -9.623  3.812   1.00 13.07 ? 161 HOH A O   1 
HETATM 1209 O O   . HOH B 2 .   ? 8.896   4.421   -14.341 1.00 17.39 ? 162 HOH A O   1 
HETATM 1210 O O   . HOH B 2 .   ? 8.078   -5.606  -14.318 1.00 18.68 ? 163 HOH A O   1 
HETATM 1211 O O   . HOH B 2 .   ? 13.293  8.075   -6.691  1.00 33.76 ? 164 HOH A O   1 
HETATM 1212 O O   . HOH B 2 .   ? 8.380   14.829  1.197   1.00 18.75 ? 165 HOH A O   1 
HETATM 1213 O O   . HOH B 2 .   ? -9.574  10.474  4.108   1.00 18.39 ? 166 HOH A O   1 
HETATM 1214 O O   . HOH B 2 .   ? -10.973 -4.293  11.394  1.00 12.32 ? 167 HOH A O   1 
HETATM 1215 O O   . HOH B 2 .   ? -1.862  4.077   15.729  1.00 14.66 ? 168 HOH A O   1 
HETATM 1216 O O   . HOH B 2 .   ? -5.803  11.829  -0.154  1.00 13.50 ? 169 HOH A O   1 
HETATM 1217 O O   . HOH B 2 .   ? 6.706   0.000   -18.591 1.00 26.43 ? 170 HOH A O   1 
HETATM 1218 O O   . HOH B 2 .   ? -12.968 -3.070  10.268  1.00 14.35 ? 171 HOH A O   1 
HETATM 1219 O O   . HOH B 2 .   ? -7.651  -7.329  5.604   1.00 19.25 ? 172 HOH A O   1 
HETATM 1220 O O   . HOH B 2 .   ? 3.574   6.086   -17.196 1.00 32.18 ? 173 HOH A O   1 
HETATM 1221 O O   . HOH B 2 .   ? 5.714   2.062   16.444  1.00 23.42 ? 174 HOH A O   1 
HETATM 1222 O O   . HOH B 2 .   ? 2.596   14.616  -2.603  1.00 28.81 ? 175 HOH A O   1 
HETATM 1223 O O   . HOH B 2 .   ? -9.161  -10.573 -7.106  1.00 25.48 ? 176 HOH A O   1 
HETATM 1224 O O   . HOH B 2 .   ? -8.107  -8.304  -5.300  1.00 35.92 ? 177 HOH A O   1 
HETATM 1225 O O   . HOH B 2 .   ? 8.679   -9.700  1.983   1.00 22.51 ? 178 HOH A O   1 
HETATM 1226 O O   . HOH B 2 .   ? 10.723  -6.787  5.605   1.00 22.83 ? 179 HOH A O   1 
HETATM 1227 O O   . HOH B 2 .   ? -15.688 -12.959 -0.172  1.00 24.15 ? 180 HOH A O   1 
HETATM 1228 O O   . HOH B 2 .   ? -3.586  3.983   13.912  1.00 18.30 ? 181 HOH A O   1 
HETATM 1229 O O   . HOH B 2 .   ? -4.779  7.887   11.920  1.00 31.44 ? 182 HOH A O   1 
HETATM 1230 O O   . HOH B 2 .   ? -4.741  -0.031  -10.132 1.00 11.04 ? 183 HOH A O   1 
HETATM 1231 O O   . HOH B 2 .   ? -13.431 -6.475  -12.914 1.00 26.76 ? 184 HOH A O   1 
HETATM 1232 O O   . HOH B 2 .   ? 4.900   2.129   -20.977 1.00 24.97 ? 185 HOH A O   1 
HETATM 1233 O O   . HOH B 2 .   ? -7.046  2.968   16.415  1.00 28.14 ? 186 HOH A O   1 
HETATM 1234 O O   . HOH B 2 .   ? 9.163   5.167   14.350  1.00 27.52 ? 187 HOH A O   1 
HETATM 1235 O O   . HOH B 2 .   ? -3.293  7.118   -13.586 1.00 30.79 ? 188 HOH A O   1 
HETATM 1236 O O   . HOH B 2 .   ? 2.104   -14.987 10.495  1.00 13.39 ? 189 HOH A O   1 
HETATM 1237 O O   . HOH B 2 .   ? -4.800  -10.223 -11.397 1.00 34.26 ? 191 HOH A O   1 
HETATM 1238 O O   . HOH B 2 .   ? -14.588 -9.306  0.476   1.00 36.47 ? 193 HOH A O   1 
HETATM 1239 O O   . HOH B 2 .   ? 1.198   17.424  -5.563  1.00 31.63 ? 194 HOH A O   1 
HETATM 1240 O O   . HOH B 2 .   ? -17.095 -7.452  13.969  1.00 29.98 ? 195 HOH A O   1 
HETATM 1241 O O   . HOH B 2 .   ? -6.361  14.566  -6.166  1.00 31.44 ? 196 HOH A O   1 
HETATM 1242 O O   . HOH B 2 .   ? 11.639  -7.757  7.935   1.00 25.92 ? 197 HOH A O   1 
HETATM 1243 O O   . HOH B 2 .   ? 11.308  -1.523  -1.448  1.00 20.75 ? 198 HOH A O   1 
HETATM 1244 O O   . HOH B 2 .   ? 7.770   14.220  12.125  1.00 31.02 ? 199 HOH A O   1 
HETATM 1245 O O   . HOH B 2 .   ? -9.476  2.610   -15.456 1.00 26.98 ? 200 HOH A O   1 
HETATM 1246 O O   . HOH B 2 .   ? 4.335   18.479  -6.258  1.00 56.64 ? 201 HOH A O   1 
HETATM 1247 O O   . HOH B 2 .   ? 5.776   -6.320  -19.113 1.00 36.76 ? 202 HOH A O   1 
HETATM 1248 O O   . HOH B 2 .   ? -8.033  6.331   -7.703  1.00 18.52 ? 203 HOH A O   1 
# 
loop_
_pdbx_poly_seq_scheme.asym_id 
_pdbx_poly_seq_scheme.entity_id 
_pdbx_poly_seq_scheme.seq_id 
_pdbx_poly_seq_scheme.mon_id 
_pdbx_poly_seq_scheme.ndb_seq_num 
_pdbx_poly_seq_scheme.pdb_seq_num 
_pdbx_poly_seq_scheme.auth_seq_num 
_pdbx_poly_seq_scheme.pdb_mon_id 
_pdbx_poly_seq_scheme.auth_mon_id 
_pdbx_poly_seq_scheme.pdb_strand_id 
_pdbx_poly_seq_scheme.pdb_ins_code 
_pdbx_poly_seq_scheme.hetero 
A 1 1   MET 1   1   1   MET MET A . n 
A 1 2   ASN 2   2   2   ASN ASN A . n 
A 1 3   LEU 3   3   3   LEU LEU A . n 
A 1 4   ALA 4   4   4   ALA ALA A . n 
A 1 5   GLN 5   5   5   GLN GLN A . n 
A 1 6   ALA 6   6   6   ALA ALA A . n 
A 1 7   PHE 7   7   7   PHE PHE A . n 
A 1 8   LYS 8   8   8   LYS LYS A . n 
A 1 9   GLU 9   9   9   GLU GLU A . n 
A 1 10  ASN 10  10  10  ASN ASN A . n 
A 1 11  HIS 11  11  11  HIS HIS A . n 
A 1 12  SER 12  12  12  SER SER A . n 
A 1 13  ILE 13  13  13  ILE ILE A . n 
A 1 14  ARG 14  14  14  ARG ARG A . n 
A 1 15  LEU 15  15  15  LEU LEU A . n 
A 1 16  GLY 16  16  16  GLY GLY A . n 
A 1 17  LEU 17  17  17  LEU LEU A . n 
A 1 18  THR 18  18  18  THR THR A . n 
A 1 19  ALA 19  19  19  ALA ALA A . n 
A 1 20  LYS 20  20  20  LYS LYS A . n 
A 1 21  ASP 21  21  21  ASP ASP A . n 
A 1 22  TRP 22  22  22  TRP TRP A . n 
A 1 23  LYS 23  23  23  LYS LYS A . n 
A 1 24  GLU 24  24  24  GLU GLU A . n 
A 1 25  ALA 25  25  25  ALA ALA A . n 
A 1 26  VAL 26  26  26  VAL VAL A . n 
A 1 27  LYS 27  27  27  LYS LYS A . n 
A 1 28  LEU 28  28  28  LEU LEU A . n 
A 1 29  SER 29  29  29  SER SER A . n 
A 1 30  VAL 30  30  30  VAL VAL A . n 
A 1 31  THR 31  31  31  THR THR A . n 
A 1 32  PRO 32  32  32  PRO PRO A . n 
A 1 33  LEU 33  33  33  LEU LEU A . n 
A 1 34  ILE 34  34  34  ILE ILE A . n 
A 1 35  GLU 35  35  35  GLU GLU A . n 
A 1 36  SER 36  36  36  SER SER A . n 
A 1 37  GLY 37  37  37  GLY GLY A . n 
A 1 38  ALA 38  38  38  ALA ALA A . n 
A 1 39  VAL 39  39  39  VAL VAL A . n 
A 1 40  LYS 40  40  40  LYS LYS A . n 
A 1 41  PRO 41  41  41  PRO PRO A . n 
A 1 42  GLU 42  42  42  GLU GLU A . n 
A 1 43  TYR 43  43  43  TYR TYR A . n 
A 1 44  TYR 44  44  44  TYR TYR A . n 
A 1 45  ASN 45  45  45  ASN ASN A . n 
A 1 46  ALA 46  46  46  ALA ALA A . n 
A 1 47  ILE 47  47  47  ILE ILE A . n 
A 1 48  ILE 48  48  48  ILE ILE A . n 
A 1 49  GLU 49  49  49  GLU GLU A . n 
A 1 50  SER 50  50  50  SER SER A . n 
A 1 51  THR 51  51  51  THR THR A . n 
A 1 52  GLU 52  52  52  GLU GLU A . n 
A 1 53  SER 53  53  53  SER SER A . n 
A 1 54  TYR 54  54  54  TYR TYR A . n 
A 1 55  GLY 55  55  55  GLY GLY A . n 
A 1 56  PRO 56  56  56  PRO PRO A . n 
A 1 57  TYR 57  57  57  TYR TYR A . n 
A 1 58  TYR 58  58  58  TYR TYR A . n 
A 1 59  ILE 59  59  59  ILE ILE A . n 
A 1 60  LEU 60  60  60  LEU LEU A . n 
A 1 61  MET 61  61  61  MET MET A . n 
A 1 62  PRO 62  62  62  PRO PRO A . n 
A 1 63  GLY 63  63  63  GLY GLY A . n 
A 1 64  MET 64  64  64  MET MET A . n 
A 1 65  ALA 65  65  65  ALA ALA A . n 
A 1 66  MET 66  66  66  MET MET A . n 
A 1 67  PRO 67  67  67  PRO PRO A . n 
A 1 68  HIS 68  68  68  HIS HIS A . n 
A 1 69  ALA 69  69  69  ALA ALA A . n 
A 1 70  ARG 70  70  70  ARG ARG A . n 
A 1 71  PRO 71  71  71  PRO PRO A . n 
A 1 72  GLU 72  72  72  GLU GLU A . n 
A 1 73  ALA 73  73  73  ALA ALA A . n 
A 1 74  GLY 74  74  74  GLY GLY A . n 
A 1 75  VAL 75  75  75  VAL VAL A . n 
A 1 76  GLN 76  76  76  GLN GLN A . n 
A 1 77  ARG 77  77  77  ARG ARG A . n 
A 1 78  ASP 78  78  78  ASP ASP A . n 
A 1 79  ALA 79  79  79  ALA ALA A . n 
A 1 80  PHE 80  80  80  PHE PHE A . n 
A 1 81  SER 81  81  81  SER SER A . n 
A 1 82  LEU 82  82  82  LEU LEU A . n 
A 1 83  VAL 83  83  83  VAL VAL A . n 
A 1 84  THR 84  84  84  THR THR A . n 
A 1 85  LEU 85  85  85  LEU LEU A . n 
A 1 86  THR 86  86  86  THR THR A . n 
A 1 87  GLU 87  87  87  GLU GLU A . n 
A 1 88  PRO 88  88  88  PRO PRO A . n 
A 1 89  VAL 89  89  89  VAL VAL A . n 
A 1 90  THR 90  90  90  THR THR A . n 
A 1 91  PHE 91  91  91  PHE PHE A . n 
A 1 92  THR 92  92  92  THR THR A . n 
A 1 93  ASP 93  93  93  ASP ASP A . n 
A 1 94  GLY 94  94  94  GLY GLY A . n 
A 1 95  LYS 95  95  95  LYS LYS A . n 
A 1 96  GLU 96  96  96  GLU GLU A . n 
A 1 97  VAL 97  97  97  VAL VAL A . n 
A 1 98  GLN 98  98  98  GLN GLN A . n 
A 1 99  VAL 99  99  99  VAL VAL A . n 
A 1 100 LEU 100 100 100 LEU LEU A . n 
A 1 101 LEU 101 101 101 LEU LEU A . n 
A 1 102 ALA 102 102 102 ALA ALA A . n 
A 1 103 LEU 103 103 103 LEU LEU A . n 
A 1 104 ALA 104 104 104 ALA ALA A . n 
A 1 105 ALA 105 105 105 ALA ALA A . n 
A 1 106 THR 106 106 106 THR THR A . n 
A 1 107 SER 107 107 107 SER SER A . n 
A 1 108 SER 108 108 108 SER SER A . n 
A 1 109 LYS 109 109 109 LYS LYS A . n 
A 1 110 ILE 110 110 110 ILE ILE A . n 
A 1 111 HIS 111 111 111 HIS HIS A . n 
A 1 112 THR 112 112 112 THR THR A . n 
A 1 113 SER 113 113 113 SER SER A . n 
A 1 114 VAL 114 114 114 VAL VAL A . n 
A 1 115 ALA 115 115 115 ALA ALA A . n 
A 1 116 ILE 116 116 116 ILE ILE A . n 
A 1 117 PRO 117 117 117 PRO PRO A . n 
A 1 118 GLN 118 118 118 GLN GLN A . n 
A 1 119 ILE 119 119 119 ILE ILE A . n 
A 1 120 ILE 120 120 120 ILE ILE A . n 
A 1 121 ALA 121 121 121 ALA ALA A . n 
A 1 122 LEU 122 122 122 LEU LEU A . n 
A 1 123 PHE 123 123 123 PHE PHE A . n 
A 1 124 GLU 124 124 124 GLU GLU A . n 
A 1 125 LEU 125 125 125 LEU LEU A . n 
A 1 126 ASP 126 126 126 ASP ASP A . n 
A 1 127 HIS 127 127 127 HIS HIS A . n 
A 1 128 SER 128 128 128 SER SER A . n 
A 1 129 ILE 129 129 129 ILE ILE A . n 
A 1 130 GLU 130 130 130 GLU GLU A . n 
A 1 131 ARG 131 131 131 ARG ARG A . n 
A 1 132 LEU 132 132 132 LEU LEU A . n 
A 1 133 VAL 133 133 133 VAL VAL A . n 
A 1 134 ASN 134 134 134 ASN ASN A . n 
A 1 135 CYS 135 135 135 CYS CYS A . n 
A 1 136 LYS 136 136 136 LYS LYS A . n 
A 1 137 THR 137 137 137 THR THR A . n 
A 1 138 PRO 138 138 138 PRO PRO A . n 
A 1 139 GLU 139 139 139 GLU GLU A . n 
A 1 140 GLU 140 140 140 GLU GLU A . n 
A 1 141 VAL 141 141 141 VAL VAL A . n 
A 1 142 LEU 142 142 142 LEU LEU A . n 
A 1 143 ALA 143 143 143 ALA ALA A . n 
A 1 144 MET 144 144 144 MET MET A . n 
A 1 145 VAL 145 145 145 VAL VAL A . n 
A 1 146 GLU 146 146 146 GLU GLU A . n 
A 1 147 GLU 147 147 147 GLU GLU A . n 
A 1 148 SER 148 148 148 SER SER A . n 
A 1 149 LYS 149 149 149 LYS LYS A . n 
A 1 150 SER 150 150 150 SER SER A . n 
A 1 151 SER 151 151 151 SER SER A . n 
A 1 152 PRO 152 152 152 PRO PRO A . n 
A 1 153 TYR 153 153 153 TYR TYR A . n 
A 1 154 LEU 154 154 154 LEU LEU A . n 
A 1 155 GLU 155 155 155 GLU GLU A . n 
A 1 156 GLY 156 156 156 GLY GLY A . n 
A 1 157 LEU 157 157 ?   ?   ?   A . n 
A 1 158 ASP 158 158 ?   ?   ?   A . n 
A 1 159 LEU 159 159 ?   ?   ?   A . n 
A 1 160 ASP 160 160 ?   ?   ?   A . n 
A 1 161 SER 161 161 ?   ?   ?   A . n 
# 
loop_
_pdbx_nonpoly_scheme.asym_id 
_pdbx_nonpoly_scheme.entity_id 
_pdbx_nonpoly_scheme.mon_id 
_pdbx_nonpoly_scheme.ndb_seq_num 
_pdbx_nonpoly_scheme.pdb_seq_num 
_pdbx_nonpoly_scheme.auth_seq_num 
_pdbx_nonpoly_scheme.pdb_mon_id 
_pdbx_nonpoly_scheme.auth_mon_id 
_pdbx_nonpoly_scheme.pdb_strand_id 
_pdbx_nonpoly_scheme.pdb_ins_code 
B 2 HOH 1  157 157 HOH HOH A . 
B 2 HOH 2  158 158 HOH HOH A . 
B 2 HOH 3  159 159 HOH HOH A . 
B 2 HOH 4  160 160 HOH HOH A . 
B 2 HOH 5  161 161 HOH HOH A . 
B 2 HOH 6  162 162 HOH HOH A . 
B 2 HOH 7  163 163 HOH HOH A . 
B 2 HOH 8  164 164 HOH HOH A . 
B 2 HOH 9  165 165 HOH HOH A . 
B 2 HOH 10 166 166 HOH HOH A . 
B 2 HOH 11 167 167 HOH HOH A . 
B 2 HOH 12 168 168 HOH HOH A . 
B 2 HOH 13 169 169 HOH HOH A . 
B 2 HOH 14 170 170 HOH HOH A . 
B 2 HOH 15 171 171 HOH HOH A . 
B 2 HOH 16 172 172 HOH HOH A . 
B 2 HOH 17 173 173 HOH HOH A . 
B 2 HOH 18 174 174 HOH HOH A . 
B 2 HOH 19 175 175 HOH HOH A . 
B 2 HOH 20 176 176 HOH HOH A . 
B 2 HOH 21 177 177 HOH HOH A . 
B 2 HOH 22 178 178 HOH HOH A . 
B 2 HOH 23 179 179 HOH HOH A . 
B 2 HOH 24 180 180 HOH HOH A . 
B 2 HOH 25 181 181 HOH HOH A . 
B 2 HOH 26 182 182 HOH HOH A . 
B 2 HOH 27 183 183 HOH HOH A . 
B 2 HOH 28 184 184 HOH HOH A . 
B 2 HOH 29 185 185 HOH HOH A . 
B 2 HOH 30 186 186 HOH HOH A . 
B 2 HOH 31 187 187 HOH HOH A . 
B 2 HOH 32 188 188 HOH HOH A . 
B 2 HOH 33 189 189 HOH HOH A . 
B 2 HOH 34 191 191 HOH HOH A . 
B 2 HOH 35 193 193 HOH HOH A . 
B 2 HOH 36 194 194 HOH HOH A . 
B 2 HOH 37 195 195 HOH HOH A . 
B 2 HOH 38 196 196 HOH HOH A . 
B 2 HOH 39 197 197 HOH HOH A . 
B 2 HOH 40 198 198 HOH HOH A . 
B 2 HOH 41 199 199 HOH HOH A . 
B 2 HOH 42 200 200 HOH HOH A . 
B 2 HOH 43 201 201 HOH HOH A . 
B 2 HOH 44 202 202 HOH HOH A . 
B 2 HOH 45 203 203 HOH HOH A . 
# 
_pdbx_struct_assembly.id                   1 
_pdbx_struct_assembly.details              author_and_software_defined_assembly 
_pdbx_struct_assembly.method_details       PISA 
_pdbx_struct_assembly.oligomeric_details   dimeric 
_pdbx_struct_assembly.oligomeric_count     2 
# 
_pdbx_struct_assembly_gen.assembly_id       1 
_pdbx_struct_assembly_gen.oper_expression   1,2 
_pdbx_struct_assembly_gen.asym_id_list      A,B 
# 
_pdbx_struct_assembly_prop.biol_id   1 
_pdbx_struct_assembly_prop.type      'ABSA (A^2)' 
_pdbx_struct_assembly_prop.value     1970 
_pdbx_struct_assembly_prop.details   ? 
# 
loop_
_pdbx_struct_oper_list.id 
_pdbx_struct_oper_list.type 
_pdbx_struct_oper_list.name 
_pdbx_struct_oper_list.symmetry_operation 
_pdbx_struct_oper_list.matrix[1][1] 
_pdbx_struct_oper_list.matrix[1][2] 
_pdbx_struct_oper_list.matrix[1][3] 
_pdbx_struct_oper_list.vector[1] 
_pdbx_struct_oper_list.matrix[2][1] 
_pdbx_struct_oper_list.matrix[2][2] 
_pdbx_struct_oper_list.matrix[2][3] 
_pdbx_struct_oper_list.vector[2] 
_pdbx_struct_oper_list.matrix[3][1] 
_pdbx_struct_oper_list.matrix[3][2] 
_pdbx_struct_oper_list.matrix[3][3] 
_pdbx_struct_oper_list.vector[3] 
1 'identity operation'         1_555 x,y,z      1.0000000000  0.0000000000 0.0000000000  0.0000000000   0.0000000000 1.0000000000  0.0000000000  0.0000000000 0.0000000000  0.0000000000  1.0000000000 0.0000000000  
2 'crystal symmetry operation' 7_645 y+1,x-1,-z -0.9734668490 0.0222075891 -0.2277479238 -25.6305145755 0.0222075891 -0.9814127989 -0.1906193619 5.9028714198 -0.2277479238 -0.1906193619 0.9548796480 -2.4104271088 
# 
loop_
_pdbx_audit_revision_history.ordinal 
_pdbx_audit_revision_history.data_content_type 
_pdbx_audit_revision_history.major_revision 
_pdbx_audit_revision_history.minor_revision 
_pdbx_audit_revision_history.revision_date 
1 'Structure model' 1 0 2008-01-29 
2 'Structure model' 1 1 2011-07-13 
3 'Structure model' 1 2 2023-11-01 
# 
_pdbx_audit_revision_details.ordinal             1 
_pdbx_audit_revision_details.revision_ordinal    1 
_pdbx_audit_revision_details.data_content_type   'Structure model' 
_pdbx_audit_revision_details.provider            repository 
_pdbx_audit_revision_details.type                'Initial release' 
_pdbx_audit_revision_details.description         ? 
_pdbx_audit_revision_details.details             ? 
# 
loop_
_pdbx_audit_revision_group.ordinal 
_pdbx_audit_revision_group.revision_ordinal 
_pdbx_audit_revision_group.data_content_type 
_pdbx_audit_revision_group.group 
1 2 'Structure model' 'Source and taxonomy'       
2 2 'Structure model' 'Version format compliance' 
3 3 'Structure model' 'Data collection'           
4 3 'Structure model' 'Database references'       
5 3 'Structure model' 'Refinement description'    
# 
loop_
_pdbx_audit_revision_category.ordinal 
_pdbx_audit_revision_category.revision_ordinal 
_pdbx_audit_revision_category.data_content_type 
_pdbx_audit_revision_category.category 
1 3 'Structure model' chem_comp_atom                
2 3 'Structure model' chem_comp_bond                
3 3 'Structure model' database_2                    
4 3 'Structure model' pdbx_initial_refinement_model 
# 
loop_
_pdbx_audit_revision_item.ordinal 
_pdbx_audit_revision_item.revision_ordinal 
_pdbx_audit_revision_item.data_content_type 
_pdbx_audit_revision_item.item 
1 3 'Structure model' '_database_2.pdbx_DOI'                
2 3 'Structure model' '_database_2.pdbx_database_accession' 
# 
_pdbx_phasing_MR.entry_id                     3BJV 
_pdbx_phasing_MR.method_rotation              ? 
_pdbx_phasing_MR.method_translation           ? 
_pdbx_phasing_MR.model_details                ? 
_pdbx_phasing_MR.R_factor                     ? 
_pdbx_phasing_MR.R_rigid_body                 ? 
_pdbx_phasing_MR.correlation_coeff_Fo_to_Fc   ? 
_pdbx_phasing_MR.correlation_coeff_Io_to_Ic   ? 
_pdbx_phasing_MR.d_res_high_rotation          2.510 
_pdbx_phasing_MR.d_res_low_rotation           27.280 
_pdbx_phasing_MR.d_res_high_translation       2.510 
_pdbx_phasing_MR.d_res_low_translation        27.280 
_pdbx_phasing_MR.packing                      ? 
_pdbx_phasing_MR.reflns_percent_rotation      ? 
_pdbx_phasing_MR.reflns_percent_translation   ? 
_pdbx_phasing_MR.sigma_F_rotation             ? 
_pdbx_phasing_MR.sigma_F_translation          ? 
_pdbx_phasing_MR.sigma_I_rotation             ? 
_pdbx_phasing_MR.sigma_I_translation          ? 
# 
_phasing.method   MR 
# 
loop_
_software.name 
_software.version 
_software.date 
_software.type 
_software.contact_author 
_software.contact_author_email 
_software.classification 
_software.location 
_software.language 
_software.citation_id 
_software.pdbx_ordinal 
MOLREP         .     ?                    other   'A. Vagin'        alexei@ysbl.york.ac.uk   phasing           
http://www.ccp4.ac.uk/dist/html/molrep.html Fortran_77 ? 1 
REFMAC         .     ?                    program 'Murshudov, G.N.' ccp4@dl.ac.uk            refinement        
http://www.ccp4.ac.uk/main.html             Fortran_77 ? 2 
PDB_EXTRACT    3.004 'September 10, 2007' package PDB               sw-help@rcsb.rutgers.edu 'data extraction' 
http://pdb.rutgers.edu/software/            C++        ? 3 
'PROTEUM PLUS' .     ?                    ?       ?                 ?                        'data collection' ? ?          ? 4 
'PROTEUM PLUS' .     ?                    ?       ?                 ?                        'data reduction'  ? ?          ? 5 
'PROTEUM PLUS' .     ?                    ?       ?                 ?                        'data scaling'    ? ?          ? 6 
# 
_pdbx_validate_close_contact.id               1 
_pdbx_validate_close_contact.PDB_model_num    1 
_pdbx_validate_close_contact.auth_atom_id_1   N 
_pdbx_validate_close_contact.auth_asym_id_1   A 
_pdbx_validate_close_contact.auth_comp_id_1   MET 
_pdbx_validate_close_contact.auth_seq_id_1    1 
_pdbx_validate_close_contact.PDB_ins_code_1   ? 
_pdbx_validate_close_contact.label_alt_id_1   ? 
_pdbx_validate_close_contact.auth_atom_id_2   O 
_pdbx_validate_close_contact.auth_asym_id_2   A 
_pdbx_validate_close_contact.auth_comp_id_2   HOH 
_pdbx_validate_close_contact.auth_seq_id_2    176 
_pdbx_validate_close_contact.PDB_ins_code_2   ? 
_pdbx_validate_close_contact.label_alt_id_2   ? 
_pdbx_validate_close_contact.dist             2.14 
# 
loop_
_pdbx_validate_torsion.id 
_pdbx_validate_torsion.PDB_model_num 
_pdbx_validate_torsion.auth_comp_id 
_pdbx_validate_torsion.auth_asym_id 
_pdbx_validate_torsion.auth_seq_id 
_pdbx_validate_torsion.PDB_ins_code 
_pdbx_validate_torsion.label_alt_id 
_pdbx_validate_torsion.phi 
_pdbx_validate_torsion.psi 
1 1 HIS A 11 ? ? 39.49   49.05 
2 1 TYR A 58 ? ? -148.83 20.12 
3 1 MET A 66 ? ? -112.99 75.14 
4 1 ALA A 73 ? ? -75.90  28.16 
# 
loop_
_pdbx_unobs_or_zero_occ_residues.id 
_pdbx_unobs_or_zero_occ_residues.PDB_model_num 
_pdbx_unobs_or_zero_occ_residues.polymer_flag 
_pdbx_unobs_or_zero_occ_residues.occupancy_flag 
_pdbx_unobs_or_zero_occ_residues.auth_asym_id 
_pdbx_unobs_or_zero_occ_residues.auth_comp_id 
_pdbx_unobs_or_zero_occ_residues.auth_seq_id 
_pdbx_unobs_or_zero_occ_residues.PDB_ins_code 
_pdbx_unobs_or_zero_occ_residues.label_asym_id 
_pdbx_unobs_or_zero_occ_residues.label_comp_id 
_pdbx_unobs_or_zero_occ_residues.label_seq_id 
1 1 Y 1 A LEU 157 ? A LEU 157 
2 1 Y 1 A ASP 158 ? A ASP 158 
3 1 Y 1 A LEU 159 ? A LEU 159 
4 1 Y 1 A ASP 160 ? A ASP 160 
5 1 Y 1 A SER 161 ? A SER 161 
# 
loop_
_chem_comp_atom.comp_id 
_chem_comp_atom.atom_id 
_chem_comp_atom.type_symbol 
_chem_comp_atom.pdbx_aromatic_flag 
_chem_comp_atom.pdbx_stereo_config 
_chem_comp_atom.pdbx_ordinal 
ALA N    N N N 1   
ALA CA   C N S 2   
ALA C    C N N 3   
ALA O    O N N 4   
ALA CB   C N N 5   
ALA OXT  O N N 6   
ALA H    H N N 7   
ALA H2   H N N 8   
ALA HA   H N N 9   
ALA HB1  H N N 10  
ALA HB2  H N N 11  
ALA HB3  H N N 12  
ALA HXT  H N N 13  
ARG N    N N N 14  
ARG CA   C N S 15  
ARG C    C N N 16  
ARG O    O N N 17  
ARG CB   C N N 18  
ARG CG   C N N 19  
ARG CD   C N N 20  
ARG NE   N N N 21  
ARG CZ   C N N 22  
ARG NH1  N N N 23  
ARG NH2  N N N 24  
ARG OXT  O N N 25  
ARG H    H N N 26  
ARG H2   H N N 27  
ARG HA   H N N 28  
ARG HB2  H N N 29  
ARG HB3  H N N 30  
ARG HG2  H N N 31  
ARG HG3  H N N 32  
ARG HD2  H N N 33  
ARG HD3  H N N 34  
ARG HE   H N N 35  
ARG HH11 H N N 36  
ARG HH12 H N N 37  
ARG HH21 H N N 38  
ARG HH22 H N N 39  
ARG HXT  H N N 40  
ASN N    N N N 41  
ASN CA   C N S 42  
ASN C    C N N 43  
ASN O    O N N 44  
ASN CB   C N N 45  
ASN CG   C N N 46  
ASN OD1  O N N 47  
ASN ND2  N N N 48  
ASN OXT  O N N 49  
ASN H    H N N 50  
ASN H2   H N N 51  
ASN HA   H N N 52  
ASN HB2  H N N 53  
ASN HB3  H N N 54  
ASN HD21 H N N 55  
ASN HD22 H N N 56  
ASN HXT  H N N 57  
ASP N    N N N 58  
ASP CA   C N S 59  
ASP C    C N N 60  
ASP O    O N N 61  
ASP CB   C N N 62  
ASP CG   C N N 63  
ASP OD1  O N N 64  
ASP OD2  O N N 65  
ASP OXT  O N N 66  
ASP H    H N N 67  
ASP H2   H N N 68  
ASP HA   H N N 69  
ASP HB2  H N N 70  
ASP HB3  H N N 71  
ASP HD2  H N N 72  
ASP HXT  H N N 73  
CYS N    N N N 74  
CYS CA   C N R 75  
CYS C    C N N 76  
CYS O    O N N 77  
CYS CB   C N N 78  
CYS SG   S N N 79  
CYS OXT  O N N 80  
CYS H    H N N 81  
CYS H2   H N N 82  
CYS HA   H N N 83  
CYS HB2  H N N 84  
CYS HB3  H N N 85  
CYS HG   H N N 86  
CYS HXT  H N N 87  
GLN N    N N N 88  
GLN CA   C N S 89  
GLN C    C N N 90  
GLN O    O N N 91  
GLN CB   C N N 92  
GLN CG   C N N 93  
GLN CD   C N N 94  
GLN OE1  O N N 95  
GLN NE2  N N N 96  
GLN OXT  O N N 97  
GLN H    H N N 98  
GLN H2   H N N 99  
GLN HA   H N N 100 
GLN HB2  H N N 101 
GLN HB3  H N N 102 
GLN HG2  H N N 103 
GLN HG3  H N N 104 
GLN HE21 H N N 105 
GLN HE22 H N N 106 
GLN HXT  H N N 107 
GLU N    N N N 108 
GLU CA   C N S 109 
GLU C    C N N 110 
GLU O    O N N 111 
GLU CB   C N N 112 
GLU CG   C N N 113 
GLU CD   C N N 114 
GLU OE1  O N N 115 
GLU OE2  O N N 116 
GLU OXT  O N N 117 
GLU H    H N N 118 
GLU H2   H N N 119 
GLU HA   H N N 120 
GLU HB2  H N N 121 
GLU HB3  H N N 122 
GLU HG2  H N N 123 
GLU HG3  H N N 124 
GLU HE2  H N N 125 
GLU HXT  H N N 126 
GLY N    N N N 127 
GLY CA   C N N 128 
GLY C    C N N 129 
GLY O    O N N 130 
GLY OXT  O N N 131 
GLY H    H N N 132 
GLY H2   H N N 133 
GLY HA2  H N N 134 
GLY HA3  H N N 135 
GLY HXT  H N N 136 
HIS N    N N N 137 
HIS CA   C N S 138 
HIS C    C N N 139 
HIS O    O N N 140 
HIS CB   C N N 141 
HIS CG   C Y N 142 
HIS ND1  N Y N 143 
HIS CD2  C Y N 144 
HIS CE1  C Y N 145 
HIS NE2  N Y N 146 
HIS OXT  O N N 147 
HIS H    H N N 148 
HIS H2   H N N 149 
HIS HA   H N N 150 
HIS HB2  H N N 151 
HIS HB3  H N N 152 
HIS HD1  H N N 153 
HIS HD2  H N N 154 
HIS HE1  H N N 155 
HIS HE2  H N N 156 
HIS HXT  H N N 157 
HOH O    O N N 158 
HOH H1   H N N 159 
HOH H2   H N N 160 
ILE N    N N N 161 
ILE CA   C N S 162 
ILE C    C N N 163 
ILE O    O N N 164 
ILE CB   C N S 165 
ILE CG1  C N N 166 
ILE CG2  C N N 167 
ILE CD1  C N N 168 
ILE OXT  O N N 169 
ILE H    H N N 170 
ILE H2   H N N 171 
ILE HA   H N N 172 
ILE HB   H N N 173 
ILE HG12 H N N 174 
ILE HG13 H N N 175 
ILE HG21 H N N 176 
ILE HG22 H N N 177 
ILE HG23 H N N 178 
ILE HD11 H N N 179 
ILE HD12 H N N 180 
ILE HD13 H N N 181 
ILE HXT  H N N 182 
LEU N    N N N 183 
LEU CA   C N S 184 
LEU C    C N N 185 
LEU O    O N N 186 
LEU CB   C N N 187 
LEU CG   C N N 188 
LEU CD1  C N N 189 
LEU CD2  C N N 190 
LEU OXT  O N N 191 
LEU H    H N N 192 
LEU H2   H N N 193 
LEU HA   H N N 194 
LEU HB2  H N N 195 
LEU HB3  H N N 196 
LEU HG   H N N 197 
LEU HD11 H N N 198 
LEU HD12 H N N 199 
LEU HD13 H N N 200 
LEU HD21 H N N 201 
LEU HD22 H N N 202 
LEU HD23 H N N 203 
LEU HXT  H N N 204 
LYS N    N N N 205 
LYS CA   C N S 206 
LYS C    C N N 207 
LYS O    O N N 208 
LYS CB   C N N 209 
LYS CG   C N N 210 
LYS CD   C N N 211 
LYS CE   C N N 212 
LYS NZ   N N N 213 
LYS OXT  O N N 214 
LYS H    H N N 215 
LYS H2   H N N 216 
LYS HA   H N N 217 
LYS HB2  H N N 218 
LYS HB3  H N N 219 
LYS HG2  H N N 220 
LYS HG3  H N N 221 
LYS HD2  H N N 222 
LYS HD3  H N N 223 
LYS HE2  H N N 224 
LYS HE3  H N N 225 
LYS HZ1  H N N 226 
LYS HZ2  H N N 227 
LYS HZ3  H N N 228 
LYS HXT  H N N 229 
MET N    N N N 230 
MET CA   C N S 231 
MET C    C N N 232 
MET O    O N N 233 
MET CB   C N N 234 
MET CG   C N N 235 
MET SD   S N N 236 
MET CE   C N N 237 
MET OXT  O N N 238 
MET H    H N N 239 
MET H2   H N N 240 
MET HA   H N N 241 
MET HB2  H N N 242 
MET HB3  H N N 243 
MET HG2  H N N 244 
MET HG3  H N N 245 
MET HE1  H N N 246 
MET HE2  H N N 247 
MET HE3  H N N 248 
MET HXT  H N N 249 
PHE N    N N N 250 
PHE CA   C N S 251 
PHE C    C N N 252 
PHE O    O N N 253 
PHE CB   C N N 254 
PHE CG   C Y N 255 
PHE CD1  C Y N 256 
PHE CD2  C Y N 257 
PHE CE1  C Y N 258 
PHE CE2  C Y N 259 
PHE CZ   C Y N 260 
PHE OXT  O N N 261 
PHE H    H N N 262 
PHE H2   H N N 263 
PHE HA   H N N 264 
PHE HB2  H N N 265 
PHE HB3  H N N 266 
PHE HD1  H N N 267 
PHE HD2  H N N 268 
PHE HE1  H N N 269 
PHE HE2  H N N 270 
PHE HZ   H N N 271 
PHE HXT  H N N 272 
PRO N    N N N 273 
PRO CA   C N S 274 
PRO C    C N N 275 
PRO O    O N N 276 
PRO CB   C N N 277 
PRO CG   C N N 278 
PRO CD   C N N 279 
PRO OXT  O N N 280 
PRO H    H N N 281 
PRO HA   H N N 282 
PRO HB2  H N N 283 
PRO HB3  H N N 284 
PRO HG2  H N N 285 
PRO HG3  H N N 286 
PRO HD2  H N N 287 
PRO HD3  H N N 288 
PRO HXT  H N N 289 
SER N    N N N 290 
SER CA   C N S 291 
SER C    C N N 292 
SER O    O N N 293 
SER CB   C N N 294 
SER OG   O N N 295 
SER OXT  O N N 296 
SER H    H N N 297 
SER H2   H N N 298 
SER HA   H N N 299 
SER HB2  H N N 300 
SER HB3  H N N 301 
SER HG   H N N 302 
SER HXT  H N N 303 
THR N    N N N 304 
THR CA   C N S 305 
THR C    C N N 306 
THR O    O N N 307 
THR CB   C N R 308 
THR OG1  O N N 309 
THR CG2  C N N 310 
THR OXT  O N N 311 
THR H    H N N 312 
THR H2   H N N 313 
THR HA   H N N 314 
THR HB   H N N 315 
THR HG1  H N N 316 
THR HG21 H N N 317 
THR HG22 H N N 318 
THR HG23 H N N 319 
THR HXT  H N N 320 
TRP N    N N N 321 
TRP CA   C N S 322 
TRP C    C N N 323 
TRP O    O N N 324 
TRP CB   C N N 325 
TRP CG   C Y N 326 
TRP CD1  C Y N 327 
TRP CD2  C Y N 328 
TRP NE1  N Y N 329 
TRP CE2  C Y N 330 
TRP CE3  C Y N 331 
TRP CZ2  C Y N 332 
TRP CZ3  C Y N 333 
TRP CH2  C Y N 334 
TRP OXT  O N N 335 
TRP H    H N N 336 
TRP H2   H N N 337 
TRP HA   H N N 338 
TRP HB2  H N N 339 
TRP HB3  H N N 340 
TRP HD1  H N N 341 
TRP HE1  H N N 342 
TRP HE3  H N N 343 
TRP HZ2  H N N 344 
TRP HZ3  H N N 345 
TRP HH2  H N N 346 
TRP HXT  H N N 347 
TYR N    N N N 348 
TYR CA   C N S 349 
TYR C    C N N 350 
TYR O    O N N 351 
TYR CB   C N N 352 
TYR CG   C Y N 353 
TYR CD1  C Y N 354 
TYR CD2  C Y N 355 
TYR CE1  C Y N 356 
TYR CE2  C Y N 357 
TYR CZ   C Y N 358 
TYR OH   O N N 359 
TYR OXT  O N N 360 
TYR H    H N N 361 
TYR H2   H N N 362 
TYR HA   H N N 363 
TYR HB2  H N N 364 
TYR HB3  H N N 365 
TYR HD1  H N N 366 
TYR HD2  H N N 367 
TYR HE1  H N N 368 
TYR HE2  H N N 369 
TYR HH   H N N 370 
TYR HXT  H N N 371 
VAL N    N N N 372 
VAL CA   C N S 373 
VAL C    C N N 374 
VAL O    O N N 375 
VAL CB   C N N 376 
VAL CG1  C N N 377 
VAL CG2  C N N 378 
VAL OXT  O N N 379 
VAL H    H N N 380 
VAL H2   H N N 381 
VAL HA   H N N 382 
VAL HB   H N N 383 
VAL HG11 H N N 384 
VAL HG12 H N N 385 
VAL HG13 H N N 386 
VAL HG21 H N N 387 
VAL HG22 H N N 388 
VAL HG23 H N N 389 
VAL HXT  H N N 390 
# 
loop_
_chem_comp_bond.comp_id 
_chem_comp_bond.atom_id_1 
_chem_comp_bond.atom_id_2 
_chem_comp_bond.value_order 
_chem_comp_bond.pdbx_aromatic_flag 
_chem_comp_bond.pdbx_stereo_config 
_chem_comp_bond.pdbx_ordinal 
ALA N   CA   sing N N 1   
ALA N   H    sing N N 2   
ALA N   H2   sing N N 3   
ALA CA  C    sing N N 4   
ALA CA  CB   sing N N 5   
ALA CA  HA   sing N N 6   
ALA C   O    doub N N 7   
ALA C   OXT  sing N N 8   
ALA CB  HB1  sing N N 9   
ALA CB  HB2  sing N N 10  
ALA CB  HB3  sing N N 11  
ALA OXT HXT  sing N N 12  
ARG N   CA   sing N N 13  
ARG N   H    sing N N 14  
ARG N   H2   sing N N 15  
ARG CA  C    sing N N 16  
ARG CA  CB   sing N N 17  
ARG CA  HA   sing N N 18  
ARG C   O    doub N N 19  
ARG C   OXT  sing N N 20  
ARG CB  CG   sing N N 21  
ARG CB  HB2  sing N N 22  
ARG CB  HB3  sing N N 23  
ARG CG  CD   sing N N 24  
ARG CG  HG2  sing N N 25  
ARG CG  HG3  sing N N 26  
ARG CD  NE   sing N N 27  
ARG CD  HD2  sing N N 28  
ARG CD  HD3  sing N N 29  
ARG NE  CZ   sing N N 30  
ARG NE  HE   sing N N 31  
ARG CZ  NH1  sing N N 32  
ARG CZ  NH2  doub N N 33  
ARG NH1 HH11 sing N N 34  
ARG NH1 HH12 sing N N 35  
ARG NH2 HH21 sing N N 36  
ARG NH2 HH22 sing N N 37  
ARG OXT HXT  sing N N 38  
ASN N   CA   sing N N 39  
ASN N   H    sing N N 40  
ASN N   H2   sing N N 41  
ASN CA  C    sing N N 42  
ASN CA  CB   sing N N 43  
ASN CA  HA   sing N N 44  
ASN C   O    doub N N 45  
ASN C   OXT  sing N N 46  
ASN CB  CG   sing N N 47  
ASN CB  HB2  sing N N 48  
ASN CB  HB3  sing N N 49  
ASN CG  OD1  doub N N 50  
ASN CG  ND2  sing N N 51  
ASN ND2 HD21 sing N N 52  
ASN ND2 HD22 sing N N 53  
ASN OXT HXT  sing N N 54  
ASP N   CA   sing N N 55  
ASP N   H    sing N N 56  
ASP N   H2   sing N N 57  
ASP CA  C    sing N N 58  
ASP CA  CB   sing N N 59  
ASP CA  HA   sing N N 60  
ASP C   O    doub N N 61  
ASP C   OXT  sing N N 62  
ASP CB  CG   sing N N 63  
ASP CB  HB2  sing N N 64  
ASP CB  HB3  sing N N 65  
ASP CG  OD1  doub N N 66  
ASP CG  OD2  sing N N 67  
ASP OD2 HD2  sing N N 68  
ASP OXT HXT  sing N N 69  
CYS N   CA   sing N N 70  
CYS N   H    sing N N 71  
CYS N   H2   sing N N 72  
CYS CA  C    sing N N 73  
CYS CA  CB   sing N N 74  
CYS CA  HA   sing N N 75  
CYS C   O    doub N N 76  
CYS C   OXT  sing N N 77  
CYS CB  SG   sing N N 78  
CYS CB  HB2  sing N N 79  
CYS CB  HB3  sing N N 80  
CYS SG  HG   sing N N 81  
CYS OXT HXT  sing N N 82  
GLN N   CA   sing N N 83  
GLN N   H    sing N N 84  
GLN N   H2   sing N N 85  
GLN CA  C    sing N N 86  
GLN CA  CB   sing N N 87  
GLN CA  HA   sing N N 88  
GLN C   O    doub N N 89  
GLN C   OXT  sing N N 90  
GLN CB  CG   sing N N 91  
GLN CB  HB2  sing N N 92  
GLN CB  HB3  sing N N 93  
GLN CG  CD   sing N N 94  
GLN CG  HG2  sing N N 95  
GLN CG  HG3  sing N N 96  
GLN CD  OE1  doub N N 97  
GLN CD  NE2  sing N N 98  
GLN NE2 HE21 sing N N 99  
GLN NE2 HE22 sing N N 100 
GLN OXT HXT  sing N N 101 
GLU N   CA   sing N N 102 
GLU N   H    sing N N 103 
GLU N   H2   sing N N 104 
GLU CA  C    sing N N 105 
GLU CA  CB   sing N N 106 
GLU CA  HA   sing N N 107 
GLU C   O    doub N N 108 
GLU C   OXT  sing N N 109 
GLU CB  CG   sing N N 110 
GLU CB  HB2  sing N N 111 
GLU CB  HB3  sing N N 112 
GLU CG  CD   sing N N 113 
GLU CG  HG2  sing N N 114 
GLU CG  HG3  sing N N 115 
GLU CD  OE1  doub N N 116 
GLU CD  OE2  sing N N 117 
GLU OE2 HE2  sing N N 118 
GLU OXT HXT  sing N N 119 
GLY N   CA   sing N N 120 
GLY N   H    sing N N 121 
GLY N   H2   sing N N 122 
GLY CA  C    sing N N 123 
GLY CA  HA2  sing N N 124 
GLY CA  HA3  sing N N 125 
GLY C   O    doub N N 126 
GLY C   OXT  sing N N 127 
GLY OXT HXT  sing N N 128 
HIS N   CA   sing N N 129 
HIS N   H    sing N N 130 
HIS N   H2   sing N N 131 
HIS CA  C    sing N N 132 
HIS CA  CB   sing N N 133 
HIS CA  HA   sing N N 134 
HIS C   O    doub N N 135 
HIS C   OXT  sing N N 136 
HIS CB  CG   sing N N 137 
HIS CB  HB2  sing N N 138 
HIS CB  HB3  sing N N 139 
HIS CG  ND1  sing Y N 140 
HIS CG  CD2  doub Y N 141 
HIS ND1 CE1  doub Y N 142 
HIS ND1 HD1  sing N N 143 
HIS CD2 NE2  sing Y N 144 
HIS CD2 HD2  sing N N 145 
HIS CE1 NE2  sing Y N 146 
HIS CE1 HE1  sing N N 147 
HIS NE2 HE2  sing N N 148 
HIS OXT HXT  sing N N 149 
HOH O   H1   sing N N 150 
HOH O   H2   sing N N 151 
ILE N   CA   sing N N 152 
ILE N   H    sing N N 153 
ILE N   H2   sing N N 154 
ILE CA  C    sing N N 155 
ILE CA  CB   sing N N 156 
ILE CA  HA   sing N N 157 
ILE C   O    doub N N 158 
ILE C   OXT  sing N N 159 
ILE CB  CG1  sing N N 160 
ILE CB  CG2  sing N N 161 
ILE CB  HB   sing N N 162 
ILE CG1 CD1  sing N N 163 
ILE CG1 HG12 sing N N 164 
ILE CG1 HG13 sing N N 165 
ILE CG2 HG21 sing N N 166 
ILE CG2 HG22 sing N N 167 
ILE CG2 HG23 sing N N 168 
ILE CD1 HD11 sing N N 169 
ILE CD1 HD12 sing N N 170 
ILE CD1 HD13 sing N N 171 
ILE OXT HXT  sing N N 172 
LEU N   CA   sing N N 173 
LEU N   H    sing N N 174 
LEU N   H2   sing N N 175 
LEU CA  C    sing N N 176 
LEU CA  CB   sing N N 177 
LEU CA  HA   sing N N 178 
LEU C   O    doub N N 179 
LEU C   OXT  sing N N 180 
LEU CB  CG   sing N N 181 
LEU CB  HB2  sing N N 182 
LEU CB  HB3  sing N N 183 
LEU CG  CD1  sing N N 184 
LEU CG  CD2  sing N N 185 
LEU CG  HG   sing N N 186 
LEU CD1 HD11 sing N N 187 
LEU CD1 HD12 sing N N 188 
LEU CD1 HD13 sing N N 189 
LEU CD2 HD21 sing N N 190 
LEU CD2 HD22 sing N N 191 
LEU CD2 HD23 sing N N 192 
LEU OXT HXT  sing N N 193 
LYS N   CA   sing N N 194 
LYS N   H    sing N N 195 
LYS N   H2   sing N N 196 
LYS CA  C    sing N N 197 
LYS CA  CB   sing N N 198 
LYS CA  HA   sing N N 199 
LYS C   O    doub N N 200 
LYS C   OXT  sing N N 201 
LYS CB  CG   sing N N 202 
LYS CB  HB2  sing N N 203 
LYS CB  HB3  sing N N 204 
LYS CG  CD   sing N N 205 
LYS CG  HG2  sing N N 206 
LYS CG  HG3  sing N N 207 
LYS CD  CE   sing N N 208 
LYS CD  HD2  sing N N 209 
LYS CD  HD3  sing N N 210 
LYS CE  NZ   sing N N 211 
LYS CE  HE2  sing N N 212 
LYS CE  HE3  sing N N 213 
LYS NZ  HZ1  sing N N 214 
LYS NZ  HZ2  sing N N 215 
LYS NZ  HZ3  sing N N 216 
LYS OXT HXT  sing N N 217 
MET N   CA   sing N N 218 
MET N   H    sing N N 219 
MET N   H2   sing N N 220 
MET CA  C    sing N N 221 
MET CA  CB   sing N N 222 
MET CA  HA   sing N N 223 
MET C   O    doub N N 224 
MET C   OXT  sing N N 225 
MET CB  CG   sing N N 226 
MET CB  HB2  sing N N 227 
MET CB  HB3  sing N N 228 
MET CG  SD   sing N N 229 
MET CG  HG2  sing N N 230 
MET CG  HG3  sing N N 231 
MET SD  CE   sing N N 232 
MET CE  HE1  sing N N 233 
MET CE  HE2  sing N N 234 
MET CE  HE3  sing N N 235 
MET OXT HXT  sing N N 236 
PHE N   CA   sing N N 237 
PHE N   H    sing N N 238 
PHE N   H2   sing N N 239 
PHE CA  C    sing N N 240 
PHE CA  CB   sing N N 241 
PHE CA  HA   sing N N 242 
PHE C   O    doub N N 243 
PHE C   OXT  sing N N 244 
PHE CB  CG   sing N N 245 
PHE CB  HB2  sing N N 246 
PHE CB  HB3  sing N N 247 
PHE CG  CD1  doub Y N 248 
PHE CG  CD2  sing Y N 249 
PHE CD1 CE1  sing Y N 250 
PHE CD1 HD1  sing N N 251 
PHE CD2 CE2  doub Y N 252 
PHE CD2 HD2  sing N N 253 
PHE CE1 CZ   doub Y N 254 
PHE CE1 HE1  sing N N 255 
PHE CE2 CZ   sing Y N 256 
PHE CE2 HE2  sing N N 257 
PHE CZ  HZ   sing N N 258 
PHE OXT HXT  sing N N 259 
PRO N   CA   sing N N 260 
PRO N   CD   sing N N 261 
PRO N   H    sing N N 262 
PRO CA  C    sing N N 263 
PRO CA  CB   sing N N 264 
PRO CA  HA   sing N N 265 
PRO C   O    doub N N 266 
PRO C   OXT  sing N N 267 
PRO CB  CG   sing N N 268 
PRO CB  HB2  sing N N 269 
PRO CB  HB3  sing N N 270 
PRO CG  CD   sing N N 271 
PRO CG  HG2  sing N N 272 
PRO CG  HG3  sing N N 273 
PRO CD  HD2  sing N N 274 
PRO CD  HD3  sing N N 275 
PRO OXT HXT  sing N N 276 
SER N   CA   sing N N 277 
SER N   H    sing N N 278 
SER N   H2   sing N N 279 
SER CA  C    sing N N 280 
SER CA  CB   sing N N 281 
SER CA  HA   sing N N 282 
SER C   O    doub N N 283 
SER C   OXT  sing N N 284 
SER CB  OG   sing N N 285 
SER CB  HB2  sing N N 286 
SER CB  HB3  sing N N 287 
SER OG  HG   sing N N 288 
SER OXT HXT  sing N N 289 
THR N   CA   sing N N 290 
THR N   H    sing N N 291 
THR N   H2   sing N N 292 
THR CA  C    sing N N 293 
THR CA  CB   sing N N 294 
THR CA  HA   sing N N 295 
THR C   O    doub N N 296 
THR C   OXT  sing N N 297 
THR CB  OG1  sing N N 298 
THR CB  CG2  sing N N 299 
THR CB  HB   sing N N 300 
THR OG1 HG1  sing N N 301 
THR CG2 HG21 sing N N 302 
THR CG2 HG22 sing N N 303 
THR CG2 HG23 sing N N 304 
THR OXT HXT  sing N N 305 
TRP N   CA   sing N N 306 
TRP N   H    sing N N 307 
TRP N   H2   sing N N 308 
TRP CA  C    sing N N 309 
TRP CA  CB   sing N N 310 
TRP CA  HA   sing N N 311 
TRP C   O    doub N N 312 
TRP C   OXT  sing N N 313 
TRP CB  CG   sing N N 314 
TRP CB  HB2  sing N N 315 
TRP CB  HB3  sing N N 316 
TRP CG  CD1  doub Y N 317 
TRP CG  CD2  sing Y N 318 
TRP CD1 NE1  sing Y N 319 
TRP CD1 HD1  sing N N 320 
TRP CD2 CE2  doub Y N 321 
TRP CD2 CE3  sing Y N 322 
TRP NE1 CE2  sing Y N 323 
TRP NE1 HE1  sing N N 324 
TRP CE2 CZ2  sing Y N 325 
TRP CE3 CZ3  doub Y N 326 
TRP CE3 HE3  sing N N 327 
TRP CZ2 CH2  doub Y N 328 
TRP CZ2 HZ2  sing N N 329 
TRP CZ3 CH2  sing Y N 330 
TRP CZ3 HZ3  sing N N 331 
TRP CH2 HH2  sing N N 332 
TRP OXT HXT  sing N N 333 
TYR N   CA   sing N N 334 
TYR N   H    sing N N 335 
TYR N   H2   sing N N 336 
TYR CA  C    sing N N 337 
TYR CA  CB   sing N N 338 
TYR CA  HA   sing N N 339 
TYR C   O    doub N N 340 
TYR C   OXT  sing N N 341 
TYR CB  CG   sing N N 342 
TYR CB  HB2  sing N N 343 
TYR CB  HB3  sing N N 344 
TYR CG  CD1  doub Y N 345 
TYR CG  CD2  sing Y N 346 
TYR CD1 CE1  sing Y N 347 
TYR CD1 HD1  sing N N 348 
TYR CD2 CE2  doub Y N 349 
TYR CD2 HD2  sing N N 350 
TYR CE1 CZ   doub Y N 351 
TYR CE1 HE1  sing N N 352 
TYR CE2 CZ   sing Y N 353 
TYR CE2 HE2  sing N N 354 
TYR CZ  OH   sing N N 355 
TYR OH  HH   sing N N 356 
TYR OXT HXT  sing N N 357 
VAL N   CA   sing N N 358 
VAL N   H    sing N N 359 
VAL N   H2   sing N N 360 
VAL CA  C    sing N N 361 
VAL CA  CB   sing N N 362 
VAL CA  HA   sing N N 363 
VAL C   O    doub N N 364 
VAL C   OXT  sing N N 365 
VAL CB  CG1  sing N N 366 
VAL CB  CG2  sing N N 367 
VAL CB  HB   sing N N 368 
VAL CG1 HG11 sing N N 369 
VAL CG1 HG12 sing N N 370 
VAL CG1 HG13 sing N N 371 
VAL CG2 HG21 sing N N 372 
VAL CG2 HG22 sing N N 373 
VAL CG2 HG23 sing N N 374 
VAL OXT HXT  sing N N 375 
# 
_pdbx_entity_nonpoly.entity_id   2 
_pdbx_entity_nonpoly.name        water 
_pdbx_entity_nonpoly.comp_id     HOH 
# 
_pdbx_initial_refinement_model.id               1 
_pdbx_initial_refinement_model.entity_id_list   ? 
_pdbx_initial_refinement_model.type             'experimental model' 
_pdbx_initial_refinement_model.source_name      PDB 
_pdbx_initial_refinement_model.accession_code   2OQT 
_pdbx_initial_refinement_model.details          'PDB ENTRY 2OQT' 
# 
